data_5D45
# 
_entry.id   5D45 
# 
_audit_conform.dict_name       mmcif_pdbx.dic 
_audit_conform.dict_version    5.380 
_audit_conform.dict_location   http://mmcif.pdb.org/dictionaries/ascii/mmcif_pdbx.dic 
# 
loop_
_database_2.database_id 
_database_2.database_code 
_database_2.pdbx_database_accession 
_database_2.pdbx_DOI 
PDB   5D45         pdb_00005d45 10.2210/pdb5d45/pdb 
WWPDB D_1000212646 ?            ?                   
# 
loop_
_pdbx_database_related.content_type 
_pdbx_database_related.db_id 
_pdbx_database_related.db_name 
_pdbx_database_related.details 
unspecified 5D47 PDB . 
unspecified 5D48 PDB . 
unspecified 5D4A PDB . 
# 
_pdbx_database_status.status_code                     REL 
_pdbx_database_status.status_code_sf                  REL 
_pdbx_database_status.status_code_mr                  ? 
_pdbx_database_status.entry_id                        5D45 
_pdbx_database_status.recvd_initial_deposition_date   2015-08-07 
_pdbx_database_status.SG_entry                        N 
_pdbx_database_status.deposit_site                    RCSB 
_pdbx_database_status.process_site                    PDBJ 
_pdbx_database_status.status_code_cs                  ? 
_pdbx_database_status.methods_development_category    ? 
_pdbx_database_status.pdb_format_compatible           Y 
_pdbx_database_status.status_code_nmr_data            ? 
# 
loop_
_audit_author.name 
_audit_author.pdbx_ordinal 
'Tagami, U.'    1  
'Takahashi, K.' 2  
'Igarashi, S.'  3  
'Ejima, C.'     4  
'Yoshida, T.'   5  
'Takeshita, S.' 6  
'Miyanaga, W.'  7  
'Sugiki, M.'    8  
'Tokumasu, M.'  9  
'Hatanaka, T.'  10 
'Kashiwagi, T.' 11 
'Ishikawa, K.'  12 
'Miyano, H.'    13 
'Mizukoshi, T.' 14 
# 
_citation.abstract                  ? 
_citation.abstract_id_CAS           ? 
_citation.book_id_ISBN              ? 
_citation.book_publisher            ? 
_citation.book_publisher_city       ? 
_citation.book_title                ? 
_citation.coordinate_linkage        ? 
_citation.country                   US 
_citation.database_id_Medline       ? 
_citation.details                   ? 
_citation.id                        primary 
_citation.journal_abbrev            'Acs Med.Chem.Lett.' 
_citation.journal_id_ASTM           ? 
_citation.journal_id_CSD            ? 
_citation.journal_id_ISSN           1948-5875 
_citation.journal_full              ? 
_citation.journal_issue             ? 
_citation.journal_volume            7 
_citation.language                  ? 
_citation.page_first                435 
_citation.page_last                 439 
_citation.title                     
'Interaction Analysis of FABP4 Inhibitors by X-ray Crystallography and Fragment Molecular Orbital Analysis' 
_citation.year                      2016 
_citation.database_id_CSD           ? 
_citation.pdbx_database_id_DOI      10.1021/acsmedchemlett.6b00040 
_citation.pdbx_database_id_PubMed   27096055 
_citation.unpublished_flag          ? 
# 
loop_
_citation_author.citation_id 
_citation_author.name 
_citation_author.ordinal 
_citation_author.identifier_ORCID 
primary 'Tagami, U.'    1  ? 
primary 'Takahashi, K.' 2  ? 
primary 'Igarashi, S.'  3  ? 
primary 'Ejima, C.'     4  ? 
primary 'Yoshida, T.'   5  ? 
primary 'Takeshita, S.' 6  ? 
primary 'Miyanaga, W.'  7  ? 
primary 'Sugiki, M.'    8  ? 
primary 'Tokumasu, M.'  9  ? 
primary 'Hatanaka, T.'  10 ? 
primary 'Kashiwagi, T.' 11 ? 
primary 'Ishikawa, K.'  12 ? 
primary 'Miyano, H.'    13 ? 
primary 'Mizukoshi, T.' 14 ? 
# 
_cell.angle_alpha                  90.000 
_cell.angle_alpha_esd              ? 
_cell.angle_beta                   90.000 
_cell.angle_beta_esd               ? 
_cell.angle_gamma                  90.000 
_cell.angle_gamma_esd              ? 
_cell.entry_id                     5D45 
_cell.details                      ? 
_cell.formula_units_Z              ? 
_cell.length_a                     32.390 
_cell.length_a_esd                 ? 
_cell.length_b                     54.160 
_cell.length_b_esd                 ? 
_cell.length_c                     74.600 
_cell.length_c_esd                 ? 
_cell.volume                       ? 
_cell.volume_esd                   ? 
_cell.Z_PDB                        4 
_cell.reciprocal_angle_alpha       ? 
_cell.reciprocal_angle_beta        ? 
_cell.reciprocal_angle_gamma       ? 
_cell.reciprocal_angle_alpha_esd   ? 
_cell.reciprocal_angle_beta_esd    ? 
_cell.reciprocal_angle_gamma_esd   ? 
_cell.reciprocal_length_a          ? 
_cell.reciprocal_length_b          ? 
_cell.reciprocal_length_c          ? 
_cell.reciprocal_length_a_esd      ? 
_cell.reciprocal_length_b_esd      ? 
_cell.reciprocal_length_c_esd      ? 
_cell.pdbx_unique_axis             ? 
# 
_symmetry.entry_id                         5D45 
_symmetry.cell_setting                     ? 
_symmetry.Int_Tables_number                19 
_symmetry.space_group_name_Hall            ? 
_symmetry.space_group_name_H-M             'P 21 21 21' 
_symmetry.pdbx_full_space_group_name_H-M   ? 
# 
loop_
_entity.id 
_entity.type 
_entity.src_method 
_entity.pdbx_description 
_entity.formula_weight 
_entity.pdbx_number_of_molecules 
_entity.pdbx_ec 
_entity.pdbx_mutation 
_entity.pdbx_fragment 
_entity.details 
1 polymer     man 'Fatty acid-binding protein, adipocyte'                      16911.268 1   ? ? ? ? 
2 non-polymer syn '3-(5-cyclopropyl-2,3-diphenyl-1H-indol-1-yl)propanoic acid' 381.466   1   ? ? ? ? 
3 water       nat water                                                        18.015    120 ? ? ? ? 
# 
_entity_name_com.entity_id   1 
_entity_name_com.name        
'Adipocyte lipid-binding protein,ALBP,Adipocyte-type fatty acid-binding protein,AFABP,Fatty acid-binding protein 4' 
# 
_entity_poly.entity_id                      1 
_entity_poly.type                           'polypeptide(L)' 
_entity_poly.nstd_linkage                   no 
_entity_poly.nstd_monomer                   no 
_entity_poly.pdbx_seq_one_letter_code       
;MGSSHHHHHHSSGLVPRGSHMCDAFVGTWKLVSSENFDDYMKEVGVGFATRKVAGMAKPNMIISVNGDVITIKSESTFKN
TEISFILGQEFDEVTADDRKVKSTITLDGGVLVHVQKWDGKSTTIKRKREDDKLVVECVMKGVTSTRVYERA
;
_entity_poly.pdbx_seq_one_letter_code_can   
;MGSSHHHHHHSSGLVPRGSHMCDAFVGTWKLVSSENFDDYMKEVGVGFATRKVAGMAKPNMIISVNGDVITIKSESTFKN
TEISFILGQEFDEVTADDRKVKSTITLDGGVLVHVQKWDGKSTTIKRKREDDKLVVECVMKGVTSTRVYERA
;
_entity_poly.pdbx_strand_id                 A 
_entity_poly.pdbx_target_identifier         ? 
# 
loop_
_entity_poly_seq.entity_id 
_entity_poly_seq.num 
_entity_poly_seq.mon_id 
_entity_poly_seq.hetero 
1 1   MET n 
1 2   GLY n 
1 3   SER n 
1 4   SER n 
1 5   HIS n 
1 6   HIS n 
1 7   HIS n 
1 8   HIS n 
1 9   HIS n 
1 10  HIS n 
1 11  SER n 
1 12  SER n 
1 13  GLY n 
1 14  LEU n 
1 15  VAL n 
1 16  PRO n 
1 17  ARG n 
1 18  GLY n 
1 19  SER n 
1 20  HIS n 
1 21  MET n 
1 22  CYS n 
1 23  ASP n 
1 24  ALA n 
1 25  PHE n 
1 26  VAL n 
1 27  GLY n 
1 28  THR n 
1 29  TRP n 
1 30  LYS n 
1 31  LEU n 
1 32  VAL n 
1 33  SER n 
1 34  SER n 
1 35  GLU n 
1 36  ASN n 
1 37  PHE n 
1 38  ASP n 
1 39  ASP n 
1 40  TYR n 
1 41  MET n 
1 42  LYS n 
1 43  GLU n 
1 44  VAL n 
1 45  GLY n 
1 46  VAL n 
1 47  GLY n 
1 48  PHE n 
1 49  ALA n 
1 50  THR n 
1 51  ARG n 
1 52  LYS n 
1 53  VAL n 
1 54  ALA n 
1 55  GLY n 
1 56  MET n 
1 57  ALA n 
1 58  LYS n 
1 59  PRO n 
1 60  ASN n 
1 61  MET n 
1 62  ILE n 
1 63  ILE n 
1 64  SER n 
1 65  VAL n 
1 66  ASN n 
1 67  GLY n 
1 68  ASP n 
1 69  VAL n 
1 70  ILE n 
1 71  THR n 
1 72  ILE n 
1 73  LYS n 
1 74  SER n 
1 75  GLU n 
1 76  SER n 
1 77  THR n 
1 78  PHE n 
1 79  LYS n 
1 80  ASN n 
1 81  THR n 
1 82  GLU n 
1 83  ILE n 
1 84  SER n 
1 85  PHE n 
1 86  ILE n 
1 87  LEU n 
1 88  GLY n 
1 89  GLN n 
1 90  GLU n 
1 91  PHE n 
1 92  ASP n 
1 93  GLU n 
1 94  VAL n 
1 95  THR n 
1 96  ALA n 
1 97  ASP n 
1 98  ASP n 
1 99  ARG n 
1 100 LYS n 
1 101 VAL n 
1 102 LYS n 
1 103 SER n 
1 104 THR n 
1 105 ILE n 
1 106 THR n 
1 107 LEU n 
1 108 ASP n 
1 109 GLY n 
1 110 GLY n 
1 111 VAL n 
1 112 LEU n 
1 113 VAL n 
1 114 HIS n 
1 115 VAL n 
1 116 GLN n 
1 117 LYS n 
1 118 TRP n 
1 119 ASP n 
1 120 GLY n 
1 121 LYS n 
1 122 SER n 
1 123 THR n 
1 124 THR n 
1 125 ILE n 
1 126 LYS n 
1 127 ARG n 
1 128 LYS n 
1 129 ARG n 
1 130 GLU n 
1 131 ASP n 
1 132 ASP n 
1 133 LYS n 
1 134 LEU n 
1 135 VAL n 
1 136 VAL n 
1 137 GLU n 
1 138 CYS n 
1 139 VAL n 
1 140 MET n 
1 141 LYS n 
1 142 GLY n 
1 143 VAL n 
1 144 THR n 
1 145 SER n 
1 146 THR n 
1 147 ARG n 
1 148 VAL n 
1 149 TYR n 
1 150 GLU n 
1 151 ARG n 
1 152 ALA n 
# 
_entity_src_gen.entity_id                          1 
_entity_src_gen.pdbx_src_id                        1 
_entity_src_gen.pdbx_alt_source_flag               sample 
_entity_src_gen.pdbx_seq_type                      'Biological sequence' 
_entity_src_gen.pdbx_beg_seq_num                   1 
_entity_src_gen.pdbx_end_seq_num                   152 
_entity_src_gen.gene_src_common_name               Human 
_entity_src_gen.gene_src_genus                     ? 
_entity_src_gen.pdbx_gene_src_gene                 FABP4 
_entity_src_gen.gene_src_species                   ? 
_entity_src_gen.gene_src_strain                    ? 
_entity_src_gen.gene_src_tissue                    ? 
_entity_src_gen.gene_src_tissue_fraction           ? 
_entity_src_gen.gene_src_details                   ? 
_entity_src_gen.pdbx_gene_src_fragment             ? 
_entity_src_gen.pdbx_gene_src_scientific_name      'Homo sapiens' 
_entity_src_gen.pdbx_gene_src_ncbi_taxonomy_id     9606 
_entity_src_gen.pdbx_gene_src_variant              ? 
_entity_src_gen.pdbx_gene_src_cell_line            ? 
_entity_src_gen.pdbx_gene_src_atcc                 ? 
_entity_src_gen.pdbx_gene_src_organ                ? 
_entity_src_gen.pdbx_gene_src_organelle            ? 
_entity_src_gen.pdbx_gene_src_cell                 ? 
_entity_src_gen.pdbx_gene_src_cellular_location    ? 
_entity_src_gen.host_org_common_name               ? 
_entity_src_gen.pdbx_host_org_scientific_name      'Escherichia coli' 
_entity_src_gen.pdbx_host_org_ncbi_taxonomy_id     562 
_entity_src_gen.host_org_genus                     ? 
_entity_src_gen.pdbx_host_org_gene                 ? 
_entity_src_gen.pdbx_host_org_organ                ? 
_entity_src_gen.host_org_species                   ? 
_entity_src_gen.pdbx_host_org_tissue               ? 
_entity_src_gen.pdbx_host_org_tissue_fraction      ? 
_entity_src_gen.pdbx_host_org_strain               ? 
_entity_src_gen.pdbx_host_org_variant              ? 
_entity_src_gen.pdbx_host_org_cell_line            ? 
_entity_src_gen.pdbx_host_org_atcc                 ? 
_entity_src_gen.pdbx_host_org_culture_collection   ? 
_entity_src_gen.pdbx_host_org_cell                 ? 
_entity_src_gen.pdbx_host_org_organelle            ? 
_entity_src_gen.pdbx_host_org_cellular_location    ? 
_entity_src_gen.pdbx_host_org_vector_type          ? 
_entity_src_gen.pdbx_host_org_vector               ? 
_entity_src_gen.host_org_details                   ? 
_entity_src_gen.expression_system_id               ? 
_entity_src_gen.plasmid_name                       ? 
_entity_src_gen.plasmid_details                    ? 
_entity_src_gen.pdbx_description                   ? 
# 
_struct_ref.id                         1 
_struct_ref.db_name                    UNP 
_struct_ref.db_code                    FABP4_HUMAN 
_struct_ref.pdbx_db_accession          P15090 
_struct_ref.pdbx_db_isoform            ? 
_struct_ref.entity_id                  1 
_struct_ref.pdbx_seq_one_letter_code   
;MCDAFVGTWKLVSSENFDDYMKEVGVGFATRKVAGMAKPNMIISVNGDVITIKSESTFKNTEISFILGQEFDEVTADDRK
VKSTITLDGGVLVHVQKWDGKSTTIKRKREDDKLVVECVMKGVTSTRVYERA
;
_struct_ref.pdbx_align_begin           1 
# 
_struct_ref_seq.align_id                      1 
_struct_ref_seq.ref_id                        1 
_struct_ref_seq.pdbx_PDB_id_code              5D45 
_struct_ref_seq.pdbx_strand_id                A 
_struct_ref_seq.seq_align_beg                 21 
_struct_ref_seq.pdbx_seq_align_beg_ins_code   ? 
_struct_ref_seq.seq_align_end                 152 
_struct_ref_seq.pdbx_seq_align_end_ins_code   ? 
_struct_ref_seq.pdbx_db_accession             P15090 
_struct_ref_seq.db_align_beg                  1 
_struct_ref_seq.pdbx_db_align_beg_ins_code    ? 
_struct_ref_seq.db_align_end                  132 
_struct_ref_seq.pdbx_db_align_end_ins_code    ? 
_struct_ref_seq.pdbx_auth_seq_align_beg       0 
_struct_ref_seq.pdbx_auth_seq_align_end       131 
# 
loop_
_struct_ref_seq_dif.align_id 
_struct_ref_seq_dif.pdbx_pdb_id_code 
_struct_ref_seq_dif.mon_id 
_struct_ref_seq_dif.pdbx_pdb_strand_id 
_struct_ref_seq_dif.seq_num 
_struct_ref_seq_dif.pdbx_pdb_ins_code 
_struct_ref_seq_dif.pdbx_seq_db_name 
_struct_ref_seq_dif.pdbx_seq_db_accession_code 
_struct_ref_seq_dif.db_mon_id 
_struct_ref_seq_dif.pdbx_seq_db_seq_num 
_struct_ref_seq_dif.details 
_struct_ref_seq_dif.pdbx_auth_seq_num 
_struct_ref_seq_dif.pdbx_ordinal 
1 5D45 MET A 1  ? UNP P15090 ? ? 'expression tag' -20 1  
1 5D45 GLY A 2  ? UNP P15090 ? ? 'expression tag' -19 2  
1 5D45 SER A 3  ? UNP P15090 ? ? 'expression tag' -18 3  
1 5D45 SER A 4  ? UNP P15090 ? ? 'expression tag' -17 4  
1 5D45 HIS A 5  ? UNP P15090 ? ? 'expression tag' -16 5  
1 5D45 HIS A 6  ? UNP P15090 ? ? 'expression tag' -15 6  
1 5D45 HIS A 7  ? UNP P15090 ? ? 'expression tag' -14 7  
1 5D45 HIS A 8  ? UNP P15090 ? ? 'expression tag' -13 8  
1 5D45 HIS A 9  ? UNP P15090 ? ? 'expression tag' -12 9  
1 5D45 HIS A 10 ? UNP P15090 ? ? 'expression tag' -11 10 
1 5D45 SER A 11 ? UNP P15090 ? ? 'expression tag' -10 11 
1 5D45 SER A 12 ? UNP P15090 ? ? 'expression tag' -9  12 
1 5D45 GLY A 13 ? UNP P15090 ? ? 'expression tag' -8  13 
1 5D45 LEU A 14 ? UNP P15090 ? ? 'expression tag' -7  14 
1 5D45 VAL A 15 ? UNP P15090 ? ? 'expression tag' -6  15 
1 5D45 PRO A 16 ? UNP P15090 ? ? 'expression tag' -5  16 
1 5D45 ARG A 17 ? UNP P15090 ? ? 'expression tag' -4  17 
1 5D45 GLY A 18 ? UNP P15090 ? ? 'expression tag' -3  18 
1 5D45 SER A 19 ? UNP P15090 ? ? 'expression tag' -2  19 
1 5D45 HIS A 20 ? UNP P15090 ? ? 'expression tag' -1  20 
# 
loop_
_chem_comp.id 
_chem_comp.type 
_chem_comp.mon_nstd_flag 
_chem_comp.name 
_chem_comp.pdbx_synonyms 
_chem_comp.formula 
_chem_comp.formula_weight 
57P non-polymer         . '3-(5-cyclopropyl-2,3-diphenyl-1H-indol-1-yl)propanoic acid' ? 'C26 H23 N O2'   381.466 
ALA 'L-peptide linking' y ALANINE                                                      ? 'C3 H7 N O2'     89.093  
ARG 'L-peptide linking' y ARGININE                                                     ? 'C6 H15 N4 O2 1' 175.209 
ASN 'L-peptide linking' y ASPARAGINE                                                   ? 'C4 H8 N2 O3'    132.118 
ASP 'L-peptide linking' y 'ASPARTIC ACID'                                              ? 'C4 H7 N O4'     133.103 
CYS 'L-peptide linking' y CYSTEINE                                                     ? 'C3 H7 N O2 S'   121.158 
GLN 'L-peptide linking' y GLUTAMINE                                                    ? 'C5 H10 N2 O3'   146.144 
GLU 'L-peptide linking' y 'GLUTAMIC ACID'                                              ? 'C5 H9 N O4'     147.129 
GLY 'peptide linking'   y GLYCINE                                                      ? 'C2 H5 N O2'     75.067  
HIS 'L-peptide linking' y HISTIDINE                                                    ? 'C6 H10 N3 O2 1' 156.162 
HOH non-polymer         . WATER                                                        ? 'H2 O'           18.015  
ILE 'L-peptide linking' y ISOLEUCINE                                                   ? 'C6 H13 N O2'    131.173 
LEU 'L-peptide linking' y LEUCINE                                                      ? 'C6 H13 N O2'    131.173 
LYS 'L-peptide linking' y LYSINE                                                       ? 'C6 H15 N2 O2 1' 147.195 
MET 'L-peptide linking' y METHIONINE                                                   ? 'C5 H11 N O2 S'  149.211 
PHE 'L-peptide linking' y PHENYLALANINE                                                ? 'C9 H11 N O2'    165.189 
PRO 'L-peptide linking' y PROLINE                                                      ? 'C5 H9 N O2'     115.130 
SER 'L-peptide linking' y SERINE                                                       ? 'C3 H7 N O3'     105.093 
THR 'L-peptide linking' y THREONINE                                                    ? 'C4 H9 N O3'     119.119 
TRP 'L-peptide linking' y TRYPTOPHAN                                                   ? 'C11 H12 N2 O2'  204.225 
TYR 'L-peptide linking' y TYROSINE                                                     ? 'C9 H11 N O3'    181.189 
VAL 'L-peptide linking' y VALINE                                                       ? 'C5 H11 N O2'    117.146 
# 
_exptl.absorpt_coefficient_mu     ? 
_exptl.absorpt_correction_T_max   ? 
_exptl.absorpt_correction_T_min   ? 
_exptl.absorpt_correction_type    ? 
_exptl.absorpt_process_details    ? 
_exptl.entry_id                   5D45 
_exptl.crystals_number            1 
_exptl.details                    ? 
_exptl.method                     'X-RAY DIFFRACTION' 
_exptl.method_details             ? 
# 
_exptl_crystal.colour                      ? 
_exptl_crystal.density_diffrn              ? 
_exptl_crystal.density_Matthews            1.93 
_exptl_crystal.density_method              ? 
_exptl_crystal.density_percent_sol         36.42 
_exptl_crystal.description                 ? 
_exptl_crystal.F_000                       ? 
_exptl_crystal.id                          1 
_exptl_crystal.preparation                 ? 
_exptl_crystal.size_max                    ? 
_exptl_crystal.size_mid                    ? 
_exptl_crystal.size_min                    ? 
_exptl_crystal.size_rad                    ? 
_exptl_crystal.colour_lustre               ? 
_exptl_crystal.colour_modifier             ? 
_exptl_crystal.colour_primary              ? 
_exptl_crystal.density_meas                ? 
_exptl_crystal.density_meas_esd            ? 
_exptl_crystal.density_meas_gt             ? 
_exptl_crystal.density_meas_lt             ? 
_exptl_crystal.density_meas_temp           ? 
_exptl_crystal.density_meas_temp_esd       ? 
_exptl_crystal.density_meas_temp_gt        ? 
_exptl_crystal.density_meas_temp_lt        ? 
_exptl_crystal.pdbx_crystal_image_url      ? 
_exptl_crystal.pdbx_crystal_image_format   ? 
_exptl_crystal.pdbx_mosaicity              ? 
_exptl_crystal.pdbx_mosaicity_esd          ? 
# 
_exptl_crystal_grow.apparatus       ? 
_exptl_crystal_grow.atmosphere      ? 
_exptl_crystal_grow.crystal_id      1 
_exptl_crystal_grow.details         ? 
_exptl_crystal_grow.method          'VAPOR DIFFUSION, SITTING DROP' 
_exptl_crystal_grow.method_ref      ? 
_exptl_crystal_grow.pH              ? 
_exptl_crystal_grow.pressure        ? 
_exptl_crystal_grow.pressure_esd    ? 
_exptl_crystal_grow.seeding         ? 
_exptl_crystal_grow.seeding_ref     ? 
_exptl_crystal_grow.temp            296 
_exptl_crystal_grow.temp_details    ? 
_exptl_crystal_grow.temp_esd        ? 
_exptl_crystal_grow.time            ? 
_exptl_crystal_grow.pdbx_details    '2.4 M NaH2PO4/K2HPO4' 
_exptl_crystal_grow.pdbx_pH_range   ? 
# 
_diffrn.ambient_environment    ? 
_diffrn.ambient_temp           100 
_diffrn.ambient_temp_details   ? 
_diffrn.ambient_temp_esd       ? 
_diffrn.crystal_id             1 
_diffrn.crystal_support        ? 
_diffrn.crystal_treatment      ? 
_diffrn.details                ? 
_diffrn.id                     1 
_diffrn.ambient_pressure       ? 
_diffrn.ambient_pressure_esd   ? 
_diffrn.ambient_pressure_gt    ? 
_diffrn.ambient_pressure_lt    ? 
_diffrn.ambient_temp_gt        ? 
_diffrn.ambient_temp_lt        ? 
# 
_diffrn_detector.details                      ? 
_diffrn_detector.detector                     CCD 
_diffrn_detector.diffrn_id                    1 
_diffrn_detector.type                         'ADSC QUANTUM 210' 
_diffrn_detector.area_resol_mean              ? 
_diffrn_detector.dtime                        ? 
_diffrn_detector.pdbx_frames_total            ? 
_diffrn_detector.pdbx_collection_time_total   ? 
_diffrn_detector.pdbx_collection_date         2011-07-06 
# 
_diffrn_radiation.collimation                      ? 
_diffrn_radiation.diffrn_id                        1 
_diffrn_radiation.filter_edge                      ? 
_diffrn_radiation.inhomogeneity                    ? 
_diffrn_radiation.monochromator                    ? 
_diffrn_radiation.polarisn_norm                    ? 
_diffrn_radiation.polarisn_ratio                   ? 
_diffrn_radiation.probe                            ? 
_diffrn_radiation.type                             ? 
_diffrn_radiation.xray_symbol                      ? 
_diffrn_radiation.wavelength_id                    1 
_diffrn_radiation.pdbx_monochromatic_or_laue_m_l   M 
_diffrn_radiation.pdbx_wavelength_list             ? 
_diffrn_radiation.pdbx_wavelength                  ? 
_diffrn_radiation.pdbx_diffrn_protocol             'SINGLE WAVELENGTH' 
_diffrn_radiation.pdbx_analyzer                    ? 
_diffrn_radiation.pdbx_scattering_type             x-ray 
# 
_diffrn_radiation_wavelength.id           1 
_diffrn_radiation_wavelength.wavelength   1 
_diffrn_radiation_wavelength.wt           1.0 
# 
_diffrn_source.current                     ? 
_diffrn_source.details                     ? 
_diffrn_source.diffrn_id                   1 
_diffrn_source.power                       ? 
_diffrn_source.size                        ? 
_diffrn_source.source                      SYNCHROTRON 
_diffrn_source.target                      ? 
_diffrn_source.type                        'PHOTON FACTORY BEAMLINE AR-NW12A' 
_diffrn_source.voltage                     ? 
_diffrn_source.take-off_angle              ? 
_diffrn_source.pdbx_wavelength_list        1 
_diffrn_source.pdbx_wavelength             ? 
_diffrn_source.pdbx_synchrotron_beamline   AR-NW12A 
_diffrn_source.pdbx_synchrotron_site       'Photon Factory' 
# 
_reflns.B_iso_Wilson_estimate            23.032 
_reflns.entry_id                         5D45 
_reflns.data_reduction_details           ? 
_reflns.data_reduction_method            ? 
_reflns.d_resolution_high                1.650 
_reflns.d_resolution_low                 50 
_reflns.details                          ? 
_reflns.limit_h_max                      ? 
_reflns.limit_h_min                      ? 
_reflns.limit_k_max                      ? 
_reflns.limit_k_min                      ? 
_reflns.limit_l_max                      ? 
_reflns.limit_l_min                      ? 
_reflns.number_all                       ? 
_reflns.number_obs                       16156 
_reflns.observed_criterion               ? 
_reflns.observed_criterion_F_max         ? 
_reflns.observed_criterion_F_min         ? 
_reflns.observed_criterion_I_max         ? 
_reflns.observed_criterion_I_min         ? 
_reflns.observed_criterion_sigma_F       ? 
_reflns.observed_criterion_sigma_I       -3.000 
_reflns.percent_possible_obs             99.500 
_reflns.R_free_details                   ? 
_reflns.Rmerge_F_all                     ? 
_reflns.Rmerge_F_obs                     0.054 
_reflns.Friedel_coverage                 ? 
_reflns.number_gt                        ? 
_reflns.threshold_expression             ? 
_reflns.pdbx_redundancy                  18.78 
_reflns.pdbx_Rmerge_I_obs                0.045 
_reflns.pdbx_Rmerge_I_all                ? 
_reflns.pdbx_Rsym_value                  ? 
_reflns.pdbx_netI_over_av_sigmaI         ? 
_reflns.pdbx_netI_over_sigmaI            28.340 
_reflns.pdbx_res_netI_over_av_sigmaI_2   ? 
_reflns.pdbx_res_netI_over_sigmaI_2      ? 
_reflns.pdbx_chi_squared                 ? 
_reflns.pdbx_scaling_rejects             ? 
_reflns.pdbx_d_res_high_opt              ? 
_reflns.pdbx_d_res_low_opt               ? 
_reflns.pdbx_d_res_opt_method            ? 
_reflns.phase_calculation_details        ? 
_reflns.pdbx_Rrim_I_all                  0.048 
_reflns.pdbx_Rpim_I_all                  ? 
_reflns.pdbx_d_opt                       ? 
_reflns.pdbx_number_measured_all         111887 
_reflns.pdbx_diffrn_id                   1 
_reflns.pdbx_ordinal                     1 
_reflns.pdbx_CC_half                     ? 
_reflns.pdbx_R_split                     ? 
# 
loop_
_reflns_shell.d_res_high 
_reflns_shell.d_res_low 
_reflns_shell.meanI_over_sigI_all 
_reflns_shell.meanI_over_sigI_obs 
_reflns_shell.number_measured_all 
_reflns_shell.number_measured_obs 
_reflns_shell.number_possible 
_reflns_shell.number_unique_all 
_reflns_shell.number_unique_obs 
_reflns_shell.percent_possible_all 
_reflns_shell.percent_possible_obs 
_reflns_shell.Rmerge_F_all 
_reflns_shell.Rmerge_F_obs 
_reflns_shell.Rmerge_I_all 
_reflns_shell.Rmerge_I_obs 
_reflns_shell.meanI_over_sigI_gt 
_reflns_shell.meanI_over_uI_all 
_reflns_shell.meanI_over_uI_gt 
_reflns_shell.number_measured_gt 
_reflns_shell.number_unique_gt 
_reflns_shell.percent_possible_gt 
_reflns_shell.Rmerge_F_gt 
_reflns_shell.Rmerge_I_gt 
_reflns_shell.pdbx_redundancy 
_reflns_shell.pdbx_Rsym_value 
_reflns_shell.pdbx_chi_squared 
_reflns_shell.pdbx_netI_over_sigmaI_all 
_reflns_shell.pdbx_netI_over_sigmaI_obs 
_reflns_shell.pdbx_Rrim_I_all 
_reflns_shell.pdbx_Rpim_I_all 
_reflns_shell.pdbx_rejects 
_reflns_shell.pdbx_ordinal 
_reflns_shell.pdbx_diffrn_id 
_reflns_shell.pdbx_CC_half 
_reflns_shell.pdbx_R_split 
1.650  1.800  ? 7.240  ? 25935 3654 ? 3654 100.000 ? ? 0.196 ? 0.266 ? ? ? ? ? ? ? ? ? ? ? ? ? 0.287 ? 0 1  1 ? ? 
1.800  1.900  ? 12.020 ? 13029 1848 ? 1848 100.000 ? ? 0.138 ? 0.166 ? ? ? ? ? ? ? ? ? ? ? ? ? 0.180 ? 0 2  1 ? ? 
1.900  2.200  ? 20.650 ? 24810 3719 ? 3660 98.400  ? ? 0.080 ? 0.092 ? ? ? ? ? ? ? ? ? ? ? ? ? 0.100 ? 0 3  1 ? ? 
2.200  2.300  ? 28.980 ? 6105  867  ? 867  100.000 ? ? 0.045 ? 0.055 ? ? ? ? ? ? ? ? ? ? ? ? ? 0.060 ? 0 4  1 ? ? 
2.300  2.400  ? 34.850 ? 4948  703  ? 703  100.000 ? ? 0.032 ? 0.047 ? ? ? ? ? ? ? ? ? ? ? ? ? 0.051 ? 0 5  1 ? ? 
2.400  2.700  ? 37.280 ? 11150 1586 ? 1586 100.000 ? ? 0.032 ? 0.043 ? ? ? ? ? ? ? ? ? ? ? ? ? 0.047 ? 0 6  1 ? ? 
2.700  3.000  ? 46.530 ? 7036  1006 ? 1006 100.000 ? ? 0.021 ? 0.034 ? ? ? ? ? ? ? ? ? ? ? ? ? 0.036 ? 0 7  1 ? ? 
3.000  3.500  ? 57.050 ? 7044  1015 ? 1015 100.000 ? ? 0.016 ? 0.028 ? ? ? ? ? ? ? ? ? ? ? ? ? 0.030 ? 0 8  1 ? ? 
3.500  5.000  ? 66.580 ? 7819  1166 ? 1162 99.700  ? ? 0.012 ? 0.021 ? ? ? ? ? ? ? ? ? ? ? ? ? 0.023 ? 0 9  1 ? ? 
5.000  7.000  ? 66.520 ? 2646  410  ? 409  99.800  ? ? 0.011 ? 0.021 ? ? ? ? ? ? ? ? ? ? ? ? ? 0.023 ? 0 10 1 ? ? 
7.000  10.000 ? 65.560 ? 954   162  ? 161  99.400  ? ? 0.012 ? 0.022 ? ? ? ? ? ? ? ? ? ? ? ? ? 0.024 ? 0 11 1 ? ? 
10.000 ?      ? 59.740 ? 411   95   ? 85   89.500  ? ? 0.018 ? 0.026 ? ? ? ? ? ? ? ? ? ? ? ? ? 0.029 ? 0 12 1 ? ? 
# 
_refine.aniso_B[1][1]                            1.5000 
_refine.aniso_B[1][2]                            0.0000 
_refine.aniso_B[1][3]                            0.0000 
_refine.aniso_B[2][2]                            -0.5300 
_refine.aniso_B[2][3]                            0.0000 
_refine.aniso_B[3][3]                            -0.9700 
_refine.B_iso_max                                65.640 
_refine.B_iso_mean                               18.2940 
_refine.B_iso_min                                8.530 
_refine.correlation_coeff_Fo_to_Fc               0.9520 
_refine.correlation_coeff_Fo_to_Fc_free          0.9410 
_refine.details                                  
'HYDROGENS HAVE BEEN USED IF PRESENT IN THE INPUT U VALUES      : REFINED INDIVIDUALLY' 
_refine.diff_density_max                         ? 
_refine.diff_density_max_esd                     ? 
_refine.diff_density_min                         ? 
_refine.diff_density_min_esd                     ? 
_refine.diff_density_rms                         ? 
_refine.diff_density_rms_esd                     ? 
_refine.entry_id                                 5D45 
_refine.pdbx_refine_id                           'X-RAY DIFFRACTION' 
_refine.ls_abs_structure_details                 ? 
_refine.ls_abs_structure_Flack                   ? 
_refine.ls_abs_structure_Flack_esd               ? 
_refine.ls_abs_structure_Rogers                  ? 
_refine.ls_abs_structure_Rogers_esd              ? 
_refine.ls_d_res_high                            1.6500 
_refine.ls_d_res_low                             43.8300 
_refine.ls_extinction_coef                       ? 
_refine.ls_extinction_coef_esd                   ? 
_refine.ls_extinction_expression                 ? 
_refine.ls_extinction_method                     ? 
_refine.ls_goodness_of_fit_all                   ? 
_refine.ls_goodness_of_fit_all_esd               ? 
_refine.ls_goodness_of_fit_obs                   ? 
_refine.ls_goodness_of_fit_obs_esd               ? 
_refine.ls_hydrogen_treatment                    ? 
_refine.ls_matrix_type                           ? 
_refine.ls_number_constraints                    ? 
_refine.ls_number_parameters                     ? 
_refine.ls_number_reflns_all                     ? 
_refine.ls_number_reflns_obs                     15237 
_refine.ls_number_reflns_R_free                  809 
_refine.ls_number_reflns_R_work                  ? 
_refine.ls_number_restraints                     ? 
_refine.ls_percent_reflns_obs                    97.6900 
_refine.ls_percent_reflns_R_free                 5.0000 
_refine.ls_R_factor_all                          ? 
_refine.ls_R_factor_obs                          0.1892 
_refine.ls_R_factor_R_free                       0.2166 
_refine.ls_R_factor_R_free_error                 ? 
_refine.ls_R_factor_R_free_error_details         ? 
_refine.ls_R_factor_R_work                       0.1877 
_refine.ls_R_Fsqd_factor_obs                     ? 
_refine.ls_R_I_factor_obs                        ? 
_refine.ls_redundancy_reflns_all                 ? 
_refine.ls_redundancy_reflns_obs                 ? 
_refine.ls_restrained_S_all                      ? 
_refine.ls_restrained_S_obs                      ? 
_refine.ls_shift_over_esd_max                    ? 
_refine.ls_shift_over_esd_mean                   ? 
_refine.ls_structure_factor_coef                 ? 
_refine.ls_weighting_details                     ? 
_refine.ls_weighting_scheme                      ? 
_refine.ls_wR_factor_all                         ? 
_refine.ls_wR_factor_obs                         ? 
_refine.ls_wR_factor_R_free                      0.2066 
_refine.ls_wR_factor_R_work                      0.1825 
_refine.occupancy_max                            ? 
_refine.occupancy_min                            ? 
_refine.solvent_model_details                    MASK 
_refine.solvent_model_param_bsol                 ? 
_refine.solvent_model_param_ksol                 ? 
_refine.ls_R_factor_gt                           ? 
_refine.ls_goodness_of_fit_gt                    ? 
_refine.ls_goodness_of_fit_ref                   ? 
_refine.ls_shift_over_su_max                     ? 
_refine.ls_shift_over_su_max_lt                  ? 
_refine.ls_shift_over_su_mean                    ? 
_refine.ls_shift_over_su_mean_lt                 ? 
_refine.pdbx_ls_sigma_I                          ? 
_refine.pdbx_ls_sigma_F                          0.000 
_refine.pdbx_ls_sigma_Fsqd                       ? 
_refine.pdbx_data_cutoff_high_absF               ? 
_refine.pdbx_data_cutoff_high_rms_absF           ? 
_refine.pdbx_data_cutoff_low_absF                ? 
_refine.pdbx_isotropic_thermal_model             ? 
_refine.pdbx_ls_cross_valid_method               THROUGHOUT 
_refine.pdbx_method_to_determine_struct          'MOLECULAR REPLACEMENT' 
_refine.pdbx_starting_model                      2HNX 
_refine.pdbx_stereochemistry_target_values       'MAXIMUM LIKELIHOOD' 
_refine.pdbx_R_Free_selection_details            RANDOM 
_refine.pdbx_stereochem_target_val_spec_case     ? 
_refine.pdbx_overall_ESU_R                       0.1080 
_refine.pdbx_overall_ESU_R_Free                  0.1030 
_refine.pdbx_solvent_vdw_probe_radii             1.2000 
_refine.pdbx_solvent_ion_probe_radii             0.8000 
_refine.pdbx_solvent_shrinkage_radii             0.8000 
_refine.pdbx_real_space_R                        ? 
_refine.pdbx_density_correlation                 ? 
_refine.pdbx_pd_number_of_powder_patterns        ? 
_refine.pdbx_pd_number_of_points                 ? 
_refine.pdbx_pd_meas_number_of_points            ? 
_refine.pdbx_pd_proc_ls_prof_R_factor            ? 
_refine.pdbx_pd_proc_ls_prof_wR_factor           ? 
_refine.pdbx_pd_Marquardt_correlation_coeff      ? 
_refine.pdbx_pd_Fsqrd_R_factor                   ? 
_refine.pdbx_pd_ls_matrix_band_width             ? 
_refine.pdbx_overall_phase_error                 ? 
_refine.pdbx_overall_SU_R_free_Cruickshank_DPI   ? 
_refine.pdbx_overall_SU_R_free_Blow_DPI          ? 
_refine.pdbx_overall_SU_R_Blow_DPI               ? 
_refine.pdbx_TLS_residual_ADP_flag               ? 
_refine.pdbx_diffrn_id                           1 
_refine.overall_SU_B                             1.9310 
_refine.overall_SU_ML                            0.0670 
_refine.overall_SU_R_Cruickshank_DPI             0.1076 
_refine.overall_SU_R_free                        0.1028 
_refine.overall_FOM_free_R_set                   ? 
_refine.overall_FOM_work_R_set                   0.8607 
_refine.pdbx_average_fsc_overall                 ? 
_refine.pdbx_average_fsc_work                    ? 
_refine.pdbx_average_fsc_free                    ? 
# 
_refine_hist.cycle_id                         final 
_refine_hist.pdbx_refine_id                   'X-RAY DIFFRACTION' 
_refine_hist.d_res_high                       1.6500 
_refine_hist.d_res_low                        43.8300 
_refine_hist.pdbx_number_atoms_ligand         29 
_refine_hist.number_atoms_solvent             120 
_refine_hist.number_atoms_total               1199 
_refine_hist.pdbx_number_residues_total       135 
_refine_hist.pdbx_B_iso_mean_ligand           13.68 
_refine_hist.pdbx_B_iso_mean_solvent          32.28 
_refine_hist.pdbx_number_atoms_protein        1050 
_refine_hist.pdbx_number_atoms_nucleic_acid   0 
# 
loop_
_refine_ls_restr.pdbx_refine_id 
_refine_ls_restr.criterion 
_refine_ls_restr.dev_ideal 
_refine_ls_restr.dev_ideal_target 
_refine_ls_restr.number 
_refine_ls_restr.rejects 
_refine_ls_restr.type 
_refine_ls_restr.weight 
_refine_ls_restr.pdbx_restraint_function 
'X-RAY DIFFRACTION' ? 0.021  0.020  1097 ? r_bond_refined_d       ? ? 
'X-RAY DIFFRACTION' ? 2.200  1.982  1477 ? r_angle_refined_deg    ? ? 
'X-RAY DIFFRACTION' ? 6.433  5.000  134  ? r_dihedral_angle_1_deg ? ? 
'X-RAY DIFFRACTION' ? 36.793 24.545 44   ? r_dihedral_angle_2_deg ? ? 
'X-RAY DIFFRACTION' ? 14.297 15.000 205  ? r_dihedral_angle_3_deg ? ? 
'X-RAY DIFFRACTION' ? 18.129 15.000 6    ? r_dihedral_angle_4_deg ? ? 
'X-RAY DIFFRACTION' ? 0.157  0.200  167  ? r_chiral_restr         ? ? 
'X-RAY DIFFRACTION' ? 0.013  0.020  799  ? r_gen_planes_refined   ? ? 
# 
_refine_ls_shell.pdbx_refine_id                   'X-RAY DIFFRACTION' 
_refine_ls_shell.d_res_high                       1.6500 
_refine_ls_shell.d_res_low                        1.6930 
_refine_ls_shell.number_reflns_all                874 
_refine_ls_shell.number_reflns_obs                ? 
_refine_ls_shell.number_reflns_R_free             48 
_refine_ls_shell.number_reflns_R_work             826 
_refine_ls_shell.percent_reflns_obs               78.6000 
_refine_ls_shell.percent_reflns_R_free            ? 
_refine_ls_shell.R_factor_all                     ? 
_refine_ls_shell.R_factor_obs                     ? 
_refine_ls_shell.R_factor_R_free                  0.2210 
_refine_ls_shell.R_factor_R_free_error            ? 
_refine_ls_shell.R_factor_R_work                  0.2010 
_refine_ls_shell.redundancy_reflns_all            ? 
_refine_ls_shell.redundancy_reflns_obs            ? 
_refine_ls_shell.wR_factor_all                    ? 
_refine_ls_shell.wR_factor_obs                    ? 
_refine_ls_shell.wR_factor_R_free                 ? 
_refine_ls_shell.wR_factor_R_work                 ? 
_refine_ls_shell.pdbx_total_number_of_bins_used   20 
_refine_ls_shell.pdbx_phase_error                 ? 
_refine_ls_shell.pdbx_fsc_work                    ? 
_refine_ls_shell.pdbx_fsc_free                    ? 
# 
_struct.entry_id                     5D45 
_struct.title                        
'Crystal Structure of FABP4 in complex with 3-(5-cyclopropyl-2,3-diphenyl-1H-indol-1-yl)propanoic acid' 
_struct.pdbx_model_details           ? 
_struct.pdbx_formula_weight          ? 
_struct.pdbx_formula_weight_method   ? 
_struct.pdbx_model_type_details      ? 
_struct.pdbx_CASP_flag               ? 
# 
_struct_keywords.entry_id        5D45 
_struct_keywords.text            'FATTY ACID BINDING PROTEIN, LIPID BINDING PROTEIN' 
_struct_keywords.pdbx_keywords   'LIPID BINDING PROTEIN' 
# 
loop_
_struct_asym.id 
_struct_asym.pdbx_blank_PDB_chainid_flag 
_struct_asym.pdbx_modified 
_struct_asym.entity_id 
_struct_asym.details 
A N N 1 ? 
B N N 2 ? 
C N N 3 ? 
# 
loop_
_struct_conf.conf_type_id 
_struct_conf.id 
_struct_conf.pdbx_PDB_helix_id 
_struct_conf.beg_label_comp_id 
_struct_conf.beg_label_asym_id 
_struct_conf.beg_label_seq_id 
_struct_conf.pdbx_beg_PDB_ins_code 
_struct_conf.end_label_comp_id 
_struct_conf.end_label_asym_id 
_struct_conf.end_label_seq_id 
_struct_conf.pdbx_end_PDB_ins_code 
_struct_conf.beg_auth_comp_id 
_struct_conf.beg_auth_asym_id 
_struct_conf.beg_auth_seq_id 
_struct_conf.end_auth_comp_id 
_struct_conf.end_auth_asym_id 
_struct_conf.end_auth_seq_id 
_struct_conf.pdbx_PDB_helix_class 
_struct_conf.details 
_struct_conf.pdbx_PDB_helix_length 
HELX_P HELX_P1 AA1 HIS A 20 ? PHE A 25 ? HIS A -1 PHE A 4  5 ? 6  
HELX_P HELX_P2 AA2 ASN A 36 ? GLY A 45 ? ASN A 15 GLY A 24 1 ? 10 
HELX_P HELX_P3 AA3 GLY A 47 ? ALA A 57 ? GLY A 26 ALA A 36 1 ? 11 
# 
_struct_conf_type.id          HELX_P 
_struct_conf_type.criteria    ? 
_struct_conf_type.reference   ? 
# 
_struct_sheet.id               AA1 
_struct_sheet.type             ? 
_struct_sheet.number_strands   10 
_struct_sheet.details          ? 
# 
loop_
_struct_sheet_order.sheet_id 
_struct_sheet_order.range_id_1 
_struct_sheet_order.range_id_2 
_struct_sheet_order.offset 
_struct_sheet_order.sense 
AA1 1 2  ? anti-parallel 
AA1 2 3  ? anti-parallel 
AA1 3 4  ? anti-parallel 
AA1 4 5  ? anti-parallel 
AA1 5 6  ? anti-parallel 
AA1 6 7  ? anti-parallel 
AA1 7 8  ? anti-parallel 
AA1 8 9  ? anti-parallel 
AA1 9 10 ? anti-parallel 
# 
loop_
_struct_sheet_range.sheet_id 
_struct_sheet_range.id 
_struct_sheet_range.beg_label_comp_id 
_struct_sheet_range.beg_label_asym_id 
_struct_sheet_range.beg_label_seq_id 
_struct_sheet_range.pdbx_beg_PDB_ins_code 
_struct_sheet_range.end_label_comp_id 
_struct_sheet_range.end_label_asym_id 
_struct_sheet_range.end_label_seq_id 
_struct_sheet_range.pdbx_end_PDB_ins_code 
_struct_sheet_range.beg_auth_comp_id 
_struct_sheet_range.beg_auth_asym_id 
_struct_sheet_range.beg_auth_seq_id 
_struct_sheet_range.end_auth_comp_id 
_struct_sheet_range.end_auth_asym_id 
_struct_sheet_range.end_auth_seq_id 
AA1 1  THR A 81  ? PHE A 85  ? THR A 60  PHE A 64  
AA1 2  VAL A 69  ? GLU A 75  ? VAL A 48  GLU A 54  
AA1 3  ASN A 60  ? ASN A 66  ? ASN A 39  ASN A 45  
AA1 4  GLY A 27  ? GLU A 35  ? GLY A 6   GLU A 14  
AA1 5  VAL A 143 ? ARG A 151 ? VAL A 122 ARG A 130 
AA1 6  LYS A 133 ? MET A 140 ? LYS A 112 MET A 119 
AA1 7  LYS A 121 ? GLU A 130 ? LYS A 100 GLU A 109 
AA1 8  VAL A 111 ? TRP A 118 ? VAL A 90  TRP A 97  
AA1 9  LYS A 100 ? ASP A 108 ? LYS A 79  ASP A 87  
AA1 10 PHE A 91  ? VAL A 94  ? PHE A 70  VAL A 73  
# 
loop_
_pdbx_struct_sheet_hbond.sheet_id 
_pdbx_struct_sheet_hbond.range_id_1 
_pdbx_struct_sheet_hbond.range_id_2 
_pdbx_struct_sheet_hbond.range_1_label_atom_id 
_pdbx_struct_sheet_hbond.range_1_label_comp_id 
_pdbx_struct_sheet_hbond.range_1_label_asym_id 
_pdbx_struct_sheet_hbond.range_1_label_seq_id 
_pdbx_struct_sheet_hbond.range_1_PDB_ins_code 
_pdbx_struct_sheet_hbond.range_1_auth_atom_id 
_pdbx_struct_sheet_hbond.range_1_auth_comp_id 
_pdbx_struct_sheet_hbond.range_1_auth_asym_id 
_pdbx_struct_sheet_hbond.range_1_auth_seq_id 
_pdbx_struct_sheet_hbond.range_2_label_atom_id 
_pdbx_struct_sheet_hbond.range_2_label_comp_id 
_pdbx_struct_sheet_hbond.range_2_label_asym_id 
_pdbx_struct_sheet_hbond.range_2_label_seq_id 
_pdbx_struct_sheet_hbond.range_2_PDB_ins_code 
_pdbx_struct_sheet_hbond.range_2_auth_atom_id 
_pdbx_struct_sheet_hbond.range_2_auth_comp_id 
_pdbx_struct_sheet_hbond.range_2_auth_asym_id 
_pdbx_struct_sheet_hbond.range_2_auth_seq_id 
AA1 1 2  O PHE A 85  ? O PHE A 64  N ILE A 70  ? N ILE A 49  
AA1 2 3  O THR A 71  ? O THR A 50  N SER A 64  ? N SER A 43  
AA1 3 4  O MET A 61  ? O MET A 40  N TRP A 29  ? N TRP A 8   
AA1 4 5  N LYS A 30  ? N LYS A 9   O GLU A 150 ? O GLU A 129 
AA1 5 6  O ARG A 147 ? O ARG A 126 N VAL A 136 ? N VAL A 115 
AA1 6 7  O VAL A 135 ? O VAL A 114 N LYS A 128 ? N LYS A 107 
AA1 7 8  O LYS A 121 ? O LYS A 100 N TRP A 118 ? N TRP A 97  
AA1 8 9  O VAL A 113 ? O VAL A 92  N THR A 106 ? N THR A 85  
AA1 9 10 O SER A 103 ? O SER A 82  N PHE A 91  ? N PHE A 70  
# 
_struct_site.id                   AC1 
_struct_site.pdbx_evidence_code   Software 
_struct_site.pdbx_auth_asym_id    A 
_struct_site.pdbx_auth_comp_id    57P 
_struct_site.pdbx_auth_seq_id     201 
_struct_site.pdbx_auth_ins_code   ? 
_struct_site.pdbx_num_residues    11 
_struct_site.details              'binding site for residue 57P A 201' 
# 
loop_
_struct_site_gen.id 
_struct_site_gen.site_id 
_struct_site_gen.pdbx_num_res 
_struct_site_gen.label_comp_id 
_struct_site_gen.label_asym_id 
_struct_site_gen.label_seq_id 
_struct_site_gen.pdbx_auth_ins_code 
_struct_site_gen.auth_comp_id 
_struct_site_gen.auth_asym_id 
_struct_site_gen.auth_seq_id 
_struct_site_gen.label_atom_id 
_struct_site_gen.label_alt_id 
_struct_site_gen.symmetry 
_struct_site_gen.details 
1  AC1 11 PHE A 37  ? PHE A 16  . ? 1_555 ? 
2  AC1 11 MET A 61  ? MET A 40  . ? 1_555 ? 
3  AC1 11 SER A 74  ? SER A 53  . ? 1_555 ? 
4  AC1 11 SER A 76  ? SER A 55  . ? 1_555 ? 
5  AC1 11 LYS A 79  ? LYS A 58  . ? 1_555 ? 
6  AC1 11 ASP A 97  ? ASP A 76  . ? 1_555 ? 
7  AC1 11 ARG A 99  ? ARG A 78  . ? 1_555 ? 
8  AC1 11 ARG A 127 ? ARG A 106 . ? 1_555 ? 
9  AC1 11 ARG A 147 ? ARG A 126 . ? 1_555 ? 
10 AC1 11 TYR A 149 ? TYR A 128 . ? 1_555 ? 
11 AC1 11 HOH C .   ? HOH A 325 . ? 1_555 ? 
# 
_atom_sites.entry_id                    5D45 
_atom_sites.fract_transf_matrix[1][1]   -0.01456280 
_atom_sites.fract_transf_matrix[1][2]   -0.00775693 
_atom_sites.fract_transf_matrix[1][3]   0.02609519 
_atom_sites.fract_transf_matrix[2][1]   -0.00530389 
_atom_sites.fract_transf_matrix[2][2]   -0.01592471 
_atom_sites.fract_transf_matrix[2][3]   -0.00769361 
_atom_sites.fract_transf_matrix[3][1]   0.01117528 
_atom_sites.fract_transf_matrix[3][2]   -0.00588929 
_atom_sites.fract_transf_matrix[3][3]   0.00448590 
_atom_sites.fract_transf_vector[1]      -0.259431 
_atom_sites.fract_transf_vector[2]      -0.187595 
_atom_sites.fract_transf_vector[3]      -0.196373 
# 
loop_
_atom_type.symbol 
C 
N 
O 
S 
# 
loop_
_atom_site.group_PDB 
_atom_site.id 
_atom_site.type_symbol 
_atom_site.label_atom_id 
_atom_site.label_alt_id 
_atom_site.label_comp_id 
_atom_site.label_asym_id 
_atom_site.label_entity_id 
_atom_site.label_seq_id 
_atom_site.pdbx_PDB_ins_code 
_atom_site.Cartn_x 
_atom_site.Cartn_y 
_atom_site.Cartn_z 
_atom_site.occupancy 
_atom_site.B_iso_or_equiv 
_atom_site.pdbx_formal_charge 
_atom_site.auth_seq_id 
_atom_site.auth_comp_id 
_atom_site.auth_asym_id 
_atom_site.auth_atom_id 
_atom_site.pdbx_PDB_model_num 
ATOM   1    N N   . GLY A 1 18  ? 22.329  1.847   12.300  1.00 46.69 ? -3  GLY A N   1 
ATOM   2    C CA  . GLY A 1 18  ? 22.201  0.385   12.017  1.00 44.62 ? -3  GLY A CA  1 
ATOM   3    C C   . GLY A 1 18  ? 20.790  -0.124  11.737  1.00 47.12 ? -3  GLY A C   1 
ATOM   4    O O   . GLY A 1 18  ? 19.859  0.664   11.509  1.00 47.92 ? -3  GLY A O   1 
ATOM   5    N N   . SER A 1 19  ? 20.635  -1.448  11.762  1.00 44.17 ? -2  SER A N   1 
ATOM   6    C CA  . SER A 1 19  ? 19.384  -2.091  11.374  1.00 45.08 ? -2  SER A CA  1 
ATOM   7    C C   . SER A 1 19  ? 18.193  -1.701  12.250  1.00 42.89 ? -2  SER A C   1 
ATOM   8    O O   . SER A 1 19  ? 18.334  -1.159  13.343  1.00 43.65 ? -2  SER A O   1 
ATOM   9    C CB  . SER A 1 19  ? 19.513  -3.624  11.325  1.00 52.86 ? -2  SER A CB  1 
ATOM   10   O OG  . SER A 1 19  ? 18.446  -4.193  10.555  1.00 58.63 ? -2  SER A OG  1 
ATOM   11   N N   . HIS A 1 20  ? 17.004  -1.976  11.732  1.00 35.84 ? -1  HIS A N   1 
ATOM   12   C CA  . HIS A 1 20  ? 15.782  -1.643  12.445  1.00 32.26 ? -1  HIS A CA  1 
ATOM   13   C C   . HIS A 1 20  ? 14.833  -2.794  12.131  1.00 26.65 ? -1  HIS A C   1 
ATOM   14   O O   . HIS A 1 20  ? 15.079  -3.620  11.205  1.00 23.89 ? -1  HIS A O   1 
ATOM   15   C CB  . HIS A 1 20  ? 15.470  -0.103  12.156  1.00 37.15 ? -1  HIS A CB  1 
ATOM   16   C CG  . HIS A 1 20  ? 13.995  0.335   11.907  1.00 48.39 ? -1  HIS A CG  1 
ATOM   17   N ND1 . HIS A 1 20  ? 12.895  -0.392  12.239  1.00 49.79 ? -1  HIS A ND1 1 
ATOM   18   C CD2 . HIS A 1 20  ? 13.492  1.568   11.373  1.00 46.47 ? -1  HIS A CD2 1 
ATOM   19   C CE1 . HIS A 1 20  ? 11.766  0.300   11.902  1.00 43.63 ? -1  HIS A CE1 1 
ATOM   20   N NE2 . HIS A 1 20  ? 12.134  1.492   11.375  1.00 42.86 ? -1  HIS A NE2 1 
ATOM   21   N N   . MET A 1 21  ? 13.827  -2.991  12.991  1.00 25.21 ? 0   MET A N   1 
ATOM   22   C CA  . MET A 1 21  ? 12.827  -4.010  12.739  1.00 22.15 ? 0   MET A CA  1 
ATOM   23   C C   . MET A 1 21  ? 12.232  -3.893  11.316  1.00 23.32 ? 0   MET A C   1 
ATOM   24   O O   . MET A 1 21  ? 11.953  -4.922  10.693  1.00 22.92 ? 0   MET A O   1 
ATOM   25   C CB  . MET A 1 21  ? 11.717  -3.923  13.811  1.00 23.84 ? 0   MET A CB  1 
ATOM   26   C CG  . MET A 1 21  ? 10.597  -4.936  13.680  0.50 20.39 ? 0   MET A CG  1 
ATOM   27   S SD  . MET A 1 21  ? 9.243   -4.408  12.599  0.50 21.15 ? 0   MET A SD  1 
ATOM   28   C CE  . MET A 1 21  ? 8.667   -6.022  12.118  0.50 18.97 ? 0   MET A CE  1 
ATOM   29   N N   . CYS A 1 22  ? 11.987  -2.672  10.837  1.00 25.57 ? 1   CYS A N   1 
ATOM   30   C CA  . CYS A 1 22  ? 11.288  -2.561  9.555   1.00 29.21 ? 1   CYS A CA  1 
ATOM   31   C C   . CYS A 1 22  ? 12.183  -2.919  8.361   1.00 29.16 ? 1   CYS A C   1 
ATOM   32   O O   . CYS A 1 22  ? 11.674  -3.152  7.254   1.00 25.65 ? 1   CYS A O   1 
ATOM   33   C CB  . CYS A 1 22  ? 10.531  -1.240  9.387   1.00 37.45 ? 1   CYS A CB  1 
ATOM   34   S SG  . CYS A 1 22  ? 11.643  0.125   9.150   1.00 52.43 ? 1   CYS A SG  1 
ATOM   35   N N   . ASP A 1 23  ? 13.493  -3.093  8.573   1.00 27.37 ? 2   ASP A N   1 
ATOM   36   C CA  . ASP A 1 23  ? 14.304  -3.699  7.512   1.00 26.96 ? 2   ASP A CA  1 
ATOM   37   C C   . ASP A 1 23  ? 13.780  -5.098  6.967   1.00 28.23 ? 2   ASP A C   1 
ATOM   38   O O   . ASP A 1 23  ? 14.197  -5.493  5.889   1.00 24.34 ? 2   ASP A O   1 
ATOM   39   C CB  . ASP A 1 23  ? 15.825  -3.600  7.820   1.00 33.63 ? 2   ASP A CB  1 
ATOM   40   C CG  . ASP A 1 23  ? 16.387  -2.140  7.642   1.00 37.30 ? 2   ASP A CG  1 
ATOM   41   O OD1 . ASP A 1 23  ? 15.629  -1.161  7.830   1.00 40.95 ? 2   ASP A OD1 1 
ATOM   42   O OD2 . ASP A 1 23  ? 17.576  -1.949  7.277   1.00 46.05 ? 2   ASP A OD2 1 
ATOM   43   N N   . ALA A 1 24  ? 12.807  -5.764  7.660   1.00 25.77 ? 3   ALA A N   1 
ATOM   44   C CA  . ALA A 1 24  ? 12.114  -7.012  7.233   1.00 24.60 ? 3   ALA A CA  1 
ATOM   45   C C   . ALA A 1 24  ? 11.082  -6.784  6.063   1.00 21.67 ? 3   ALA A C   1 
ATOM   46   O O   . ALA A 1 24  ? 10.501  -7.729  5.444   1.00 22.53 ? 3   ALA A O   1 
ATOM   47   C CB  . ALA A 1 24  ? 11.380  -7.610  8.375   1.00 28.10 ? 3   ALA A CB  1 
ATOM   48   N N   . PHE A 1 25  ? 10.784  -5.521  5.854   1.00 15.08 ? 4   PHE A N   1 
ATOM   49   C CA  . PHE A 1 25  ? 9.947   -5.093  4.709   1.00 13.44 ? 4   PHE A CA  1 
ATOM   50   C C   . PHE A 1 25  ? 10.840  -4.688  3.553   1.00 13.42 ? 4   PHE A C   1 
ATOM   51   O O   . PHE A 1 25  ? 10.380  -4.620  2.408   1.00 11.26 ? 4   PHE A O   1 
ATOM   52   C CB  . PHE A 1 25  ? 9.126   -3.841  5.109   1.00 13.88 ? 4   PHE A CB  1 
ATOM   53   C CG  . PHE A 1 25  ? 8.041   -4.141  6.065   1.00 13.83 ? 4   PHE A CG  1 
ATOM   54   C CD1 . PHE A 1 25  ? 6.924   -4.827  5.631   1.00 14.96 ? 4   PHE A CD1 1 
ATOM   55   C CD2 . PHE A 1 25  ? 8.172   -3.785  7.389   1.00 13.41 ? 4   PHE A CD2 1 
ATOM   56   C CE1 . PHE A 1 25  ? 5.913   -5.156  6.510   1.00 14.34 ? 4   PHE A CE1 1 
ATOM   57   C CE2 . PHE A 1 25  ? 7.175   -4.128  8.323   1.00 13.52 ? 4   PHE A CE2 1 
ATOM   58   C CZ  . PHE A 1 25  ? 6.060   -4.807  7.860   1.00 14.26 ? 4   PHE A CZ  1 
ATOM   59   N N   . VAL A 1 26  ? 12.091  -4.394  3.805   1.00 12.80 ? 5   VAL A N   1 
ATOM   60   C CA  . VAL A 1 26  ? 12.953  -3.793  2.736   1.00 13.97 ? 5   VAL A CA  1 
ATOM   61   C C   . VAL A 1 26  ? 13.199  -4.802  1.623   1.00 14.45 ? 5   VAL A C   1 
ATOM   62   O O   . VAL A 1 26  ? 13.438  -5.999  1.915   1.00 15.63 ? 5   VAL A O   1 
ATOM   63   C CB  . VAL A 1 26  ? 14.295  -3.315  3.292   1.00 14.57 ? 5   VAL A CB  1 
ATOM   64   C CG1 . VAL A 1 26  ? 15.339  -3.028  2.129   1.00 15.08 ? 5   VAL A CG1 1 
ATOM   65   C CG2 . VAL A 1 26  ? 14.013  -2.029  4.141   1.00 14.49 ? 5   VAL A CG2 1 
ATOM   66   N N   . GLY A 1 27  ? 13.085  -4.362  0.357   1.00 13.59 ? 6   GLY A N   1 
ATOM   67   C CA  . GLY A 1 27  ? 13.477  -5.212  -0.774  1.00 14.75 ? 6   GLY A CA  1 
ATOM   68   C C   . GLY A 1 27  ? 12.574  -5.021  -1.955  1.00 14.27 ? 6   GLY A C   1 
ATOM   69   O O   . GLY A 1 27  ? 11.930  -3.956  -2.061  1.00 14.51 ? 6   GLY A O   1 
ATOM   70   N N   . THR A 1 28  ? 12.546  -5.987  -2.881  1.00 14.87 ? 7   THR A N   1 
ATOM   71   C CA  . THR A 1 28  ? 11.739  -5.916  -4.093  1.00 14.09 ? 7   THR A CA  1 
ATOM   72   C C   . THR A 1 28  ? 10.729  -7.054  -4.111  1.00 13.96 ? 7   THR A C   1 
ATOM   73   O O   . THR A 1 28  ? 11.071  -8.241  -3.820  1.00 15.06 ? 7   THR A O   1 
ATOM   74   C CB  . THR A 1 28  ? 12.613  -5.990  -5.376  1.00 16.55 ? 7   THR A CB  1 
ATOM   75   O OG1 . THR A 1 28  ? 13.683  -5.040  -5.241  1.00 21.67 ? 7   THR A OG1 1 
ATOM   76   C CG2 . THR A 1 28  ? 11.825  -5.585  -6.523  1.00 17.00 ? 7   THR A CG2 1 
ATOM   77   N N   . TRP A 1 29  ? 9.464   -6.702  -4.278  1.00 12.10 ? 8   TRP A N   1 
ATOM   78   C CA  . TRP A 1 29  ? 8.394   -7.681  -4.094  1.00 11.11 ? 8   TRP A CA  1 
ATOM   79   C C   . TRP A 1 29  ? 7.529   -7.721  -5.351  1.00 11.75 ? 8   TRP A C   1 
ATOM   80   O O   . TRP A 1 29  ? 7.389   -6.730  -6.020  1.00 12.93 ? 8   TRP A O   1 
ATOM   81   C CB  . TRP A 1 29  ? 7.487   -7.264  -2.905  1.00 12.05 ? 8   TRP A CB  1 
ATOM   82   C CG  . TRP A 1 29  ? 8.234   -7.165  -1.592  1.00 11.21 ? 8   TRP A CG  1 
ATOM   83   C CD1 . TRP A 1 29  ? 8.963   -6.057  -1.073  1.00 10.45 ? 8   TRP A CD1 1 
ATOM   84   C CD2 . TRP A 1 29  ? 8.412   -8.236  -0.648  1.00 10.59 ? 8   TRP A CD2 1 
ATOM   85   N NE1 . TRP A 1 29  ? 9.587   -6.383  0.084   1.00 10.95 ? 8   TRP A NE1 1 
ATOM   86   C CE2 . TRP A 1 29  ? 9.243   -7.683  0.436   1.00 11.03 ? 8   TRP A CE2 1 
ATOM   87   C CE3 . TRP A 1 29  ? 7.931   -9.569  -0.554  1.00 11.66 ? 8   TRP A CE3 1 
ATOM   88   C CZ2 . TRP A 1 29  ? 9.577   -8.452  1.562   1.00 11.74 ? 8   TRP A CZ2 1 
ATOM   89   C CZ3 . TRP A 1 29  ? 8.312   -10.334 0.560   1.00 12.24 ? 8   TRP A CZ3 1 
ATOM   90   C CH2 . TRP A 1 29  ? 9.131   -9.773  1.588   1.00 11.99 ? 8   TRP A CH2 1 
ATOM   91   N N   . LYS A 1 30  ? 6.915   -8.878  -5.640  1.00 12.46 ? 9   LYS A N   1 
ATOM   92   C CA  . LYS A 1 30  ? 6.051   -9.009  -6.814  1.00 13.07 ? 9   LYS A CA  1 
ATOM   93   C C   . LYS A 1 30  ? 4.702   -9.574  -6.351  1.00 11.91 ? 9   LYS A C   1 
ATOM   94   O O   . LYS A 1 30  ? 4.621   -10.478 -5.488  1.00 13.55 ? 9   LYS A O   1 
ATOM   95   C CB  . LYS A 1 30  ? 6.634   -9.940  -7.847  1.00 15.89 ? 9   LYS A CB  1 
ATOM   96   C CG  . LYS A 1 30  ? 6.849   -11.348 -7.393  1.00 21.56 ? 9   LYS A CG  1 
ATOM   97   C CD  . LYS A 1 30  ? 7.668   -11.980 -8.515  1.00 28.10 ? 9   LYS A CD  1 
ATOM   98   C CE  . LYS A 1 30  ? 8.205   -13.300 -8.015  1.00 32.15 ? 9   LYS A CE  1 
ATOM   99   N NZ  . LYS A 1 30  ? 7.045   -14.212 -8.012  1.00 37.03 ? 9   LYS A NZ  1 
ATOM   100  N N   . LEU A 1 31  ? 3.655   -9.000  -6.904  1.00 12.13 ? 10  LEU A N   1 
ATOM   101  C CA  . LEU A 1 31  ? 2.292   -9.438  -6.538  1.00 12.96 ? 10  LEU A CA  1 
ATOM   102  C C   . LEU A 1 31  ? 2.026   -10.834 -7.059  1.00 14.24 ? 10  LEU A C   1 
ATOM   103  O O   . LEU A 1 31  ? 2.079   -11.088 -8.281  1.00 15.25 ? 10  LEU A O   1 
ATOM   104  C CB  . LEU A 1 31  ? 1.268   -8.467  -7.171  1.00 13.45 ? 10  LEU A CB  1 
ATOM   105  C CG  . LEU A 1 31  ? -0.181  -8.682  -6.699  1.00 13.58 ? 10  LEU A CG  1 
ATOM   106  C CD1 . LEU A 1 31  ? -0.426  -8.392  -5.252  1.00 13.81 ? 10  LEU A CD1 1 
ATOM   107  C CD2 . LEU A 1 31  ? -1.087  -7.829  -7.630  1.00 15.80 ? 10  LEU A CD2 1 
ATOM   108  N N   . VAL A 1 32  ? 1.650   -11.731 -6.179  1.00 12.81 ? 11  VAL A N   1 
ATOM   109  C CA  . VAL A 1 32  ? 1.241   -13.110 -6.579  1.00 15.45 ? 11  VAL A CA  1 
ATOM   110  C C   . VAL A 1 32  ? -0.230  -13.572 -6.355  1.00 19.24 ? 11  VAL A C   1 
ATOM   111  O O   . VAL A 1 32  ? -0.641  -14.617 -6.934  1.00 21.45 ? 11  VAL A O   1 
ATOM   112  C CB  . VAL A 1 32  ? 2.219   -14.120 -6.003  1.00 17.03 ? 11  VAL A CB  1 
ATOM   113  C CG1 . VAL A 1 32  ? 3.627   -13.752 -6.380  1.00 18.39 ? 11  VAL A CG1 1 
ATOM   114  C CG2 . VAL A 1 32  ? 2.056   -14.284 -4.477  1.00 17.59 ? 11  VAL A CG2 1 
ATOM   115  N N   . SER A 1 33  ? -1.009  -12.817 -5.598  1.00 16.51 ? 12  SER A N   1 
ATOM   116  C CA  . SER A 1 33  ? -2.386  -13.160 -5.265  1.00 18.64 ? 12  SER A CA  1 
ATOM   117  C C   . SER A 1 33  ? -3.148  -11.860 -5.013  1.00 17.81 ? 12  SER A C   1 
ATOM   118  O O   . SER A 1 33  ? -2.611  -10.922 -4.419  1.00 16.35 ? 12  SER A O   1 
ATOM   119  C CB  . SER A 1 33  ? -2.451  -14.029 -3.985  1.00 18.15 ? 12  SER A CB  1 
ATOM   120  O OG  . SER A 1 33  ? -3.797  -14.475 -3.878  1.00 28.56 ? 12  SER A OG  1 
ATOM   121  N N   . SER A 1 34  ? -4.365  -11.757 -5.537  1.00 17.20 ? 13  SER A N   1 
ATOM   122  C CA  . SER A 1 34  ? -5.195  -10.572 -5.237  1.00 17.55 ? 13  SER A CA  1 
ATOM   123  C C   . SER A 1 34  ? -6.611  -11.086 -5.014  1.00 19.13 ? 13  SER A C   1 
ATOM   124  O O   . SER A 1 34  ? -7.131  -11.829 -5.901  1.00 20.23 ? 13  SER A O   1 
ATOM   125  C CB  . SER A 1 34  ? -5.128  -9.616  -6.428  1.00 17.76 ? 13  SER A CB  1 
ATOM   126  O OG  . SER A 1 34  ? -5.938  -8.463  -6.262  1.00 16.94 ? 13  SER A OG  1 
ATOM   127  N N   . GLU A 1 35  ? -7.199  -10.769 -3.850  1.00 16.43 ? 14  GLU A N   1 
ATOM   128  C CA  . GLU A 1 35  ? -8.530  -11.241 -3.512  1.00 17.86 ? 14  GLU A CA  1 
ATOM   129  C C   . GLU A 1 35  ? -9.402  -10.037 -3.167  1.00 15.45 ? 14  GLU A C   1 
ATOM   130  O O   . GLU A 1 35  ? -9.021  -9.216  -2.326  1.00 13.67 ? 14  GLU A O   1 
ATOM   131  C CB  . GLU A 1 35  ? -8.505  -12.213 -2.316  1.00 19.43 ? 14  GLU A CB  1 
ATOM   132  C CG  . GLU A 1 35  ? -8.140  -13.661 -2.714  0.50 22.20 ? 14  GLU A CG  1 
ATOM   133  C CD  . GLU A 1 35  ? -9.221  -14.472 -3.490  0.50 24.91 ? 14  GLU A CD  1 
ATOM   134  O OE1 . GLU A 1 35  ? -10.377 -14.058 -3.661  0.50 25.10 ? 14  GLU A OE1 1 
ATOM   135  O OE2 . GLU A 1 35  ? -8.902  -15.585 -3.960  0.50 27.37 ? 14  GLU A OE2 1 
ATOM   136  N N   . ASN A 1 36  ? -10.555 -9.974  -3.837  1.00 16.03 ? 15  ASN A N   1 
ATOM   137  C CA  . ASN A 1 36  ? -11.600 -8.970  -3.591  1.00 15.93 ? 15  ASN A CA  1 
ATOM   138  C C   . ASN A 1 36  ? -11.163 -7.572  -3.835  1.00 13.72 ? 15  ASN A C   1 
ATOM   139  O O   . ASN A 1 36  ? -11.734 -6.661  -3.245  1.00 13.44 ? 15  ASN A O   1 
ATOM   140  C CB  . ASN A 1 36  ? -11.984 -9.000  -2.153  1.00 15.76 ? 15  ASN A CB  1 
ATOM   141  C CG  . ASN A 1 36  ? -13.193 -9.803  -1.934  0.50 18.85 ? 15  ASN A CG  1 
ATOM   142  O OD1 . ASN A 1 36  ? -13.065 -10.931 -1.496  0.50 17.62 ? 15  ASN A OD1 1 
ATOM   143  N ND2 . ASN A 1 36  ? -14.364 -9.274  -2.344  0.50 16.19 ? 15  ASN A ND2 1 
ATOM   144  N N   . PHE A 1 37  ? -10.126 -7.381  -4.659  1.00 12.91 ? 16  PHE A N   1 
ATOM   145  C CA  . PHE A 1 37  ? -9.678  -6.020  -4.877  1.00 13.09 ? 16  PHE A CA  1 
ATOM   146  C C   . PHE A 1 37  ? -10.743 -5.177  -5.580  1.00 13.07 ? 16  PHE A C   1 
ATOM   147  O O   . PHE A 1 37  ? -10.813 -3.953  -5.367  1.00 11.81 ? 16  PHE A O   1 
ATOM   148  C CB  . PHE A 1 37  ? -8.362  -6.041  -5.692  1.00 12.70 ? 16  PHE A CB  1 
ATOM   149  C CG  . PHE A 1 37  ? -7.548  -4.705  -5.669  1.00 13.97 ? 16  PHE A CG  1 
ATOM   150  C CD1 . PHE A 1 37  ? -7.043  -4.192  -4.481  1.00 16.58 ? 16  PHE A CD1 1 
ATOM   151  C CD2 . PHE A 1 37  ? -7.129  -4.105  -6.856  1.00 16.91 ? 16  PHE A CD2 1 
ATOM   152  C CE1 . PHE A 1 37  ? -6.238  -3.016  -4.449  1.00 15.86 ? 16  PHE A CE1 1 
ATOM   153  C CE2 . PHE A 1 37  ? -6.310  -2.950  -6.833  1.00 15.19 ? 16  PHE A CE2 1 
ATOM   154  C CZ  . PHE A 1 37  ? -5.905  -2.386  -5.637  1.00 15.48 ? 16  PHE A CZ  1 
ATOM   155  N N   . ASP A 1 38  ? -11.491 -5.798  -6.514  1.00 13.08 ? 17  ASP A N   1 
ATOM   156  C CA  . ASP A 1 38  ? -12.441 -4.992  -7.240  1.00 12.88 ? 17  ASP A CA  1 
ATOM   157  C C   . ASP A 1 38  ? -13.521 -4.485  -6.251  1.00 13.09 ? 17  ASP A C   1 
ATOM   158  O O   . ASP A 1 38  ? -13.902 -3.271  -6.350  1.00 12.72 ? 17  ASP A O   1 
ATOM   159  C CB  . ASP A 1 38  ? -13.089 -5.838  -8.356  1.00 15.45 ? 17  ASP A CB  1 
ATOM   160  C CG  . ASP A 1 38  ? -13.963 -5.020  -9.256  1.00 16.76 ? 17  ASP A CG  1 
ATOM   161  O OD1 . ASP A 1 38  ? -15.212 -5.275  -9.304  1.00 22.96 ? 17  ASP A OD1 1 
ATOM   162  O OD2 . ASP A 1 38  ? -13.455 -4.079  -9.899  1.00 19.84 ? 17  ASP A OD2 1 
ATOM   163  N N   . ASP A 1 39  ? -13.967 -5.302  -5.293  1.00 14.39 ? 18  ASP A N   1 
ATOM   164  C CA  . ASP A 1 39  ? -14.961 -4.809  -4.319  1.00 14.90 ? 18  ASP A CA  1 
ATOM   165  C C   . ASP A 1 39  ? -14.332 -3.696  -3.394  1.00 14.52 ? 18  ASP A C   1 
ATOM   166  O O   . ASP A 1 39  ? -15.006 -2.704  -3.051  1.00 11.91 ? 18  ASP A O   1 
ATOM   167  C CB  . ASP A 1 39  ? -15.532 -5.929  -3.424  1.00 19.62 ? 18  ASP A CB  1 
ATOM   168  C CG  . ASP A 1 39  ? -16.727 -6.742  -4.083  1.00 27.26 ? 18  ASP A CG  1 
ATOM   169  O OD1 . ASP A 1 39  ? -17.672 -7.089  -3.361  1.00 35.74 ? 18  ASP A OD1 1 
ATOM   170  O OD2 . ASP A 1 39  ? -16.751 -7.072  -5.265  1.00 28.95 ? 18  ASP A OD2 1 
ATOM   171  N N   . TYR A 1 40  ? -13.055 -3.873  -2.998  1.00 13.35 ? 19  TYR A N   1 
ATOM   172  C CA  . TYR A 1 40  ? -12.358 -2.768  -2.260  1.00 11.84 ? 19  TYR A CA  1 
ATOM   173  C C   . TYR A 1 40  ? -12.351 -1.454  -3.031  1.00 11.68 ? 19  TYR A C   1 
ATOM   174  O O   . TYR A 1 40  ? -12.719 -0.394  -2.504  1.00 11.20 ? 19  TYR A O   1 
ATOM   175  C CB  . TYR A 1 40  ? -10.945 -3.197  -1.897  1.00 11.01 ? 19  TYR A CB  1 
ATOM   176  C CG  . TYR A 1 40  ? -10.118 -2.065  -1.283  1.00 10.69 ? 19  TYR A CG  1 
ATOM   177  C CD1 . TYR A 1 40  ? -10.315 -1.619  0.035   1.00 11.00 ? 19  TYR A CD1 1 
ATOM   178  C CD2 . TYR A 1 40  ? -9.163  -1.404  -2.086  1.00 11.45 ? 19  TYR A CD2 1 
ATOM   179  C CE1 . TYR A 1 40  ? -9.528  -0.567  0.542   1.00 9.86  ? 19  TYR A CE1 1 
ATOM   180  C CE2 . TYR A 1 40  ? -8.422  -0.312  -1.604  1.00 11.99 ? 19  TYR A CE2 1 
ATOM   181  C CZ  . TYR A 1 40  ? -8.571  0.094   -0.293  1.00 11.12 ? 19  TYR A CZ  1 
ATOM   182  O OH  . TYR A 1 40  ? -7.892  1.188   0.279   1.00 10.76 ? 19  TYR A OH  1 
ATOM   183  N N   . MET A 1 41  ? -11.958 -1.528  -4.299  1.00 11.74 ? 20  MET A N   1 
ATOM   184  C CA  . MET A 1 41  ? -11.910 -0.348  -5.124  1.00 12.14 ? 20  MET A CA  1 
ATOM   185  C C   . MET A 1 41  ? -13.327 0.266   -5.292  1.00 11.06 ? 20  MET A C   1 
ATOM   186  O O   . MET A 1 41  ? -13.443 1.473   -5.305  1.00 11.23 ? 20  MET A O   1 
ATOM   187  C CB  . MET A 1 41  ? -11.309 -0.660  -6.497  1.00 11.24 ? 20  MET A CB  1 
ATOM   188  C CG  . MET A 1 41  ? -9.817  -0.946  -6.431  1.00 11.75 ? 20  MET A CG  1 
ATOM   189  S SD  . MET A 1 41  ? -9.127  -0.978  -8.127  1.00 13.33 ? 20  MET A SD  1 
ATOM   190  C CE  . MET A 1 41  ? -9.756  -2.553  -8.658  1.00 13.18 ? 20  MET A CE  1 
ATOM   191  N N   . LYS A 1 42  ? -14.349 -0.556  -5.509  1.00 13.06 ? 21  LYS A N   1 
ATOM   192  C CA  . LYS A 1 42  ? -15.730 -0.037  -5.472  1.00 14.40 ? 21  LYS A CA  1 
ATOM   193  C C   . LYS A 1 42  ? -16.067 0.747   -4.198  1.00 14.89 ? 21  LYS A C   1 
ATOM   194  O O   . LYS A 1 42  ? -16.641 1.842   -4.348  1.00 15.17 ? 21  LYS A O   1 
ATOM   195  C CB  . LYS A 1 42  ? -16.749 -1.156  -5.687  1.00 15.44 ? 21  LYS A CB  1 
ATOM   196  C CG  . LYS A 1 42  ? -16.825 -1.680  -7.097  1.00 14.90 ? 21  LYS A CG  1 
ATOM   197  C CD  . LYS A 1 42  ? -17.828 -2.856  -7.178  1.00 19.65 ? 21  LYS A CD  1 
ATOM   198  C CE  . LYS A 1 42  ? -18.196 -3.035  -8.638  1.00 21.97 ? 21  LYS A CE  1 
ATOM   199  N NZ  . LYS A 1 42  ? -19.214 -4.101  -8.885  1.00 28.21 ? 21  LYS A NZ  1 
ATOM   200  N N   . GLU A 1 43  ? -15.676 0.263   -2.984  1.00 14.58 ? 22  GLU A N   1 
ATOM   201  C CA  . GLU A 1 43  ? -15.952 0.971   -1.721  1.00 17.17 ? 22  GLU A CA  1 
ATOM   202  C C   . GLU A 1 43  ? -15.198 2.311   -1.612  1.00 15.34 ? 22  GLU A C   1 
ATOM   203  O O   . GLU A 1 43  ? -15.686 3.303   -1.032  1.00 15.32 ? 22  GLU A O   1 
ATOM   204  C CB  . GLU A 1 43  ? -15.632 0.034   -0.540  1.00 17.71 ? 22  GLU A CB  1 
ATOM   205  C CG  . GLU A 1 43  ? -16.390 0.260   0.763   1.00 21.60 ? 22  GLU A CG  1 
ATOM   206  C CD  . GLU A 1 43  ? -17.884 0.006   0.626   1.00 27.37 ? 22  GLU A CD  1 
ATOM   207  O OE1 . GLU A 1 43  ? -18.348 -0.521  -0.397  1.00 27.02 ? 22  GLU A OE1 1 
ATOM   208  O OE2 . GLU A 1 43  ? -18.595 0.269   1.599   1.00 35.38 ? 22  GLU A OE2 1 
ATOM   209  N N   . VAL A 1 44  ? -13.994 2.346   -2.173  1.00 14.30 ? 23  VAL A N   1 
ATOM   210  C CA  . VAL A 1 44  ? -13.173 3.514   -2.194  1.00 14.16 ? 23  VAL A CA  1 
ATOM   211  C C   . VAL A 1 44  ? -13.804 4.566   -3.108  1.00 15.44 ? 23  VAL A C   1 
ATOM   212  O O   . VAL A 1 44  ? -13.658 5.784   -2.835  1.00 16.07 ? 23  VAL A O   1 
ATOM   213  C CB  . VAL A 1 44  ? -11.722 3.135   -2.623  1.00 13.61 ? 23  VAL A CB  1 
ATOM   214  C CG1 . VAL A 1 44  ? -10.882 4.391   -3.080  1.00 13.35 ? 23  VAL A CG1 1 
ATOM   215  C CG2 . VAL A 1 44  ? -11.054 2.413   -1.461  1.00 12.78 ? 23  VAL A CG2 1 
ATOM   216  N N   . GLY A 1 45  ? -14.484 4.090   -4.174  1.00 13.54 ? 24  GLY A N   1 
ATOM   217  C CA  . GLY A 1 45  ? -15.106 4.983   -5.102  1.00 13.83 ? 24  GLY A CA  1 
ATOM   218  C C   . GLY A 1 45  ? -14.415 5.082   -6.450  1.00 14.86 ? 24  GLY A C   1 
ATOM   219  O O   . GLY A 1 45  ? -14.655 6.022   -7.174  1.00 18.00 ? 24  GLY A O   1 
ATOM   220  N N   . VAL A 1 46  ? -13.593 4.082   -6.808  1.00 13.57 ? 25  VAL A N   1 
ATOM   221  C CA  . VAL A 1 46  ? -12.864 4.062   -8.103  1.00 12.47 ? 25  VAL A CA  1 
ATOM   222  C C   . VAL A 1 46  ? -13.856 3.746   -9.232  1.00 13.60 ? 25  VAL A C   1 
ATOM   223  O O   . VAL A 1 46  ? -14.652 2.831   -9.091  1.00 13.65 ? 25  VAL A O   1 
ATOM   224  C CB  . VAL A 1 46  ? -11.772 2.995   -8.118  1.00 13.65 ? 25  VAL A CB  1 
ATOM   225  C CG1 . VAL A 1 46  ? -10.942 3.084   -9.409  1.00 13.49 ? 25  VAL A CG1 1 
ATOM   226  C CG2 . VAL A 1 46  ? -10.879 3.139   -6.849  1.00 14.00 ? 25  VAL A CG2 1 
ATOM   227  N N   . GLY A 1 47  ? -13.801 4.532   -10.316 1.00 13.97 ? 26  GLY A N   1 
ATOM   228  C CA  . GLY A 1 47  ? -14.717 4.280   -11.407 1.00 15.17 ? 26  GLY A CA  1 
ATOM   229  C C   . GLY A 1 47  ? -14.358 3.061   -12.253 1.00 14.66 ? 26  GLY A C   1 
ATOM   230  O O   . GLY A 1 47  ? -13.271 2.474   -12.142 1.00 14.25 ? 26  GLY A O   1 
ATOM   231  N N   . PHE A 1 48  ? -15.296 2.677   -13.099 1.00 13.83 ? 27  PHE A N   1 
ATOM   232  C CA  . PHE A 1 48  ? -15.209 1.417   -13.832 1.00 13.82 ? 27  PHE A CA  1 
ATOM   233  C C   . PHE A 1 48  ? -13.899 1.224   -14.591 1.00 13.22 ? 27  PHE A C   1 
ATOM   234  O O   . PHE A 1 48  ? -13.232 0.167   -14.417 1.00 13.89 ? 27  PHE A O   1 
ATOM   235  C CB  . PHE A 1 48  ? -16.384 1.315   -14.844 1.00 14.70 ? 27  PHE A CB  1 
ATOM   236  C CG  . PHE A 1 48  ? -16.395 0.013   -15.604 1.00 13.59 ? 27  PHE A CG  1 
ATOM   237  C CD1 . PHE A 1 48  ? -17.037 -1.100  -15.115 1.00 14.53 ? 27  PHE A CD1 1 
ATOM   238  C CD2 . PHE A 1 48  ? -15.718 -0.079  -16.827 1.00 14.24 ? 27  PHE A CD2 1 
ATOM   239  C CE1 . PHE A 1 48  ? -16.990 -2.322  -15.840 1.00 15.83 ? 27  PHE A CE1 1 
ATOM   240  C CE2 . PHE A 1 48  ? -15.678 -1.286  -17.566 1.00 14.65 ? 27  PHE A CE2 1 
ATOM   241  C CZ  . PHE A 1 48  ? -16.326 -2.415  -17.069 1.00 14.67 ? 27  PHE A CZ  1 
ATOM   242  N N   . ALA A 1 49  ? -13.552 2.157   -15.474 1.00 13.23 ? 28  ALA A N   1 
ATOM   243  C CA  . ALA A 1 49  ? -12.396 1.870   -16.350 1.00 13.11 ? 28  ALA A CA  1 
ATOM   244  C C   . ALA A 1 49  ? -11.123 1.781   -15.510 1.00 14.22 ? 28  ALA A C   1 
ATOM   245  O O   . ALA A 1 49  ? -10.269 0.917   -15.747 1.00 13.64 ? 28  ALA A O   1 
ATOM   246  C CB  . ALA A 1 49  ? -12.222 2.883   -17.458 1.00 13.67 ? 28  ALA A CB  1 
ATOM   247  N N   . THR A 1 50  ? -10.937 2.746   -14.597 1.00 14.67 ? 29  THR A N   1 
ATOM   248  C CA  . THR A 1 50  ? -9.785  2.670   -13.720 1.00 12.76 ? 29  THR A CA  1 
ATOM   249  C C   . THR A 1 50  ? -9.783  1.381   -12.901 1.00 13.33 ? 29  THR A C   1 
ATOM   250  O O   . THR A 1 50  ? -8.689  0.721   -12.785 1.00 13.69 ? 29  THR A O   1 
ATOM   251  C CB  . THR A 1 50  ? -9.725  3.957   -12.818 1.00 13.06 ? 29  THR A CB  1 
ATOM   252  O OG1 . THR A 1 50  ? -9.566  5.080   -13.716 1.00 16.26 ? 29  THR A OG1 1 
ATOM   253  C CG2 . THR A 1 50  ? -8.510  3.890   -11.892 1.00 14.46 ? 29  THR A CG2 1 
ATOM   254  N N   . ARG A 1 51  ? -10.944 0.904   -12.395 1.00 12.72 ? 30  ARG A N   1 
ATOM   255  C CA  . ARG A 1 51  ? -10.941 -0.417  -11.690 1.00 14.18 ? 30  ARG A CA  1 
ATOM   256  C C   . ARG A 1 51  ? -10.463 -1.546  -12.590 1.00 14.98 ? 30  ARG A C   1 
ATOM   257  O O   . ARG A 1 51  ? -9.735  -2.440  -12.148 1.00 14.89 ? 30  ARG A O   1 
ATOM   258  C CB  . ARG A 1 51  ? -12.348 -0.847  -11.144 1.00 14.55 ? 30  ARG A CB  1 
ATOM   259  C CG  . ARG A 1 51  ? -12.770 -0.056  -9.914  1.00 16.92 ? 30  ARG A CG  1 
ATOM   260  C CD  . ARG A 1 51  ? -13.832 -0.791  -9.111  1.00 13.93 ? 30  ARG A CD  1 
ATOM   261  N NE  . ARG A 1 51  ? -14.848 -1.379  -9.958  1.00 14.83 ? 30  ARG A NE  1 
ATOM   262  C CZ  . ARG A 1 51  ? -15.850 -0.706  -10.521 1.00 15.07 ? 30  ARG A CZ  1 
ATOM   263  N NH1 . ARG A 1 51  ? -16.000 0.618   -10.365 1.00 14.66 ? 30  ARG A NH1 1 
ATOM   264  N NH2 . ARG A 1 51  ? -16.707 -1.403  -11.298 1.00 17.55 ? 30  ARG A NH2 1 
ATOM   265  N N   . LYS A 1 52  ? -10.927 -1.550  -13.849 1.00 13.29 ? 31  LYS A N   1 
ATOM   266  C CA  . LYS A 1 52  ? -10.600 -2.711  -14.693 1.00 13.27 ? 31  LYS A CA  1 
ATOM   267  C C   . LYS A 1 52  ? -9.068  -2.700  -15.013 1.00 12.99 ? 31  LYS A C   1 
ATOM   268  O O   . LYS A 1 52  ? -8.422  -3.783  -14.994 1.00 15.31 ? 31  LYS A O   1 
ATOM   269  C CB  . LYS A 1 52  ? -11.308 -2.572  -16.030 1.00 14.23 ? 31  LYS A CB  1 
ATOM   270  C CG  . LYS A 1 52  ? -12.781 -2.769  -15.916 1.00 19.66 ? 31  LYS A CG  1 
ATOM   271  C CD  . LYS A 1 52  ? -13.054 -4.167  -15.442 1.00 21.67 ? 31  LYS A CD  1 
ATOM   272  C CE  . LYS A 1 52  ? -14.199 -4.093  -14.469 1.00 25.75 ? 31  LYS A CE  1 
ATOM   273  N NZ  . LYS A 1 52  ? -14.578 -5.385  -13.837 1.00 28.61 ? 31  LYS A NZ  1 
ATOM   274  N N   . VAL A 1 53  ? -8.543  -1.531  -15.333 1.00 12.24 ? 32  VAL A N   1 
ATOM   275  C CA  . VAL A 1 53  ? -7.113  -1.435  -15.720 1.00 13.04 ? 32  VAL A CA  1 
ATOM   276  C C   . VAL A 1 53  ? -6.227  -1.609  -14.464 1.00 13.70 ? 32  VAL A C   1 
ATOM   277  O O   . VAL A 1 53  ? -5.150  -2.284  -14.509 1.00 14.60 ? 32  VAL A O   1 
ATOM   278  C CB  . VAL A 1 53  ? -6.806  -0.113  -16.458 1.00 13.76 ? 32  VAL A CB  1 
ATOM   279  C CG1 . VAL A 1 53  ? -5.307  0.116   -16.580 0.50 12.03 ? 32  VAL A CG1 1 
ATOM   280  C CG2 . VAL A 1 53  ? -7.457  -0.149  -17.853 0.50 11.57 ? 32  VAL A CG2 1 
ATOM   281  N N   . ALA A 1 54  ? -6.652  -1.043  -13.314 1.00 13.18 ? 33  ALA A N   1 
ATOM   282  C CA  . ALA A 1 54  ? -5.808  -1.172  -12.099 1.00 13.05 ? 33  ALA A CA  1 
ATOM   283  C C   . ALA A 1 54  ? -5.885  -2.598  -11.597 1.00 14.87 ? 33  ALA A C   1 
ATOM   284  O O   . ALA A 1 54  ? -4.883  -3.123  -11.105 1.00 13.81 ? 33  ALA A O   1 
ATOM   285  C CB  . ALA A 1 54  ? -6.247  -0.160  -10.996 1.00 13.14 ? 33  ALA A CB  1 
ATOM   286  N N   . GLY A 1 55  ? -7.061  -3.236  -11.701 1.00 14.40 ? 34  GLY A N   1 
ATOM   287  C CA  . GLY A 1 55  ? -7.228  -4.611  -11.230 1.00 15.52 ? 34  GLY A CA  1 
ATOM   288  C C   . GLY A 1 55  ? -6.461  -5.665  -12.025 1.00 15.24 ? 34  GLY A C   1 
ATOM   289  O O   . GLY A 1 55  ? -6.173  -6.750  -11.523 1.00 16.87 ? 34  GLY A O   1 
ATOM   290  N N   . MET A 1 56  ? -6.107  -5.317  -13.266 1.00 14.18 ? 35  MET A N   1 
ATOM   291  C CA  . MET A 1 56  ? -5.332  -6.176  -14.084 1.00 14.16 ? 35  MET A CA  1 
ATOM   292  C C   . MET A 1 56  ? -3.854  -6.080  -13.684 1.00 13.87 ? 35  MET A C   1 
ATOM   293  O O   . MET A 1 56  ? -3.088  -6.980  -13.973 1.00 14.66 ? 35  MET A O   1 
ATOM   294  C CB  . MET A 1 56  ? -5.452  -5.817  -15.619 1.00 15.19 ? 35  MET A CB  1 
ATOM   295  C CG  . MET A 1 56  ? -6.744  -6.273  -16.258 1.00 15.17 ? 35  MET A CG  1 
ATOM   296  S SD  . MET A 1 56  ? -6.884  -8.063  -16.306 1.00 14.42 ? 35  MET A SD  1 
ATOM   297  C CE  . MET A 1 56  ? -5.604  -8.459  -17.445 1.00 17.45 ? 35  MET A CE  1 
ATOM   298  N N   . ALA A 1 57  ? -3.466  -4.934  -13.120 1.00 13.64 ? 36  ALA A N   1 
ATOM   299  C CA  . ALA A 1 57  ? -2.015  -4.728  -12.859 1.00 12.32 ? 36  ALA A CA  1 
ATOM   300  C C   . ALA A 1 57  ? -1.404  -5.749  -11.885 1.00 13.27 ? 36  ALA A C   1 
ATOM   301  O O   . ALA A 1 57  ? -2.045  -6.217  -10.914 1.00 13.10 ? 36  ALA A O   1 
ATOM   302  C CB  . ALA A 1 57  ? -1.762  -3.285  -12.371 1.00 12.88 ? 36  ALA A CB  1 
ATOM   303  N N   . LYS A 1 58  ? -0.131  -6.073  -12.114 1.00 13.75 ? 37  LYS A N   1 
ATOM   304  C CA  . LYS A 1 58  ? 0.571   -7.005  -11.235 1.00 14.28 ? 37  LYS A CA  1 
ATOM   305  C C   . LYS A 1 58  ? 1.791   -6.196  -10.791 1.00 13.45 ? 37  LYS A C   1 
ATOM   306  O O   . LYS A 1 58  ? 2.897   -6.489  -11.294 1.00 13.71 ? 37  LYS A O   1 
ATOM   307  C CB  . LYS A 1 58  ? 1.007   -8.260  -12.062 1.00 18.28 ? 37  LYS A CB  1 
ATOM   308  C CG  . LYS A 1 58  ? -0.163  -9.173  -12.452 1.00 26.64 ? 37  LYS A CG  1 
ATOM   309  C CD  . LYS A 1 58  ? -0.732  -9.847  -11.207 1.00 31.89 ? 37  LYS A CD  1 
ATOM   310  C CE  . LYS A 1 58  ? -2.044  -10.619 -11.484 1.00 37.72 ? 37  LYS A CE  1 
ATOM   311  N NZ  . LYS A 1 58  ? -3.082  -10.527 -10.383 1.00 40.33 ? 37  LYS A NZ  1 
ATOM   312  N N   . PRO A 1 59  ? 1.609   -5.127  -9.934  1.00 13.26 ? 38  PRO A N   1 
ATOM   313  C CA  . PRO A 1 59  ? 2.786   -4.298  -9.601  1.00 11.07 ? 38  PRO A CA  1 
ATOM   314  C C   . PRO A 1 59  ? 3.874   -5.026  -8.825  1.00 12.06 ? 38  PRO A C   1 
ATOM   315  O O   . PRO A 1 59  ? 3.602   -5.955  -8.061  1.00 14.24 ? 38  PRO A O   1 
ATOM   316  C CB  . PRO A 1 59  ? 2.240   -3.144  -8.747  1.00 11.71 ? 38  PRO A CB  1 
ATOM   317  C CG  . PRO A 1 59  ? 0.988   -3.755  -8.153  1.00 12.03 ? 38  PRO A CG  1 
ATOM   318  C CD  . PRO A 1 59  ? 0.408   -4.649  -9.232  1.00 12.70 ? 38  PRO A CD  1 
ATOM   319  N N   . ASN A 1 60  ? 5.116   -4.628  -9.108  1.00 12.47 ? 39  ASN A N   1 
ATOM   320  C CA  . ASN A 1 60  ? 6.184   -4.854  -8.140  1.00 13.15 ? 39  ASN A CA  1 
ATOM   321  C C   . ASN A 1 60  ? 6.129   -3.728  -7.081  1.00 13.23 ? 39  ASN A C   1 
ATOM   322  O O   . ASN A 1 60  ? 5.728   -2.593  -7.375  1.00 14.72 ? 39  ASN A O   1 
ATOM   323  C CB  . ASN A 1 60  ? 7.522   -4.782  -8.847  1.00 16.12 ? 39  ASN A CB  1 
ATOM   324  C CG  . ASN A 1 60  ? 7.867   -6.079  -9.590  1.00 21.53 ? 39  ASN A CG  1 
ATOM   325  O OD1 . ASN A 1 60  ? 8.908   -6.155  -10.190 1.00 29.79 ? 39  ASN A OD1 1 
ATOM   326  N ND2 . ASN A 1 60  ? 7.019   -7.062  -9.533  1.00 17.18 ? 39  ASN A ND2 1 
ATOM   327  N N   . MET A 1 61  ? 6.571   -4.026  -5.857  1.00 10.56 ? 40  MET A N   1 
ATOM   328  C CA  . MET A 1 61  ? 6.639   -3.035  -4.785  1.00 10.68 ? 40  MET A CA  1 
ATOM   329  C C   . MET A 1 61  ? 8.081   -2.991  -4.316  1.00 10.80 ? 40  MET A C   1 
ATOM   330  O O   . MET A 1 61  ? 8.670   -4.035  -4.042  1.00 12.20 ? 40  MET A O   1 
ATOM   331  C CB  . MET A 1 61  ? 5.769   -3.498  -3.628  1.00 11.04 ? 40  MET A CB  1 
ATOM   332  C CG  . MET A 1 61  ? 5.932   -2.652  -2.352  1.00 11.14 ? 40  MET A CG  1 
ATOM   333  S SD  . MET A 1 61  ? 4.674   -2.865  -1.122  1.00 13.03 ? 40  MET A SD  1 
ATOM   334  C CE  . MET A 1 61  ? 4.623   -4.665  -1.020  1.00 14.63 ? 40  MET A CE  1 
ATOM   335  N N   . ILE A 1 62  ? 8.654   -1.816  -4.235  1.00 10.22 ? 41  ILE A N   1 
ATOM   336  C CA  . ILE A 1 62  ? 10.052  -1.679  -3.781  1.00 11.68 ? 41  ILE A CA  1 
ATOM   337  C C   . ILE A 1 62  ? 10.069  -0.831  -2.497  1.00 10.70 ? 41  ILE A C   1 
ATOM   338  O O   . ILE A 1 62  ? 9.453   0.261   -2.462  1.00 12.49 ? 41  ILE A O   1 
ATOM   339  C CB  . ILE A 1 62  ? 10.901  -0.986  -4.829  1.00 14.05 ? 41  ILE A CB  1 
ATOM   340  C CG1 . ILE A 1 62  ? 10.898  -1.786  -6.125  1.00 17.35 ? 41  ILE A CG1 1 
ATOM   341  C CG2 . ILE A 1 62  ? 12.321  -0.850  -4.260  1.00 15.94 ? 41  ILE A CG2 1 
ATOM   342  C CD1 . ILE A 1 62  ? 9.852   -1.410  -7.169  1.00 24.13 ? 41  ILE A CD1 1 
ATOM   343  N N   . ILE A 1 63  ? 10.605  -1.395  -1.398  1.00 10.39 ? 42  ILE A N   1 
ATOM   344  C CA  . ILE A 1 63  ? 10.582  -0.711  -0.063  1.00 10.46 ? 42  ILE A CA  1 
ATOM   345  C C   . ILE A 1 63  ? 12.042  -0.493  0.340   1.00 10.60 ? 42  ILE A C   1 
ATOM   346  O O   . ILE A 1 63  ? 12.842  -1.436  0.320   1.00 11.25 ? 42  ILE A O   1 
ATOM   347  C CB  . ILE A 1 63  ? 9.842   -1.561  0.950   1.00 11.07 ? 42  ILE A CB  1 
ATOM   348  C CG1 . ILE A 1 63  ? 8.371   -1.712  0.510   1.00 11.77 ? 42  ILE A CG1 1 
ATOM   349  C CG2 . ILE A 1 63  ? 9.933   -0.899  2.375   1.00 10.51 ? 42  ILE A CG2 1 
ATOM   350  C CD1 . ILE A 1 63  ? 7.606   -2.685  1.395   1.00 10.99 ? 42  ILE A CD1 1 
ATOM   351  N N   . SER A 1 64  ? 12.405  0.748   0.677   1.00 11.60 ? 43  SER A N   1 
ATOM   352  C CA  . SER A 1 64  ? 13.773  1.046   1.167   1.00 12.61 ? 43  SER A CA  1 
ATOM   353  C C   . SER A 1 64  ? 13.742  1.980   2.340   1.00 12.90 ? 43  SER A C   1 
ATOM   354  O O   . SER A 1 64  ? 12.765  2.714   2.558   1.00 12.03 ? 43  SER A O   1 
ATOM   355  C CB  . SER A 1 64  ? 14.679  1.608   0.060   1.00 18.24 ? 43  SER A CB  1 
ATOM   356  O OG  . SER A 1 64  ? 14.097  2.678   -0.571  1.00 21.16 ? 43  SER A OG  1 
ATOM   357  N N   . VAL A 1 65  ? 14.817  1.951   3.115   1.00 12.89 ? 44  VAL A N   1 
ATOM   358  C CA  . VAL A 1 65  ? 14.927  2.847   4.312   1.00 15.14 ? 44  VAL A CA  1 
ATOM   359  C C   . VAL A 1 65  ? 16.270  3.591   4.265   1.00 15.56 ? 44  VAL A C   1 
ATOM   360  O O   . VAL A 1 65  ? 17.339  3.020   3.865   1.00 16.92 ? 44  VAL A O   1 
ATOM   361  C CB  . VAL A 1 65  ? 14.827  2.083   5.620   1.00 15.49 ? 44  VAL A CB  1 
ATOM   362  C CG1 . VAL A 1 65  ? 14.955  3.068   6.783   1.00 19.59 ? 44  VAL A CG1 1 
ATOM   363  C CG2 . VAL A 1 65  ? 13.482  1.368   5.718   1.00 16.81 ? 44  VAL A CG2 1 
ATOM   364  N N   . ASN A 1 66  ? 16.223  4.887   4.595   1.00 13.45 ? 45  ASN A N   1 
ATOM   365  C CA  . ASN A 1 66  ? 17.446  5.743   4.623   1.00 13.09 ? 45  ASN A CA  1 
ATOM   366  C C   . ASN A 1 66  ? 17.275  6.680   5.820   1.00 13.42 ? 45  ASN A C   1 
ATOM   367  O O   . ASN A 1 66  ? 16.474  7.609   5.814   1.00 13.01 ? 45  ASN A O   1 
ATOM   368  C CB  . ASN A 1 66  ? 17.644  6.465   3.301   1.00 12.94 ? 45  ASN A CB  1 
ATOM   369  C CG  . ASN A 1 66  ? 18.920  7.320   3.280   1.00 13.13 ? 45  ASN A CG  1 
ATOM   370  O OD1 . ASN A 1 66  ? 19.281  7.910   4.284   1.00 14.11 ? 45  ASN A OD1 1 
ATOM   371  N ND2 . ASN A 1 66  ? 19.544  7.444   2.104   1.00 12.91 ? 45  ASN A ND2 1 
ATOM   372  N N   . GLY A 1 67  ? 18.070  6.447   6.854   1.00 15.47 ? 46  GLY A N   1 
ATOM   373  C CA  . GLY A 1 67  ? 17.810  7.039   8.192   1.00 17.37 ? 46  GLY A CA  1 
ATOM   374  C C   . GLY A 1 67  ? 16.391  6.859   8.668   1.00 17.26 ? 46  GLY A C   1 
ATOM   375  O O   . GLY A 1 67  ? 15.901  5.721   8.889   1.00 18.54 ? 46  GLY A O   1 
ATOM   376  N N   . ASP A 1 68  ? 15.736  7.995   8.893   1.00 17.01 ? 47  ASP A N   1 
ATOM   377  C CA  . ASP A 1 68  ? 14.329  7.976   9.374   1.00 16.22 ? 47  ASP A CA  1 
ATOM   378  C C   . ASP A 1 68  ? 13.326  7.944   8.254   1.00 15.13 ? 47  ASP A C   1 
ATOM   379  O O   . ASP A 1 68  ? 12.128  7.900   8.523   1.00 16.19 ? 47  ASP A O   1 
ATOM   380  C CB  . ASP A 1 68  ? 14.056  9.235   10.205  1.00 18.93 ? 47  ASP A CB  1 
ATOM   381  C CG  . ASP A 1 68  ? 14.880  9.283   11.508  1.00 25.06 ? 47  ASP A CG  1 
ATOM   382  O OD1 . ASP A 1 68  ? 15.251  8.211   12.026  1.00 26.70 ? 47  ASP A OD1 1 
ATOM   383  O OD2 . ASP A 1 68  ? 15.109  10.404  12.014  1.00 34.23 ? 47  ASP A OD2 1 
ATOM   384  N N   . VAL A 1 69  ? 13.804  7.979   7.019   1.00 12.33 ? 48  VAL A N   1 
ATOM   385  C CA  . VAL A 1 69  ? 12.920  8.095   5.861   1.00 12.01 ? 48  VAL A CA  1 
ATOM   386  C C   . VAL A 1 69  ? 12.679  6.741   5.201   1.00 11.75 ? 48  VAL A C   1 
ATOM   387  O O   . VAL A 1 69  ? 13.617  6.074   4.714   1.00 13.33 ? 48  VAL A O   1 
ATOM   388  C CB  . VAL A 1 69  ? 13.500  9.075   4.809   1.00 12.38 ? 48  VAL A CB  1 
ATOM   389  C CG1 . VAL A 1 69  ? 12.463  9.223   3.700   1.00 12.10 ? 48  VAL A CG1 1 
ATOM   390  C CG2 . VAL A 1 69  ? 13.728  10.454  5.463   1.00 13.71 ? 48  VAL A CG2 1 
ATOM   391  N N   . ILE A 1 70  ? 11.397  6.344   5.113   1.00 10.20 ? 49  ILE A N   1 
ATOM   392  C CA  . ILE A 1 70  ? 11.041  5.094   4.455   1.00 10.84 ? 49  ILE A CA  1 
ATOM   393  C C   . ILE A 1 70  ? 10.482  5.467   3.072   1.00 10.38 ? 49  ILE A C   1 
ATOM   394  O O   . ILE A 1 70  ? 9.751   6.443   2.966   1.00 11.62 ? 49  ILE A O   1 
ATOM   395  C CB  . ILE A 1 70  ? 9.937   4.363   5.259   1.00 10.78 ? 49  ILE A CB  1 
ATOM   396  C CG1 . ILE A 1 70  ? 10.464  4.072   6.668   1.00 10.80 ? 49  ILE A CG1 1 
ATOM   397  C CG2 . ILE A 1 70  ? 9.498   3.060   4.584   1.00 10.16 ? 49  ILE A CG2 1 
ATOM   398  C CD1 . ILE A 1 70  ? 9.395   3.533   7.620   1.00 14.29 ? 49  ILE A CD1 1 
ATOM   399  N N   . THR A 1 71  ? 10.797  4.675   2.039   1.00 9.49  ? 50  THR A N   1 
ATOM   400  C CA  . THR A 1 71  ? 10.260  4.935   0.693   1.00 10.05 ? 50  THR A CA  1 
ATOM   401  C C   . THR A 1 71  ? 9.590   3.645   0.205   1.00 10.53 ? 50  THR A C   1 
ATOM   402  O O   . THR A 1 71  ? 10.142  2.552   0.374   1.00 10.47 ? 50  THR A O   1 
ATOM   403  C CB  . THR A 1 71  ? 11.392  5.386   -0.312  1.00 10.80 ? 50  THR A CB  1 
ATOM   404  O OG1 . THR A 1 71  ? 11.990  6.629   0.105   1.00 11.13 ? 50  THR A OG1 1 
ATOM   405  C CG2 . THR A 1 71  ? 10.868  5.516   -1.774  1.00 10.35 ? 50  THR A CG2 1 
ATOM   406  N N   . ILE A 1 72  ? 8.358   3.785   -0.296  1.00 9.16  ? 51  ILE A N   1 
ATOM   407  C CA  . ILE A 1 72  ? 7.582   2.633   -0.896  1.00 9.46  ? 51  ILE A CA  1 
ATOM   408  C C   . ILE A 1 72  ? 7.206   3.065   -2.327  1.00 9.64  ? 51  ILE A C   1 
ATOM   409  O O   . ILE A 1 72  ? 6.568   4.123   -2.493  1.00 10.38 ? 51  ILE A O   1 
ATOM   410  C CB  . ILE A 1 72  ? 6.271   2.323   -0.126  1.00 9.31  ? 51  ILE A CB  1 
ATOM   411  C CG1 . ILE A 1 72  ? 6.611   1.925   1.307   1.00 9.03  ? 51  ILE A CG1 1 
ATOM   412  C CG2 . ILE A 1 72  ? 5.498   1.191   -0.791  1.00 9.56  ? 51  ILE A CG2 1 
ATOM   413  C CD1 . ILE A 1 72  ? 5.411   1.686   2.225   1.00 9.12  ? 51  ILE A CD1 1 
ATOM   414  N N   . LYS A 1 73  ? 7.679   2.292   -3.311  1.00 10.19 ? 52  LYS A N   1 
ATOM   415  C CA  . LYS A 1 73  ? 7.407   2.522   -4.724  1.00 11.87 ? 52  LYS A CA  1 
ATOM   416  C C   . LYS A 1 73  ? 6.597   1.372   -5.303  1.00 11.99 ? 52  LYS A C   1 
ATOM   417  O O   . LYS A 1 73  ? 6.737   0.218   -4.905  1.00 10.90 ? 52  LYS A O   1 
ATOM   418  C CB  . LYS A 1 73  ? 8.731   2.613   -5.484  1.00 13.20 ? 52  LYS A CB  1 
ATOM   419  C CG  . LYS A 1 73  ? 9.665   3.728   -5.112  1.00 19.36 ? 52  LYS A CG  1 
ATOM   420  C CD  . LYS A 1 73  ? 10.897  3.700   -6.074  1.00 25.41 ? 52  LYS A CD  1 
ATOM   421  C CE  . LYS A 1 73  ? 11.516  5.115   -6.137  1.00 32.35 ? 52  LYS A CE  1 
ATOM   422  N NZ  . LYS A 1 73  ? 12.881  5.200   -6.768  1.00 36.43 ? 52  LYS A NZ  1 
ATOM   423  N N   . SER A 1 74  ? 5.724   1.696   -6.263  1.00 11.95 ? 53  SER A N   1 
ATOM   424  C CA  . SER A 1 74  ? 5.127   0.630   -7.098  1.00 12.75 ? 53  SER A CA  1 
ATOM   425  C C   . SER A 1 74  ? 5.709   0.784   -8.491  1.00 13.16 ? 53  SER A C   1 
ATOM   426  O O   . SER A 1 74  ? 6.112   1.901   -8.914  1.00 15.36 ? 53  SER A O   1 
ATOM   427  C CB  . SER A 1 74  ? 3.629   0.765   -7.225  1.00 12.16 ? 53  SER A CB  1 
ATOM   428  O OG  . SER A 1 74  ? 3.223   2.012   -7.778  1.00 12.93 ? 53  SER A OG  1 
ATOM   429  N N   . GLU A 1 75  ? 5.789   -0.328  -9.204  1.00 14.45 ? 54  GLU A N   1 
ATOM   430  C CA  . GLU A 1 75  ? 6.176   -0.254  -10.598 1.00 17.10 ? 54  GLU A CA  1 
ATOM   431  C C   . GLU A 1 75  ? 5.231   -1.167  -11.387 1.00 15.94 ? 54  GLU A C   1 
ATOM   432  O O   . GLU A 1 75  ? 5.144   -2.370  -11.063 1.00 14.24 ? 54  GLU A O   1 
ATOM   433  C CB  . GLU A 1 75  ? 7.615   -0.773  -10.737 1.00 20.24 ? 54  GLU A CB  1 
ATOM   434  C CG  . GLU A 1 75  ? 8.209   -0.567  -12.093 1.00 29.01 ? 54  GLU A CG  1 
ATOM   435  C CD  . GLU A 1 75  ? 9.628   -1.123  -12.144 1.00 35.28 ? 54  GLU A CD  1 
ATOM   436  O OE1 . GLU A 1 75  ? 9.926   -1.876  -13.103 1.00 44.82 ? 54  GLU A OE1 1 
ATOM   437  O OE2 . GLU A 1 75  ? 10.414  -0.829  -11.208 1.00 33.93 ? 54  GLU A OE2 1 
ATOM   438  N N   . SER A 1 76  ? 4.549   -0.633  -12.419 1.00 13.30 ? 55  SER A N   1 
ATOM   439  C CA  . SER A 1 76  ? 3.621   -1.513  -13.152 1.00 14.49 ? 55  SER A CA  1 
ATOM   440  C C   . SER A 1 76  ? 3.318   -0.958  -14.512 1.00 13.84 ? 55  SER A C   1 
ATOM   441  O O   . SER A 1 76  ? 3.822   0.118   -14.868 1.00 13.69 ? 55  SER A O   1 
ATOM   442  C CB  . SER A 1 76  ? 2.302   -1.673  -12.415 1.00 13.49 ? 55  SER A CB  1 
ATOM   443  O OG  . SER A 1 76  ? 1.469   -0.547  -12.517 1.00 15.76 ? 55  SER A OG  1 
ATOM   444  N N   . THR A 1 77  ? 2.524   -1.727  -15.287 1.00 16.00 ? 56  THR A N   1 
ATOM   445  C CA  . THR A 1 77  ? 2.077   -1.222  -16.614 1.00 17.93 ? 56  THR A CA  1 
ATOM   446  C C   . THR A 1 77  ? 1.008   -0.164  -16.497 1.00 17.66 ? 56  THR A C   1 
ATOM   447  O O   . THR A 1 77  ? 0.733   0.584   -17.474 1.00 22.02 ? 56  THR A O   1 
ATOM   448  C CB  . THR A 1 77  ? 1.471   -2.370  -17.472 1.00 21.05 ? 56  THR A CB  1 
ATOM   449  O OG1 . THR A 1 77  ? 0.474   -3.051  -16.687 1.00 27.40 ? 56  THR A OG1 1 
ATOM   450  C CG2 . THR A 1 77  ? 2.582   -3.339  -17.895 1.00 21.98 ? 56  THR A CG2 1 
ATOM   451  N N   . PHE A 1 78  ? 0.391   -0.076  -15.326 1.00 16.71 ? 57  PHE A N   1 
ATOM   452  C CA  . PHE A 1 78  ? -0.664  0.896   -15.115 1.00 16.86 ? 57  PHE A CA  1 
ATOM   453  C C   . PHE A 1 78  ? -0.095  2.241   -14.631 1.00 19.29 ? 57  PHE A C   1 
ATOM   454  O O   . PHE A 1 78  ? -0.035  3.209   -15.433 1.00 18.36 ? 57  PHE A O   1 
ATOM   455  C CB  . PHE A 1 78  ? -1.701  0.316   -14.157 1.00 17.99 ? 57  PHE A CB  1 
ATOM   456  C CG  . PHE A 1 78  ? -2.671  1.322   -13.665 1.00 21.52 ? 57  PHE A CG  1 
ATOM   457  C CD1 . PHE A 1 78  ? -3.382  2.132   -14.563 1.00 21.47 ? 57  PHE A CD1 1 
ATOM   458  C CD2 . PHE A 1 78  ? -2.929  1.421   -12.330 1.00 18.18 ? 57  PHE A CD2 1 
ATOM   459  C CE1 . PHE A 1 78  ? -4.323  3.031   -14.107 1.00 23.02 ? 57  PHE A CE1 1 
ATOM   460  C CE2 . PHE A 1 78  ? -3.836  2.338   -11.854 1.00 22.54 ? 57  PHE A CE2 1 
ATOM   461  C CZ  . PHE A 1 78  ? -4.569  3.134   -12.740 1.00 23.71 ? 57  PHE A CZ  1 
ATOM   462  N N   . LYS A 1 79  ? 0.430   2.262   -13.400 1.00 17.46 ? 58  LYS A N   1 
ATOM   463  C CA  . LYS A 1 79  ? 1.058   3.467   -12.816 1.00 16.53 ? 58  LYS A CA  1 
ATOM   464  C C   . LYS A 1 79  ? 2.322   3.060   -12.067 1.00 14.93 ? 58  LYS A C   1 
ATOM   465  O O   . LYS A 1 79  ? 2.456   1.940   -11.579 1.00 13.44 ? 58  LYS A O   1 
ATOM   466  C CB  . LYS A 1 79  ? 0.108   4.246   -11.844 1.00 17.61 ? 58  LYS A CB  1 
ATOM   467  C CG  . LYS A 1 79  ? -1.234  4.699   -12.421 1.00 21.05 ? 58  LYS A CG  1 
ATOM   468  C CD  . LYS A 1 79  ? -1.133  6.097   -12.984 1.00 30.01 ? 58  LYS A CD  1 
ATOM   469  C CE  . LYS A 1 79  ? -2.478  6.637   -13.461 1.00 32.43 ? 58  LYS A CE  1 
ATOM   470  N NZ  . LYS A 1 79  ? -2.248  8.023   -13.989 1.00 38.19 ? 58  LYS A NZ  1 
ATOM   471  N N   . ASN A 1 80  ? 3.297   3.971   -12.027 1.00 14.88 ? 59  ASN A N   1 
ATOM   472  C CA  . ASN A 1 80  ? 4.382   3.847   -11.067 1.00 14.92 ? 59  ASN A CA  1 
ATOM   473  C C   . ASN A 1 80  ? 4.177   4.918   -9.959  1.00 16.25 ? 59  ASN A C   1 
ATOM   474  O O   . ASN A 1 80  ? 3.972   6.088   -10.282 1.00 20.30 ? 59  ASN A O   1 
ATOM   475  C CB  . ASN A 1 80  ? 5.687   4.113   -11.751 1.00 17.68 ? 59  ASN A CB  1 
ATOM   476  C CG  . ASN A 1 80  ? 5.989   3.153   -12.853 1.00 21.23 ? 59  ASN A CG  1 
ATOM   477  O OD1 . ASN A 1 80  ? 5.585   1.995   -12.885 1.00 19.39 ? 59  ASN A OD1 1 
ATOM   478  N ND2 . ASN A 1 80  ? 6.827   3.625   -13.742 1.00 24.00 ? 59  ASN A ND2 1 
ATOM   479  N N   . THR A 1 81  ? 4.113   4.535   -8.687  1.00 13.92 ? 60  THR A N   1 
ATOM   480  C CA  . THR A 1 81  ? 3.899   5.527   -7.639  1.00 12.78 ? 60  THR A CA  1 
ATOM   481  C C   . THR A 1 81  ? 5.107   5.497   -6.671  1.00 12.55 ? 60  THR A C   1 
ATOM   482  O O   . THR A 1 81  ? 5.832   4.515   -6.624  1.00 12.34 ? 60  THR A O   1 
ATOM   483  C CB  . THR A 1 81  ? 2.654   5.218   -6.808  1.00 12.71 ? 60  THR A CB  1 
ATOM   484  O OG1 . THR A 1 81  ? 2.851   3.960   -6.135  1.00 14.02 ? 60  THR A OG1 1 
ATOM   485  C CG2 . THR A 1 81  ? 1.367   5.098   -7.753  1.00 13.17 ? 60  THR A CG2 1 
ATOM   486  N N   . GLU A 1 82  ? 5.288   6.591   -5.908  1.00 12.75 ? 61  GLU A N   1 
ATOM   487  C CA  . GLU A 1 82  ? 6.347   6.628   -4.934  1.00 13.00 ? 61  GLU A CA  1 
ATOM   488  C C   . GLU A 1 82  ? 5.968   7.510   -3.761  1.00 11.84 ? 61  GLU A C   1 
ATOM   489  O O   . GLU A 1 82  ? 5.516   8.673   -3.962  1.00 13.73 ? 61  GLU A O   1 
ATOM   490  C CB  . GLU A 1 82  ? 7.625   7.121   -5.598  1.00 14.98 ? 61  GLU A CB  1 
ATOM   491  C CG  . GLU A 1 82  ? 8.750   7.431   -4.647  1.00 18.95 ? 61  GLU A CG  1 
ATOM   492  C CD  . GLU A 1 82  ? 9.985   7.888   -5.411  1.00 25.65 ? 61  GLU A CD  1 
ATOM   493  O OE1 . GLU A 1 82  ? 10.789  8.593   -4.789  1.00 28.75 ? 61  GLU A OE1 1 
ATOM   494  O OE2 . GLU A 1 82  ? 10.134  7.575   -6.646  1.00 29.86 ? 61  GLU A OE2 1 
ATOM   495  N N   . ILE A 1 83  ? 6.166   6.981   -2.548  1.00 10.78 ? 62  ILE A N   1 
ATOM   496  C CA  . ILE A 1 83  ? 5.990   7.813   -1.354  1.00 10.17 ? 62  ILE A CA  1 
ATOM   497  C C   . ILE A 1 83  ? 7.209   7.688   -0.443  1.00 9.30  ? 62  ILE A C   1 
ATOM   498  O O   . ILE A 1 83  ? 7.766   6.596   -0.241  1.00 10.50 ? 62  ILE A O   1 
ATOM   499  C CB  . ILE A 1 83  ? 4.679   7.460   -0.507  1.00 9.71  ? 62  ILE A CB  1 
ATOM   500  C CG1 . ILE A 1 83  ? 4.598   5.971   -0.074  1.00 9.68  ? 62  ILE A CG1 1 
ATOM   501  C CG2 . ILE A 1 83  ? 3.438   7.887   -1.304  1.00 10.30 ? 62  ILE A CG2 1 
ATOM   502  C CD1 . ILE A 1 83  ? 3.493   5.669   0.972   1.00 11.02 ? 62  ILE A CD1 1 
ATOM   503  N N   . SER A 1 84  ? 7.626   8.818   0.129   1.00 10.13 ? 63  SER A N   1 
ATOM   504  C CA  . SER A 1 84  ? 8.684   8.810   1.152   1.00 11.19 ? 63  SER A CA  1 
ATOM   505  C C   . SER A 1 84  ? 8.158   9.561   2.357   1.00 11.79 ? 63  SER A C   1 
ATOM   506  O O   . SER A 1 84  ? 7.511   10.575  2.219   1.00 12.64 ? 63  SER A O   1 
ATOM   507  C CB  . SER A 1 84  ? 9.968   9.507   0.673   1.00 12.60 ? 63  SER A CB  1 
ATOM   508  O OG  . SER A 1 84  ? 10.498  8.818   -0.405  1.00 13.68 ? 63  SER A OG  1 
ATOM   509  N N   . PHE A 1 85  ? 8.461   9.063   3.536   1.00 10.25 ? 64  PHE A N   1 
ATOM   510  C CA  . PHE A 1 85  ? 7.802   9.524   4.768   1.00 10.52 ? 64  PHE A CA  1 
ATOM   511  C C   . PHE A 1 85  ? 8.598   9.133   5.997   1.00 10.88 ? 64  PHE A C   1 
ATOM   512  O O   . PHE A 1 85  ? 9.456   8.243   5.945   1.00 11.39 ? 64  PHE A O   1 
ATOM   513  C CB  . PHE A 1 85  ? 6.362   8.907   4.893   1.00 10.64 ? 64  PHE A CB  1 
ATOM   514  C CG  . PHE A 1 85  ? 6.324   7.411   4.863   1.00 9.83  ? 64  PHE A CG  1 
ATOM   515  C CD1 . PHE A 1 85  ? 6.268   6.695   3.643   1.00 10.32 ? 64  PHE A CD1 1 
ATOM   516  C CD2 . PHE A 1 85  ? 6.401   6.679   6.071   1.00 10.43 ? 64  PHE A CD2 1 
ATOM   517  C CE1 . PHE A 1 85  ? 6.300   5.314   3.597   1.00 10.93 ? 64  PHE A CE1 1 
ATOM   518  C CE2 . PHE A 1 85  ? 6.391   5.301   6.031   1.00 11.48 ? 64  PHE A CE2 1 
ATOM   519  C CZ  . PHE A 1 85  ? 6.323   4.624   4.800   1.00 10.76 ? 64  PHE A CZ  1 
ATOM   520  N N   . ILE A 1 86  ? 8.265   9.803   7.127   1.00 10.66 ? 65  ILE A N   1 
ATOM   521  C CA  . ILE A 1 86  ? 8.829   9.492   8.448   1.00 10.57 ? 65  ILE A CA  1 
ATOM   522  C C   . ILE A 1 86  ? 7.635   8.962   9.272   1.00 11.05 ? 65  ILE A C   1 
ATOM   523  O O   . ILE A 1 86  ? 6.555   9.503   9.164   1.00 11.14 ? 65  ILE A O   1 
ATOM   524  C CB  . ILE A 1 86  ? 9.439   10.805  9.103   1.00 12.26 ? 65  ILE A CB  1 
ATOM   525  C CG1 . ILE A 1 86  ? 10.583  11.311  8.156   1.00 13.46 ? 65  ILE A CG1 1 
ATOM   526  C CG2 . ILE A 1 86  ? 9.865   10.522  10.554  1.00 11.80 ? 65  ILE A CG2 1 
ATOM   527  C CD1 . ILE A 1 86  ? 11.255  12.603  8.628   1.00 17.31 ? 65  ILE A CD1 1 
ATOM   528  N N   . LEU A 1 87  ? 7.839   7.883   10.027  1.00 10.28 ? 66  LEU A N   1 
ATOM   529  C CA  . LEU A 1 87  ? 6.714   7.302   10.835  1.00 11.38 ? 66  LEU A CA  1 
ATOM   530  C C   . LEU A 1 87  ? 6.098   8.331   11.790  1.00 12.22 ? 66  LEU A C   1 
ATOM   531  O O   . LEU A 1 87  ? 6.790   9.136   12.445  1.00 13.43 ? 66  LEU A O   1 
ATOM   532  C CB  . LEU A 1 87  ? 7.203   6.123   11.661  1.00 12.05 ? 66  LEU A CB  1 
ATOM   533  C CG  . LEU A 1 87  ? 7.746   4.912   10.844  1.00 12.10 ? 66  LEU A CG  1 
ATOM   534  C CD1 . LEU A 1 87  ? 8.492   3.974   11.787  1.00 13.40 ? 66  LEU A CD1 1 
ATOM   535  C CD2 . LEU A 1 87  ? 6.612   4.169   10.080  1.00 13.14 ? 66  LEU A CD2 1 
ATOM   536  N N   . GLY A 1 88  ? 4.786   8.346   11.796  1.00 10.92 ? 67  GLY A N   1 
ATOM   537  C CA  . GLY A 1 88  ? 4.008   9.237   12.611  1.00 12.15 ? 67  GLY A CA  1 
ATOM   538  C C   . GLY A 1 88  ? 3.846   10.651  12.098  1.00 13.04 ? 67  GLY A C   1 
ATOM   539  O O   . GLY A 1 88  ? 3.105   11.416  12.736  1.00 13.72 ? 67  GLY A O   1 
ATOM   540  N N   . GLN A 1 89  ? 4.450   11.007  10.947  1.00 13.26 ? 68  GLN A N   1 
ATOM   541  C CA  . GLN A 1 89  ? 4.487   12.394  10.429  1.00 13.05 ? 68  GLN A CA  1 
ATOM   542  C C   . GLN A 1 89  ? 3.631   12.445  9.146   1.00 12.43 ? 68  GLN A C   1 
ATOM   543  O O   . GLN A 1 89  ? 3.965   11.839  8.146   1.00 11.12 ? 68  GLN A O   1 
ATOM   544  C CB  . GLN A 1 89  ? 5.911   12.929  10.193  1.00 14.79 ? 68  GLN A CB  1 
ATOM   545  C CG  . GLN A 1 89  ? 6.693   12.833  11.519  1.00 15.53 ? 68  GLN A CG  1 
ATOM   546  C CD  . GLN A 1 89  ? 8.037   13.518  11.528  1.00 18.44 ? 68  GLN A CD  1 
ATOM   547  O OE1 . GLN A 1 89  ? 8.465   14.160  10.546  1.00 19.04 ? 68  GLN A OE1 1 
ATOM   548  N NE2 . GLN A 1 89  ? 8.714   13.393  12.682  1.00 19.31 ? 68  GLN A NE2 1 
ATOM   549  N N   . GLU A 1 90  ? 2.525   13.181  9.198   1.00 11.30 ? 69  GLU A N   1 
ATOM   550  C CA  . GLU A 1 90  ? 1.519   13.182  8.173   1.00 13.23 ? 69  GLU A CA  1 
ATOM   551  C C   . GLU A 1 90  ? 2.144   13.825  6.913   1.00 12.91 ? 69  GLU A C   1 
ATOM   552  O O   . GLU A 1 90  ? 2.977   14.798  6.994   1.00 12.55 ? 69  GLU A O   1 
ATOM   553  C CB  . GLU A 1 90  ? 0.331   14.042  8.623   1.00 14.96 ? 69  GLU A CB  1 
ATOM   554  C CG  . GLU A 1 90  ? -0.739  14.223  7.561   1.00 18.67 ? 69  GLU A CG  1 
ATOM   555  C CD  . GLU A 1 90  ? -1.943  14.907  8.162   1.00 22.76 ? 69  GLU A CD  1 
ATOM   556  O OE1 . GLU A 1 90  ? -1.776  16.068  8.487   1.00 27.37 ? 69  GLU A OE1 1 
ATOM   557  O OE2 . GLU A 1 90  ? -3.001  14.270  8.311   1.00 25.38 ? 69  GLU A OE2 1 
ATOM   558  N N   . PHE A 1 91  ? 1.722   13.324  5.768   1.00 12.10 ? 70  PHE A N   1 
ATOM   559  C CA  . PHE A 1 91  ? 2.197   13.818  4.464   1.00 12.00 ? 70  PHE A CA  1 
ATOM   560  C C   . PHE A 1 91  ? 1.067   13.824  3.404   1.00 14.32 ? 70  PHE A C   1 
ATOM   561  O O   . PHE A 1 91  ? 0.048   13.173  3.553   1.00 12.70 ? 70  PHE A O   1 
ATOM   562  C CB  . PHE A 1 91  ? 3.437   13.020  3.936   1.00 10.82 ? 70  PHE A CB  1 
ATOM   563  C CG  . PHE A 1 91  ? 3.162   11.521  3.740   1.00 11.71 ? 70  PHE A CG  1 
ATOM   564  C CD1 . PHE A 1 91  ? 3.203   10.638  4.837   1.00 10.83 ? 70  PHE A CD1 1 
ATOM   565  C CD2 . PHE A 1 91  ? 2.916   10.990  2.467   1.00 10.94 ? 70  PHE A CD2 1 
ATOM   566  C CE1 . PHE A 1 91  ? 2.964   9.253   4.673   1.00 10.84 ? 70  PHE A CE1 1 
ATOM   567  C CE2 . PHE A 1 91  ? 2.691   9.622   2.309   1.00 12.35 ? 70  PHE A CE2 1 
ATOM   568  C CZ  . PHE A 1 91  ? 2.713   8.728   3.408   1.00 11.26 ? 70  PHE A CZ  1 
ATOM   569  N N   . ASP A 1 92  ? 1.338   14.534  2.284   1.00 12.69 ? 71  ASP A N   1 
ATOM   570  C CA  . ASP A 1 92  ? 0.420   14.509  1.125   1.00 16.59 ? 71  ASP A CA  1 
ATOM   571  C C   . ASP A 1 92  ? 0.771   13.440  0.151   1.00 14.13 ? 71  ASP A C   1 
ATOM   572  O O   . ASP A 1 92  ? 1.955   13.184  -0.085  1.00 16.91 ? 71  ASP A O   1 
ATOM   573  C CB  . ASP A 1 92  ? 0.528   15.818  0.330   1.00 19.37 ? 71  ASP A CB  1 
ATOM   574  C CG  . ASP A 1 92  ? 0.110   16.963  1.115   1.00 24.29 ? 71  ASP A CG  1 
ATOM   575  O OD1 . ASP A 1 92  ? -0.991  16.912  1.720   1.00 25.92 ? 71  ASP A OD1 1 
ATOM   576  O OD2 . ASP A 1 92  ? 0.920   17.915  1.125   1.00 23.17 ? 71  ASP A OD2 1 
ATOM   577  N N   . GLU A 1 93  ? -0.245  12.708  -0.331  1.00 13.30 ? 72  GLU A N   1 
ATOM   578  C CA  . GLU A 1 93  ? -0.030  11.552  -1.227  1.00 13.68 ? 72  GLU A CA  1 
ATOM   579  C C   . GLU A 1 93  ? -1.041  11.679  -2.383  1.00 15.45 ? 72  GLU A C   1 
ATOM   580  O O   . GLU A 1 93  ? -2.168  12.026  -2.143  1.00 16.15 ? 72  GLU A O   1 
ATOM   581  C CB  . GLU A 1 93  ? -0.285  10.203  -0.478  1.00 12.91 ? 72  GLU A CB  1 
ATOM   582  C CG  . GLU A 1 93  ? -0.160  8.996   -1.440  1.00 14.23 ? 72  GLU A CG  1 
ATOM   583  C CD  . GLU A 1 93  ? -0.317  7.668   -0.725  1.00 13.67 ? 72  GLU A CD  1 
ATOM   584  O OE1 . GLU A 1 93  ? -0.703  7.662   0.461   1.00 14.03 ? 72  GLU A OE1 1 
ATOM   585  O OE2 . GLU A 1 93  ? -0.101  6.623   -1.375  1.00 15.61 ? 72  GLU A OE2 1 
ATOM   586  N N   . VAL A 1 94  ? -0.619  11.446  -3.613  1.00 16.58 ? 73  VAL A N   1 
ATOM   587  C CA  . VAL A 1 94  ? -1.605  11.250  -4.718  1.00 17.46 ? 73  VAL A CA  1 
ATOM   588  C C   . VAL A 1 94  ? -1.578  9.727   -5.049  1.00 16.26 ? 73  VAL A C   1 
ATOM   589  O O   . VAL A 1 94  ? -0.520  9.152   -5.409  1.00 17.24 ? 73  VAL A O   1 
ATOM   590  C CB  . VAL A 1 94  ? -1.199  12.080  -5.950  1.00 22.02 ? 73  VAL A CB  1 
ATOM   591  C CG1 . VAL A 1 94  ? -2.072  11.748  -7.192  1.00 25.34 ? 73  VAL A CG1 1 
ATOM   592  C CG2 . VAL A 1 94  ? -1.208  13.595  -5.620  1.00 20.47 ? 73  VAL A CG2 1 
ATOM   593  N N   . THR A 1 95  ? -2.718  9.034   -4.900  1.00 13.98 ? 74  THR A N   1 
ATOM   594  C CA  . THR A 1 95  ? -2.778  7.593   -5.076  1.00 14.76 ? 74  THR A CA  1 
ATOM   595  C C   . THR A 1 95  ? -2.835  7.150   -6.570  1.00 14.52 ? 74  THR A C   1 
ATOM   596  O O   . THR A 1 95  ? -2.971  8.058   -7.451  1.00 17.39 ? 74  THR A O   1 
ATOM   597  C CB  . THR A 1 95  ? -4.041  7.079   -4.332  1.00 12.88 ? 74  THR A CB  1 
ATOM   598  O OG1 . THR A 1 95  ? -5.181  7.639   -5.028  1.00 14.60 ? 74  THR A OG1 1 
ATOM   599  C CG2 . THR A 1 95  ? -4.063  7.651   -2.900  1.00 14.30 ? 74  THR A CG2 1 
ATOM   600  N N   . ALA A 1 96  ? -2.798  5.850   -6.832  1.00 16.04 ? 75  ALA A N   1 
ATOM   601  C CA  . ALA A 1 96  ? -2.686  5.279   -8.233  1.00 17.72 ? 75  ALA A CA  1 
ATOM   602  C C   . ALA A 1 96  ? -3.996  5.620   -9.001  1.00 18.51 ? 75  ALA A C   1 
ATOM   603  O O   . ALA A 1 96  ? -4.022  5.801   -10.262 1.00 19.75 ? 75  ALA A O   1 
ATOM   604  C CB  . ALA A 1 96  ? -2.522  3.772   -8.183  1.00 17.06 ? 75  ALA A CB  1 
ATOM   605  N N   . ASP A 1 97  ? -5.084  5.737   -8.247  1.00 15.52 ? 76  ASP A N   1 
ATOM   606  C CA  . ASP A 1 97  ? -6.406  6.142   -8.841  1.00 15.95 ? 76  ASP A CA  1 
ATOM   607  C C   . ASP A 1 97  ? -6.636  7.684   -8.797  1.00 19.09 ? 76  ASP A C   1 
ATOM   608  O O   . ASP A 1 97  ? -7.762  8.182   -8.978  1.00 20.34 ? 76  ASP A O   1 
ATOM   609  C CB  . ASP A 1 97  ? -7.551  5.356   -8.152  1.00 17.36 ? 76  ASP A CB  1 
ATOM   610  C CG  . ASP A 1 97  ? -7.623  5.636   -6.653  1.00 15.64 ? 76  ASP A CG  1 
ATOM   611  O OD1 . ASP A 1 97  ? -6.563  5.476   -5.993  1.00 15.77 ? 76  ASP A OD1 1 
ATOM   612  O OD2 . ASP A 1 97  ? -8.684  6.057   -6.158  1.00 16.83 ? 76  ASP A OD2 1 
ATOM   613  N N   . ASP A 1 98  ? -5.555  8.436   -8.535  1.00 20.26 ? 77  ASP A N   1 
ATOM   614  C CA  . ASP A 1 98  ? -5.590  9.932   -8.492  1.00 22.81 ? 77  ASP A CA  1 
ATOM   615  C C   . ASP A 1 98  ? -6.402  10.633  -7.406  1.00 22.31 ? 77  ASP A C   1 
ATOM   616  O O   . ASP A 1 98  ? -6.870  11.754  -7.600  1.00 23.73 ? 77  ASP A O   1 
ATOM   617  C CB  . ASP A 1 98  ? -5.930  10.533  -9.874  1.00 26.84 ? 77  ASP A CB  1 
ATOM   618  C CG  . ASP A 1 98  ? -4.950  10.137  -10.919 0.50 29.60 ? 77  ASP A CG  1 
ATOM   619  O OD1 . ASP A 1 98  ? -3.754  10.485  -10.801 0.50 35.31 ? 77  ASP A OD1 1 
ATOM   620  O OD2 . ASP A 1 98  ? -5.380  9.476   -11.875 0.50 35.60 ? 77  ASP A OD2 1 
ATOM   621  N N   . ARG A 1 99  ? -6.583  9.980   -6.252  1.00 18.26 ? 78  ARG A N   1 
ATOM   622  C CA  . ARG A 1 99  ? -7.041  10.700  -5.084  1.00 17.97 ? 78  ARG A CA  1 
ATOM   623  C C   . ARG A 1 99  ? -5.876  11.497  -4.445  1.00 17.85 ? 78  ARG A C   1 
ATOM   624  O O   . ARG A 1 99  ? -4.741  11.005  -4.406  1.00 17.01 ? 78  ARG A O   1 
ATOM   625  C CB  . ARG A 1 99  ? -7.577  9.713   -4.031  1.00 17.79 ? 78  ARG A CB  1 
ATOM   626  C CG  . ARG A 1 99  ? -8.976  9.127   -4.280  1.00 17.66 ? 78  ARG A CG  1 
ATOM   627  C CD  . ARG A 1 99  ? -9.283  8.030   -3.230  1.00 15.57 ? 78  ARG A CD  1 
ATOM   628  N NE  . ARG A 1 99  ? -8.456  6.844   -3.491  1.00 13.35 ? 78  ARG A NE  1 
ATOM   629  C CZ  . ARG A 1 99  ? -7.728  6.171   -2.608  1.00 13.22 ? 78  ARG A CZ  1 
ATOM   630  N NH1 . ARG A 1 99  ? -7.752  6.493   -1.304  1.00 11.42 ? 78  ARG A NH1 1 
ATOM   631  N NH2 . ARG A 1 99  ? -6.966  5.168   -3.051  1.00 13.14 ? 78  ARG A NH2 1 
ATOM   632  N N   . LYS A 1 100 ? -6.186  12.694  -3.950  1.00 17.68 ? 79  LYS A N   1 
ATOM   633  C CA  . LYS A 1 100 ? -5.249  13.521  -3.184  1.00 17.25 ? 79  LYS A CA  1 
ATOM   634  C C   . LYS A 1 100 ? -5.605  13.299  -1.740  1.00 16.73 ? 79  LYS A C   1 
ATOM   635  O O   . LYS A 1 100 ? -6.691  13.693  -1.267  1.00 18.63 ? 79  LYS A O   1 
ATOM   636  C CB  . LYS A 1 100 ? -5.309  15.022  -3.623  1.00 20.61 ? 79  LYS A CB  1 
ATOM   637  C CG  . LYS A 1 100 ? -4.514  15.306  -4.911  0.50 21.33 ? 79  LYS A CG  1 
ATOM   638  C CD  . LYS A 1 100 ? -5.115  14.627  -6.134  0.50 24.24 ? 79  LYS A CD  1 
ATOM   639  C CE  . LYS A 1 100 ? -4.194  14.711  -7.343  0.50 24.13 ? 79  LYS A CE  1 
ATOM   640  N NZ  . LYS A 1 100 ? -4.887  14.292  -8.591  0.50 25.59 ? 79  LYS A NZ  1 
ATOM   641  N N   . VAL A 1 101 ? -4.727  12.563  -1.021  1.00 15.11 ? 80  VAL A N   1 
ATOM   642  C CA  . VAL A 1 101 ? -5.050  12.223  0.382   1.00 13.43 ? 80  VAL A CA  1 
ATOM   643  C C   . VAL A 1 101 ? -4.058  12.758  1.417   1.00 13.36 ? 80  VAL A C   1 
ATOM   644  O O   . VAL A 1 101 ? -2.937  13.153  1.032   1.00 16.48 ? 80  VAL A O   1 
ATOM   645  C CB  . VAL A 1 101 ? -5.199  10.685  0.521   1.00 12.48 ? 80  VAL A CB  1 
ATOM   646  C CG1 . VAL A 1 101 ? -6.191  10.152  -0.536  1.00 14.15 ? 80  VAL A CG1 1 
ATOM   647  C CG2 . VAL A 1 101 ? -3.808  10.042  0.372   1.00 12.79 ? 80  VAL A CG2 1 
ATOM   648  N N   . LYS A 1 102 ? -4.479  12.793  2.696   1.00 13.53 ? 81  LYS A N   1 
ATOM   649  C CA  . LYS A 1 102 ? -3.559  13.055  3.779   1.00 15.23 ? 81  LYS A CA  1 
ATOM   650  C C   . LYS A 1 102 ? -3.235  11.695  4.378   1.00 13.91 ? 81  LYS A C   1 
ATOM   651  O O   . LYS A 1 102 ? -4.132  10.996  4.811   1.00 13.19 ? 81  LYS A O   1 
ATOM   652  C CB  . LYS A 1 102 ? -4.210  13.939  4.841   1.00 19.25 ? 81  LYS A CB  1 
ATOM   653  C CG  . LYS A 1 102 ? -4.483  15.339  4.347   1.00 23.95 ? 81  LYS A CG  1 
ATOM   654  C CD  . LYS A 1 102 ? -3.203  16.110  4.141   1.00 25.47 ? 81  LYS A CD  1 
ATOM   655  C CE  . LYS A 1 102 ? -3.496  17.595  4.362   1.00 31.14 ? 81  LYS A CE  1 
ATOM   656  N NZ  . LYS A 1 102 ? -2.875  18.299  3.204   1.00 31.58 ? 81  LYS A NZ  1 
ATOM   657  N N   . SER A 1 103 ? -1.959  11.337  4.377   1.00 14.09 ? 82  SER A N   1 
ATOM   658  C CA  . SER A 1 103 ? -1.558  9.993   4.864   1.00 12.25 ? 82  SER A CA  1 
ATOM   659  C C   . SER A 1 103 ? -0.682  10.059  6.078   1.00 11.29 ? 82  SER A C   1 
ATOM   660  O O   . SER A 1 103 ? 0.149   10.944  6.221   1.00 10.38 ? 82  SER A O   1 
ATOM   661  C CB  . SER A 1 103 ? -0.742  9.291   3.784   1.00 11.90 ? 82  SER A CB  1 
ATOM   662  O OG  . SER A 1 103 ? -1.594  8.930   2.681   1.00 11.78 ? 82  SER A OG  1 
ATOM   663  N N   . THR A 1 104 ? -0.826  9.085   6.955   1.00 9.49  ? 83  THR A N   1 
ATOM   664  C CA  . THR A 1 104 ? 0.094   8.947   8.052   1.00 10.89 ? 83  THR A CA  1 
ATOM   665  C C   . THR A 1 104 ? 0.369   7.448   8.166   1.00 10.23 ? 83  THR A C   1 
ATOM   666  O O   . THR A 1 104 ? -0.564  6.597   8.205   1.00 10.88 ? 83  THR A O   1 
ATOM   667  C CB  . THR A 1 104 ? -0.478  9.401   9.422   1.00 12.90 ? 83  THR A CB  1 
ATOM   668  O OG1 . THR A 1 104 ? -1.029  10.723  9.299   1.00 15.65 ? 83  THR A OG1 1 
ATOM   669  C CG2 . THR A 1 104 ? 0.587   9.450   10.559  1.00 15.29 ? 83  THR A CG2 1 
ATOM   670  N N   . ILE A 1 105 ? 1.642   7.128   8.287   1.00 9.23  ? 84  ILE A N   1 
ATOM   671  C CA  . ILE A 1 105 ? 2.067   5.744   8.458   1.00 9.97  ? 84  ILE A CA  1 
ATOM   672  C C   . ILE A 1 105 ? 2.806   5.556   9.750   1.00 10.75 ? 84  ILE A C   1 
ATOM   673  O O   . ILE A 1 105 ? 3.644   6.387   10.128  1.00 12.13 ? 84  ILE A O   1 
ATOM   674  C CB  . ILE A 1 105 ? 2.979   5.293   7.282   1.00 8.88  ? 84  ILE A CB  1 
ATOM   675  C CG1 . ILE A 1 105 ? 2.072   5.398   6.019   1.00 9.27  ? 84  ILE A CG1 1 
ATOM   676  C CG2 . ILE A 1 105 ? 3.425   3.857   7.465   1.00 11.03 ? 84  ILE A CG2 1 
ATOM   677  C CD1 . ILE A 1 105 ? 2.763   5.223   4.636   1.00 10.42 ? 84  ILE A CD1 1 
ATOM   678  N N   . THR A 1 106 ? 2.383   4.513   10.474  1.00 11.20 ? 85  THR A N   1 
ATOM   679  C CA  . THR A 1 106 ? 2.988   4.163   11.756  1.00 13.10 ? 85  THR A CA  1 
ATOM   680  C C   . THR A 1 106 ? 3.267   2.695   11.800  1.00 13.62 ? 85  THR A C   1 
ATOM   681  O O   . THR A 1 106 ? 2.820   1.890   10.956  1.00 13.76 ? 85  THR A O   1 
ATOM   682  C CB  . THR A 1 106 ? 2.039   4.525   12.953  1.00 13.46 ? 85  THR A CB  1 
ATOM   683  O OG1 . THR A 1 106 ? 0.784   3.891   12.739  1.00 15.99 ? 85  THR A OG1 1 
ATOM   684  C CG2 . THR A 1 106 ? 1.845   6.102   13.080  1.00 16.38 ? 85  THR A CG2 1 
ATOM   685  N N   . LEU A 1 107 ? 3.987   2.310   12.853  1.00 15.93 ? 86  LEU A N   1 
ATOM   686  C CA  . LEU A 1 107 ? 4.261   0.913   13.100  1.00 17.66 ? 86  LEU A CA  1 
ATOM   687  C C   . LEU A 1 107 ? 3.501   0.537   14.357  1.00 19.78 ? 86  LEU A C   1 
ATOM   688  O O   . LEU A 1 107 ? 3.617   1.238   15.400  1.00 23.77 ? 86  LEU A O   1 
ATOM   689  C CB  . LEU A 1 107 ? 5.761   0.746   13.293  1.00 22.32 ? 86  LEU A CB  1 
ATOM   690  C CG  . LEU A 1 107 ? 6.616   0.111   12.213  1.00 23.98 ? 86  LEU A CG  1 
ATOM   691  C CD1 . LEU A 1 107 ? 8.013   0.012   12.822  1.00 26.69 ? 86  LEU A CD1 1 
ATOM   692  C CD2 . LEU A 1 107 ? 6.118   -1.278  11.696  1.00 21.90 ? 86  LEU A CD2 1 
ATOM   693  N N   . ASP A 1 108 ? 2.692   -0.486  14.273  1.00 18.40 ? 87  ASP A N   1 
ATOM   694  C CA  . ASP A 1 108 ? 1.938   -0.990  15.408  1.00 20.08 ? 87  ASP A CA  1 
ATOM   695  C C   . ASP A 1 108 ? 2.391   -2.438  15.574  1.00 19.44 ? 87  ASP A C   1 
ATOM   696  O O   . ASP A 1 108 ? 1.983   -3.375  14.847  1.00 16.40 ? 87  ASP A O   1 
ATOM   697  C CB  . ASP A 1 108 ? 0.450   -0.904  15.147  1.00 23.81 ? 87  ASP A CB  1 
ATOM   698  C CG  . ASP A 1 108 ? -0.407  -1.244  16.384  1.00 33.42 ? 87  ASP A CG  1 
ATOM   699  O OD1 . ASP A 1 108 ? 0.141   -1.376  17.512  1.00 34.82 ? 87  ASP A OD1 1 
ATOM   700  O OD2 . ASP A 1 108 ? -1.646  -1.374  16.211  1.00 39.16 ? 87  ASP A OD2 1 
ATOM   701  N N   . GLY A 1 109 ? 3.319   -2.651  16.490  1.00 21.39 ? 88  GLY A N   1 
ATOM   702  C CA  . GLY A 1 109 ? 3.735   -4.037  16.691  1.00 20.60 ? 88  GLY A CA  1 
ATOM   703  C C   . GLY A 1 109 ? 4.236   -4.783  15.485  1.00 24.66 ? 88  GLY A C   1 
ATOM   704  O O   . GLY A 1 109 ? 3.817   -5.907  15.193  1.00 32.42 ? 88  GLY A O   1 
ATOM   705  N N   . GLY A 1 110 ? 5.134   -4.248  14.742  1.00 21.43 ? 89  GLY A N   1 
ATOM   706  C CA  . GLY A 1 110 ? 5.450   -5.136  13.543  1.00 18.44 ? 89  GLY A CA  1 
ATOM   707  C C   . GLY A 1 110 ? 4.614   -4.975  12.281  1.00 19.08 ? 89  GLY A C   1 
ATOM   708  O O   . GLY A 1 110 ? 5.036   -5.401  11.197  1.00 17.92 ? 89  GLY A O   1 
ATOM   709  N N   . VAL A 1 111 ? 3.468   -4.316  12.409  1.00 16.34 ? 90  VAL A N   1 
ATOM   710  C CA  . VAL A 1 111 ? 2.595   -4.034  11.247  1.00 14.13 ? 90  VAL A CA  1 
ATOM   711  C C   . VAL A 1 111 ? 2.715   -2.569  10.815  1.00 12.78 ? 90  VAL A C   1 
ATOM   712  O O   . VAL A 1 111 ? 2.588   -1.654  11.616  1.00 12.25 ? 90  VAL A O   1 
ATOM   713  C CB  . VAL A 1 111 ? 1.145   -4.305  11.593  1.00 13.89 ? 90  VAL A CB  1 
ATOM   714  C CG1 . VAL A 1 111 ? 0.226   -4.162  10.371  1.00 14.11 ? 90  VAL A CG1 1 
ATOM   715  C CG2 . VAL A 1 111 ? 0.963   -5.698  12.235  1.00 15.37 ? 90  VAL A CG2 1 
ATOM   716  N N   . LEU A 1 112 ? 3.032   -2.345  9.536   1.00 11.52 ? 91  LEU A N   1 
ATOM   717  C CA  . LEU A 1 112 ? 3.017   -0.954  8.991   1.00 13.08 ? 91  LEU A CA  1 
ATOM   718  C C   . LEU A 1 112 ? 1.571   -0.601  8.722   1.00 11.89 ? 91  LEU A C   1 
ATOM   719  O O   . LEU A 1 112 ? 0.877   -1.320  7.954   1.00 11.60 ? 91  LEU A O   1 
ATOM   720  C CB  . LEU A 1 112 ? 3.800   -0.814  7.684   1.00 14.86 ? 91  LEU A CB  1 
ATOM   721  C CG  . LEU A 1 112 ? 5.270   -0.470  7.673   1.00 18.08 ? 91  LEU A CG  1 
ATOM   722  C CD1 . LEU A 1 112 ? 5.770   -0.466  6.213   1.00 18.67 ? 91  LEU A CD1 1 
ATOM   723  C CD2 . LEU A 1 112 ? 5.491   0.890   8.297   1.00 14.97 ? 91  LEU A CD2 1 
ATOM   724  N N   . VAL A 1 113 ? 1.086   0.454   9.375   1.00 12.57 ? 92  VAL A N   1 
ATOM   725  C CA  . VAL A 1 113 ? -0.357  0.837   9.267   1.00 11.79 ? 92  VAL A CA  1 
ATOM   726  C C   . VAL A 1 113 ? -0.391  2.184   8.534   1.00 11.22 ? 92  VAL A C   1 
ATOM   727  O O   . VAL A 1 113 ? 0.138   3.191   9.070   1.00 10.93 ? 92  VAL A O   1 
ATOM   728  C CB  . VAL A 1 113 ? -0.959  1.016   10.686  1.00 12.64 ? 92  VAL A CB  1 
ATOM   729  C CG1 . VAL A 1 113 ? -2.412  1.429   10.639  1.00 12.93 ? 92  VAL A CG1 1 
ATOM   730  C CG2 . VAL A 1 113 ? -0.935  -0.363  11.419  1.00 12.83 ? 92  VAL A CG2 1 
ATOM   731  N N   . HIS A 1 114 ? -1.071  2.249   7.388   1.00 11.12 ? 93  HIS A N   1 
ATOM   732  C CA  . HIS A 1 114 ? -1.084  3.438   6.515   1.00 10.41 ? 93  HIS A CA  1 
ATOM   733  C C   . HIS A 1 114 ? -2.512  3.882   6.461   1.00 10.35 ? 93  HIS A C   1 
ATOM   734  O O   . HIS A 1 114 ? -3.377  3.131   5.982   1.00 10.27 ? 93  HIS A O   1 
ATOM   735  C CB  . HIS A 1 114 ? -0.575  2.977   5.187   1.00 9.51  ? 93  HIS A CB  1 
ATOM   736  C CG  . HIS A 1 114 ? -0.546  4.011   4.055   1.00 10.59 ? 93  HIS A CG  1 
ATOM   737  N ND1 . HIS A 1 114 ? -0.015  3.688   2.822   1.00 11.95 ? 93  HIS A ND1 1 
ATOM   738  C CD2 . HIS A 1 114 ? -0.891  5.340   3.998   1.00 10.83 ? 93  HIS A CD2 1 
ATOM   739  C CE1 . HIS A 1 114 ? -0.116  4.771   2.035   1.00 10.38 ? 93  HIS A CE1 1 
ATOM   740  N NE2 . HIS A 1 114 ? -0.592  5.774   2.748   1.00 10.72 ? 93  HIS A NE2 1 
ATOM   741  N N   . VAL A 1 115 ? -2.807  5.036   7.086   1.00 9.30  ? 94  VAL A N   1 
ATOM   742  C CA  . VAL A 1 115 ? -4.131  5.591   7.034   1.00 10.99 ? 94  VAL A CA  1 
ATOM   743  C C   . VAL A 1 115 ? -4.182  6.754   6.001   1.00 11.44 ? 94  VAL A C   1 
ATOM   744  O O   . VAL A 1 115 ? -3.320  7.649   6.057   1.00 11.58 ? 94  VAL A O   1 
ATOM   745  C CB  . VAL A 1 115 ? -4.563  6.109   8.394   1.00 11.10 ? 94  VAL A CB  1 
ATOM   746  C CG1 . VAL A 1 115 ? -5.970  6.672   8.262   1.00 12.37 ? 94  VAL A CG1 1 
ATOM   747  C CG2 . VAL A 1 115 ? -4.533  4.977   9.432   1.00 13.26 ? 94  VAL A CG2 1 
ATOM   748  N N   . GLN A 1 116 ? -5.152  6.698   5.064   1.00 12.29 ? 95  GLN A N   1 
ATOM   749  C CA  . GLN A 1 116 ? -5.360  7.726   4.042   1.00 12.08 ? 95  GLN A CA  1 
ATOM   750  C C   . GLN A 1 116 ? -6.714  8.353   4.321   1.00 12.69 ? 95  GLN A C   1 
ATOM   751  O O   . GLN A 1 116 ? -7.710  7.608   4.547   1.00 13.58 ? 95  GLN A O   1 
ATOM   752  C CB  . GLN A 1 116 ? -5.390  7.154   2.636   1.00 12.01 ? 95  GLN A CB  1 
ATOM   753  C CG  . GLN A 1 116 ? -4.091  6.485   2.223   1.00 12.16 ? 95  GLN A CG  1 
ATOM   754  C CD  . GLN A 1 116 ? -4.245  5.802   0.864   1.00 12.44 ? 95  GLN A CD  1 
ATOM   755  O OE1 . GLN A 1 116 ? -5.354  5.420   0.466   1.00 14.70 ? 95  GLN A OE1 1 
ATOM   756  N NE2 . GLN A 1 116 ? -3.160  5.671   0.148   1.00 12.97 ? 95  GLN A NE2 1 
ATOM   757  N N   . LYS A 1 117 ? -6.753  9.697   4.374   1.00 14.54 ? 96  LYS A N   1 
ATOM   758  C CA  . LYS A 1 117 ? -7.970  10.470  4.632   1.00 15.32 ? 96  LYS A CA  1 
ATOM   759  C C   . LYS A 1 117 ? -8.213  11.428  3.484   1.00 15.39 ? 96  LYS A C   1 
ATOM   760  O O   . LYS A 1 117 ? -7.297  12.065  2.995   1.00 15.62 ? 96  LYS A O   1 
ATOM   761  C CB  . LYS A 1 117 ? -7.786  11.373  5.908   1.00 16.72 ? 96  LYS A CB  1 
ATOM   762  C CG  . LYS A 1 117 ? -7.414  10.670  7.183   1.00 24.30 ? 96  LYS A CG  1 
ATOM   763  C CD  . LYS A 1 117 ? -8.504  9.760   7.753   1.00 28.84 ? 96  LYS A CD  1 
ATOM   764  C CE  . LYS A 1 117 ? -8.209  9.307   9.198   1.00 31.27 ? 96  LYS A CE  1 
ATOM   765  N NZ  . LYS A 1 117 ? -9.130  8.223   9.671   1.00 33.37 ? 96  LYS A NZ  1 
ATOM   766  N N   . TRP A 1 118 ? -9.474  11.564  3.082   1.00 16.32 ? 97  TRP A N   1 
ATOM   767  C CA  . TRP A 1 118 ? -9.810  12.489  1.961   1.00 17.23 ? 97  TRP A CA  1 
ATOM   768  C C   . TRP A 1 118 ? -11.323 12.653  2.027   1.00 21.36 ? 97  TRP A C   1 
ATOM   769  O O   . TRP A 1 118 ? -12.061 11.696  2.329   1.00 20.66 ? 97  TRP A O   1 
ATOM   770  C CB  . TRP A 1 118 ? -9.308  11.983  0.594   1.00 17.52 ? 97  TRP A CB  1 
ATOM   771  C CG  . TRP A 1 118 ? -10.126 10.868  -0.025  1.00 15.76 ? 97  TRP A CG  1 
ATOM   772  C CD1 . TRP A 1 118 ? -11.028 10.969  -1.078  1.00 17.18 ? 97  TRP A CD1 1 
ATOM   773  C CD2 . TRP A 1 118 ? -10.202 9.460   0.412   1.00 15.81 ? 97  TRP A CD2 1 
ATOM   774  N NE1 . TRP A 1 118 ? -11.642 9.745   -1.325  1.00 17.13 ? 97  TRP A NE1 1 
ATOM   775  C CE2 . TRP A 1 118 ? -11.183 8.805   -0.448  1.00 14.79 ? 97  TRP A CE2 1 
ATOM   776  C CE3 . TRP A 1 118 ? -9.583  8.711   1.426   1.00 14.31 ? 97  TRP A CE3 1 
ATOM   777  C CZ2 . TRP A 1 118 ? -11.497 7.445   -0.305  1.00 14.73 ? 97  TRP A CZ2 1 
ATOM   778  C CZ3 . TRP A 1 118 ? -9.862  7.346   1.514   1.00 13.70 ? 97  TRP A CZ3 1 
ATOM   779  C CH2 . TRP A 1 118 ? -10.828 6.748   0.713   1.00 13.45 ? 97  TRP A CH2 1 
ATOM   780  N N   . ASP A 1 119 ? -11.793 13.885  1.843   1.00 24.55 ? 98  ASP A N   1 
ATOM   781  C CA  . ASP A 1 119 ? -13.257 14.119  1.609   1.00 26.17 ? 98  ASP A CA  1 
ATOM   782  C C   . ASP A 1 119 ? -14.086 13.440  2.671   1.00 26.28 ? 98  ASP A C   1 
ATOM   783  O O   . ASP A 1 119 ? -15.112 12.825  2.382   1.00 29.16 ? 98  ASP A O   1 
ATOM   784  C CB  . ASP A 1 119 ? -13.700 13.592  0.246   1.00 26.26 ? 98  ASP A CB  1 
ATOM   785  C CG  . ASP A 1 119 ? -13.038 14.313  -0.934  0.50 27.45 ? 98  ASP A CG  1 
ATOM   786  O OD1 . ASP A 1 119 ? -12.476 15.411  -0.760  0.50 28.26 ? 98  ASP A OD1 1 
ATOM   787  O OD2 . ASP A 1 119 ? -13.092 13.769  -2.049  0.50 28.04 ? 98  ASP A OD2 1 
ATOM   788  N N   . GLY A 1 120 ? -13.629 13.515  3.906   1.00 24.51 ? 99  GLY A N   1 
ATOM   789  C CA  . GLY A 1 120 ? -14.356 12.906  5.008   1.00 27.53 ? 99  GLY A CA  1 
ATOM   790  C C   . GLY A 1 120 ? -14.301 11.395  5.167   1.00 27.90 ? 99  GLY A C   1 
ATOM   791  O O   . GLY A 1 120 ? -14.878 10.884  6.131   1.00 31.19 ? 99  GLY A O   1 
ATOM   792  N N   . LYS A 1 121 ? -13.562 10.706  4.287   1.00 22.87 ? 100 LYS A N   1 
ATOM   793  C CA  . LYS A 1 121 ? -13.469 9.215   4.233   1.00 19.90 ? 100 LYS A CA  1 
ATOM   794  C C   . LYS A 1 121 ? -12.082 8.803   4.694   1.00 17.44 ? 100 LYS A C   1 
ATOM   795  O O   . LYS A 1 121 ? -11.152 9.614   4.704   1.00 18.01 ? 100 LYS A O   1 
ATOM   796  C CB  . LYS A 1 121 ? -13.674 8.767   2.807   1.00 21.07 ? 100 LYS A CB  1 
ATOM   797  C CG  . LYS A 1 121 ? -15.128 8.932   2.397   1.00 28.17 ? 100 LYS A CG  1 
ATOM   798  C CD  . LYS A 1 121 ? -15.420 8.445   1.011   1.00 38.22 ? 100 LYS A CD  1 
ATOM   799  C CE  . LYS A 1 121 ? -14.828 9.353   -0.047  1.00 42.11 ? 100 LYS A CE  1 
ATOM   800  N NZ  . LYS A 1 121 ? -15.417 8.987   -1.374  1.00 51.70 ? 100 LYS A NZ  1 
ATOM   801  N N   . SER A 1 122 ? -11.954 7.558   5.109   1.00 16.03 ? 101 SER A N   1 
ATOM   802  C CA  . SER A 1 122 ? -10.585 7.091   5.361   1.00 13.94 ? 101 SER A CA  1 
ATOM   803  C C   . SER A 1 122 ? -10.519 5.632   5.007   1.00 14.39 ? 101 SER A C   1 
ATOM   804  O O   . SER A 1 122 ? -11.573 4.886   5.018   1.00 14.12 ? 101 SER A O   1 
ATOM   805  C CB  . SER A 1 122 ? -10.185 7.429   6.807   1.00 18.60 ? 101 SER A CB  1 
ATOM   806  O OG  . SER A 1 122 ? -10.225 6.364   7.677   1.00 22.40 ? 101 SER A OG  1 
ATOM   807  N N   . THR A 1 123 ? -9.309  5.205   4.633   1.00 11.53 ? 102 THR A N   1 
ATOM   808  C CA  . THR A 1 123 ? -9.080  3.773   4.324   1.00 11.78 ? 102 THR A CA  1 
ATOM   809  C C   . THR A 1 123 ? -7.776  3.434   5.037   1.00 11.98 ? 102 THR A C   1 
ATOM   810  O O   . THR A 1 123 ? -6.938  4.332   5.207   1.00 11.70 ? 102 THR A O   1 
ATOM   811  C CB  . THR A 1 123 ? -9.023  3.483   2.808   1.00 12.51 ? 102 THR A CB  1 
ATOM   812  O OG1 . THR A 1 123 ? -8.931  2.055   2.551   1.00 12.25 ? 102 THR A OG1 1 
ATOM   813  C CG2 . THR A 1 123 ? -7.877  4.202   2.101   1.00 11.26 ? 102 THR A CG2 1 
ATOM   814  N N   . THR A 1 124 ? -7.609  2.166   5.409   1.00 11.58 ? 103 THR A N   1 
ATOM   815  C CA  . THR A 1 124 ? -6.372  1.748   6.108   1.00 12.40 ? 103 THR A CA  1 
ATOM   816  C C   . THR A 1 124 ? -5.765  0.570   5.313   1.00 12.91 ? 103 THR A C   1 
ATOM   817  O O   . THR A 1 124 ? -6.476  -0.421  4.958   1.00 14.28 ? 103 THR A O   1 
ATOM   818  C CB  . THR A 1 124 ? -6.672  1.352   7.585   1.00 13.76 ? 103 THR A CB  1 
ATOM   819  O OG1 . THR A 1 124 ? -7.199  2.502   8.257   1.00 16.90 ? 103 THR A OG1 1 
ATOM   820  C CG2 . THR A 1 124 ? -5.457  0.866   8.319   1.00 13.98 ? 103 THR A CG2 1 
ATOM   821  N N   . ILE A 1 125 ? -4.433  0.644   5.121   1.00 11.21 ? 104 ILE A N   1 
ATOM   822  C CA  . ILE A 1 125 ? -3.721  -0.393  4.375   1.00 10.61 ? 104 ILE A CA  1 
ATOM   823  C C   . ILE A 1 125 ? -2.683  -0.870  5.372   1.00 10.40 ? 104 ILE A C   1 
ATOM   824  O O   . ILE A 1 125 ? -1.913  -0.065  5.960   1.00 11.11 ? 104 ILE A O   1 
ATOM   825  C CB  . ILE A 1 125 ? -3.002  0.197   3.156   1.00 11.46 ? 104 ILE A CB  1 
ATOM   826  C CG1 . ILE A 1 125 ? -4.052  0.831   2.207   1.00 13.03 ? 104 ILE A CG1 1 
ATOM   827  C CG2 . ILE A 1 125 ? -2.178  -0.901  2.513   1.00 13.03 ? 104 ILE A CG2 1 
ATOM   828  C CD1 . ILE A 1 125 ? -3.443  1.703   1.134   1.00 16.74 ? 104 ILE A CD1 1 
ATOM   829  N N   . LYS A 1 126 ? -2.722  -2.165  5.673   1.00 10.43 ? 105 LYS A N   1 
ATOM   830  C CA  . LYS A 1 126 ? -1.789  -2.719  6.676   1.00 10.73 ? 105 LYS A CA  1 
ATOM   831  C C   . LYS A 1 126 ? -0.896  -3.684  5.942   1.00 10.51 ? 105 LYS A C   1 
ATOM   832  O O   . LYS A 1 126 ? -1.352  -4.407  5.072   1.00 11.69 ? 105 LYS A O   1 
ATOM   833  C CB  . LYS A 1 126 ? -2.545  -3.477  7.778   1.00 11.76 ? 105 LYS A CB  1 
ATOM   834  C CG  . LYS A 1 126 ? -3.423  -2.514  8.575   1.00 16.20 ? 105 LYS A CG  1 
ATOM   835  C CD  . LYS A 1 126 ? -4.083  -3.243  9.740   1.00 18.51 ? 105 LYS A CD  1 
ATOM   836  C CE  . LYS A 1 126 ? -5.214  -2.410  10.308  1.00 24.61 ? 105 LYS A CE  1 
ATOM   837  N NZ  . LYS A 1 126 ? -5.487  -2.849  11.727  1.00 25.24 ? 105 LYS A NZ  1 
ATOM   838  N N   . ARG A 1 127 ? 0.399   -3.625  6.231   1.00 11.13 ? 106 ARG A N   1 
ATOM   839  C CA  . ARG A 1 127 ? 1.381   -4.488  5.564   1.00 10.89 ? 106 ARG A CA  1 
ATOM   840  C C   . ARG A 1 127 ? 2.116   -5.275  6.670   1.00 11.80 ? 106 ARG A C   1 
ATOM   841  O O   . ARG A 1 127 ? 2.590   -4.673  7.630   1.00 10.86 ? 106 ARG A O   1 
ATOM   842  C CB  . ARG A 1 127 ? 2.383   -3.638  4.744   1.00 11.86 ? 106 ARG A CB  1 
ATOM   843  C CG  . ARG A 1 127 ? 1.718   -2.850  3.630   1.00 11.27 ? 106 ARG A CG  1 
ATOM   844  C CD  . ARG A 1 127 ? 2.694   -1.918  2.943   1.00 12.77 ? 106 ARG A CD  1 
ATOM   845  N NE  . ARG A 1 127 ? 2.103   -1.288  1.686   1.00 13.14 ? 106 ARG A NE  1 
ATOM   846  C CZ  . ARG A 1 127 ? 1.563   -0.075  1.625   1.00 14.79 ? 106 ARG A CZ  1 
ATOM   847  N NH1 . ARG A 1 127 ? 1.345   0.695   2.717   1.00 14.98 ? 106 ARG A NH1 1 
ATOM   848  N NH2 . ARG A 1 127 ? 1.156   0.403   0.421   1.00 14.09 ? 106 ARG A NH2 1 
ATOM   849  N N   . LYS A 1 128 ? 2.201   -6.605  6.513   1.00 12.03 ? 107 LYS A N   1 
ATOM   850  C CA  . LYS A 1 128 ? 2.826   -7.388  7.588   1.00 13.81 ? 107 LYS A CA  1 
ATOM   851  C C   . LYS A 1 128 ? 3.554   -8.516  6.877   1.00 15.39 ? 107 LYS A C   1 
ATOM   852  O O   . LYS A 1 128 ? 3.128   -8.996  5.804   1.00 17.52 ? 107 LYS A O   1 
ATOM   853  C CB  . LYS A 1 128 ? 1.740   -7.974  8.468   1.00 15.75 ? 107 LYS A CB  1 
ATOM   854  C CG  . LYS A 1 128 ? 0.786   -8.977  7.875   0.50 15.97 ? 107 LYS A CG  1 
ATOM   855  C CD  . LYS A 1 128 ? -0.350  -9.240  8.867   0.50 19.61 ? 107 LYS A CD  1 
ATOM   856  C CE  . LYS A 1 128 ? -1.494  -8.239  8.744   0.50 20.63 ? 107 LYS A CE  1 
ATOM   857  N NZ  . LYS A 1 128 ? -1.931  -7.967  7.323   0.50 23.78 ? 107 LYS A NZ  1 
ATOM   858  N N   . ARG A 1 129 ? 4.662   -8.954  7.447   1.00 14.73 ? 108 ARG A N   1 
ATOM   859  C CA  . ARG A 1 129 ? 5.271   -10.196 6.934   1.00 13.76 ? 108 ARG A CA  1 
ATOM   860  C C   . ARG A 1 129 ? 4.646   -11.443 7.492   1.00 15.90 ? 108 ARG A C   1 
ATOM   861  O O   . ARG A 1 129 ? 4.380   -11.500 8.698   1.00 16.27 ? 108 ARG A O   1 
ATOM   862  C CB  . ARG A 1 129 ? 6.745   -10.205 7.341   1.00 16.78 ? 108 ARG A CB  1 
ATOM   863  C CG  . ARG A 1 129 ? 7.556   -9.164  6.606   1.00 16.17 ? 108 ARG A CG  1 
ATOM   864  C CD  . ARG A 1 129 ? 7.746   -9.622  5.152   1.00 17.64 ? 108 ARG A CD  1 
ATOM   865  N NE  . ARG A 1 129 ? 8.158   -11.008 5.073   1.00 20.86 ? 108 ARG A NE  1 
ATOM   866  C CZ  . ARG A 1 129 ? 9.415   -11.431 5.098   1.00 21.70 ? 108 ARG A CZ  1 
ATOM   867  N NH1 . ARG A 1 129 ? 10.427  -10.570 5.143   1.00 18.86 ? 108 ARG A NH1 1 
ATOM   868  N NH2 . ARG A 1 129 ? 9.654   -12.725 5.016   1.00 25.49 ? 108 ARG A NH2 1 
ATOM   869  N N   . GLU A 1 130 ? 4.453   -12.456 6.629   1.00 15.57 ? 109 GLU A N   1 
ATOM   870  C CA  . GLU A 1 130 ? 3.929   -13.786 7.056   1.00 17.90 ? 109 GLU A CA  1 
ATOM   871  C C   . GLU A 1 130 ? 4.645   -14.869 6.241   1.00 15.91 ? 109 GLU A C   1 
ATOM   872  O O   . GLU A 1 130 ? 4.508   -14.934 4.994   1.00 15.77 ? 109 GLU A O   1 
ATOM   873  C CB  . GLU A 1 130 ? 2.399   -13.897 6.880   1.00 23.45 ? 109 GLU A CB  1 
ATOM   874  C CG  . GLU A 1 130 ? 1.846   -15.257 7.319   0.75 29.19 ? 109 GLU A CG  1 
ATOM   875  C CD  . GLU A 1 130 ? 1.986   -15.510 8.823   0.75 36.02 ? 109 GLU A CD  1 
ATOM   876  O OE1 . GLU A 1 130 ? 1.540   -14.643 9.620   0.75 39.69 ? 109 GLU A OE1 1 
ATOM   877  O OE2 . GLU A 1 130 ? 2.533   -16.577 9.219   0.75 39.03 ? 109 GLU A OE2 1 
ATOM   878  N N   . ASP A 1 131 ? 5.452   -15.698 6.915   1.00 15.18 ? 110 ASP A N   1 
ATOM   879  C CA  . ASP A 1 131 ? 6.337   -16.601 6.196   1.00 15.13 ? 110 ASP A CA  1 
ATOM   880  C C   . ASP A 1 131 ? 7.158   -15.818 5.220   1.00 13.88 ? 110 ASP A C   1 
ATOM   881  O O   . ASP A 1 131 ? 7.708   -14.781 5.597   1.00 12.74 ? 110 ASP A O   1 
ATOM   882  C CB  . ASP A 1 131 ? 5.540   -17.808 5.550   1.00 17.34 ? 110 ASP A CB  1 
ATOM   883  C CG  . ASP A 1 131 ? 4.746   -18.590 6.588   1.00 21.38 ? 110 ASP A CG  1 
ATOM   884  O OD1 . ASP A 1 131 ? 5.214   -18.810 7.721   1.00 23.00 ? 110 ASP A OD1 1 
ATOM   885  O OD2 . ASP A 1 131 ? 3.625   -19.028 6.301   1.00 25.69 ? 110 ASP A OD2 1 
ATOM   886  N N   . ASP A 1 132 ? 7.282   -16.264 3.976   1.00 14.38 ? 111 ASP A N   1 
ATOM   887  C CA  . ASP A 1 132 ? 8.123   -15.492 3.046   1.00 14.11 ? 111 ASP A CA  1 
ATOM   888  C C   . ASP A 1 132 ? 7.350   -14.501 2.197   1.00 16.19 ? 111 ASP A C   1 
ATOM   889  O O   . ASP A 1 132 ? 7.841   -13.979 1.193   1.00 18.08 ? 111 ASP A O   1 
ATOM   890  C CB  . ASP A 1 132 ? 8.907   -16.412 2.126   1.00 15.03 ? 111 ASP A CB  1 
ATOM   891  C CG  . ASP A 1 132 ? 10.036  -17.145 2.860   1.00 17.63 ? 111 ASP A CG  1 
ATOM   892  O OD1 . ASP A 1 132 ? 10.817  -16.453 3.543   1.00 19.47 ? 111 ASP A OD1 1 
ATOM   893  O OD2 . ASP A 1 132 ? 10.114  -18.383 2.623   1.00 19.82 ? 111 ASP A OD2 1 
ATOM   894  N N   . LYS A 1 133 ? 6.167   -14.199 2.656   1.00 15.82 ? 112 LYS A N   1 
ATOM   895  C CA  . LYS A 1 133 ? 5.243   -13.323 1.924   1.00 14.38 ? 112 LYS A CA  1 
ATOM   896  C C   . LYS A 1 133 ? 5.142   -11.978 2.624   1.00 14.36 ? 112 LYS A C   1 
ATOM   897  O O   . LYS A 1 133 ? 5.350   -11.867 3.827   1.00 14.58 ? 112 LYS A O   1 
ATOM   898  C CB  . LYS A 1 133 ? 3.854   -13.997 1.938   1.00 15.07 ? 112 LYS A CB  1 
ATOM   899  C CG  . LYS A 1 133 ? 3.792   -15.296 1.109   0.50 15.90 ? 112 LYS A CG  1 
ATOM   900  C CD  . LYS A 1 133 ? 2.730   -16.213 1.660   0.50 19.69 ? 112 LYS A CD  1 
ATOM   901  C CE  . LYS A 1 133 ? 2.563   -17.439 0.773   0.50 21.75 ? 112 LYS A CE  1 
ATOM   902  N NZ  . LYS A 1 133 ? 2.039   -16.958 -0.531  0.50 22.23 ? 112 LYS A NZ  1 
ATOM   903  N N   . LEU A 1 134 ? 4.793   -10.936 1.880   1.00 12.52 ? 113 LEU A N   1 
ATOM   904  C CA  . LEU A 1 134 ? 4.393   -9.663  2.527   1.00 13.50 ? 113 LEU A CA  1 
ATOM   905  C C   . LEU A 1 134 ? 2.899   -9.564  2.228   1.00 13.17 ? 113 LEU A C   1 
ATOM   906  O O   . LEU A 1 134 ? 2.494   -9.621  1.066   1.00 13.42 ? 113 LEU A O   1 
ATOM   907  C CB  . LEU A 1 134 ? 5.203   -8.521  1.945   1.00 13.62 ? 113 LEU A CB  1 
ATOM   908  C CG  . LEU A 1 134 ? 5.128   -7.139  2.576   1.00 14.01 ? 113 LEU A CG  1 
ATOM   909  C CD1 . LEU A 1 134 ? 6.289   -6.288  2.139   1.00 16.67 ? 113 LEU A CD1 1 
ATOM   910  C CD2 . LEU A 1 134 ? 3.832   -6.515  2.207   1.00 16.63 ? 113 LEU A CD2 1 
ATOM   911  N N   . VAL A 1 135 ? 2.083   -9.567  3.274   1.00 11.98 ? 114 VAL A N   1 
ATOM   912  C CA  . VAL A 1 135 ? 0.617   -9.664  3.130   1.00 12.11 ? 114 VAL A CA  1 
ATOM   913  C C   . VAL A 1 135 ? 0.102   -8.238  3.308   1.00 12.58 ? 114 VAL A C   1 
ATOM   914  O O   . VAL A 1 135 ? 0.419   -7.585  4.328   1.00 12.90 ? 114 VAL A O   1 
ATOM   915  C CB  . VAL A 1 135 ? 0.022   -10.674 4.128   1.00 14.68 ? 114 VAL A CB  1 
ATOM   916  C CG1 . VAL A 1 135 ? -1.518  -10.664 4.195   1.00 15.14 ? 114 VAL A CG1 1 
ATOM   917  C CG2 . VAL A 1 135 ? 0.543   -12.060 3.733   1.00 14.06 ? 114 VAL A CG2 1 
ATOM   918  N N   . VAL A 1 136 ? -0.671  -7.753  2.326   1.00 11.26 ? 115 VAL A N   1 
ATOM   919  C CA  . VAL A 1 136 ? -1.213  -6.384  2.429   1.00 10.70 ? 115 VAL A CA  1 
ATOM   920  C C   . VAL A 1 136 ? -2.721  -6.454  2.504   1.00 10.87 ? 115 VAL A C   1 
ATOM   921  O O   . VAL A 1 136 ? -3.348  -7.077  1.674   1.00 12.95 ? 115 VAL A O   1 
ATOM   922  C CB  . VAL A 1 136 ? -0.820  -5.587  1.185   1.00 10.36 ? 115 VAL A CB  1 
ATOM   923  C CG1 . VAL A 1 136 ? -1.281  -4.133  1.334   1.00 10.18 ? 115 VAL A CG1 1 
ATOM   924  C CG2 . VAL A 1 136 ? 0.683   -5.674  1.033   1.00 11.43 ? 115 VAL A CG2 1 
ATOM   925  N N   . GLU A 1 137 ? -3.291  -5.889  3.574   1.00 10.72 ? 116 GLU A N   1 
ATOM   926  C CA  . GLU A 1 137 ? -4.733  -5.917  3.775   1.00 11.31 ? 116 GLU A CA  1 
ATOM   927  C C   . GLU A 1 137 ? -5.186  -4.474  3.599   1.00 10.87 ? 116 GLU A C   1 
ATOM   928  O O   . GLU A 1 137 ? -4.800  -3.560  4.354   1.00 12.27 ? 116 GLU A O   1 
ATOM   929  C CB  . GLU A 1 137 ? -5.068  -6.335  5.204   1.00 13.87 ? 116 GLU A CB  1 
ATOM   930  C CG  . GLU A 1 137 ? -6.533  -6.234  5.624   0.50 15.41 ? 116 GLU A CG  1 
ATOM   931  C CD  . GLU A 1 137 ? -6.713  -6.175  7.152   0.50 17.49 ? 116 GLU A CD  1 
ATOM   932  O OE1 . GLU A 1 137 ? -6.380  -5.165  7.793   0.50 17.97 ? 116 GLU A OE1 1 
ATOM   933  O OE2 . GLU A 1 137 ? -7.177  -7.159  7.733   0.50 21.37 ? 116 GLU A OE2 1 
ATOM   934  N N   . CYS A 1 138 ? -6.113  -4.304  2.687   1.00 11.85 ? 117 CYS A N   1 
ATOM   935  C CA  . CYS A 1 138 ? -6.689  -2.976  2.398   1.00 12.69 ? 117 CYS A CA  1 
ATOM   936  C C   . CYS A 1 138 ? -8.147  -2.947  2.892   1.00 12.76 ? 117 CYS A C   1 
ATOM   937  O O   . CYS A 1 138 ? -8.960  -3.792  2.485   1.00 13.35 ? 117 CYS A O   1 
ATOM   938  C CB  . CYS A 1 138 ? -6.703  -2.789  0.891   1.00 12.52 ? 117 CYS A CB  1 
ATOM   939  S SG  . CYS A 1 138 ? -5.058  -2.814  0.156   1.00 15.88 ? 117 CYS A SG  1 
ATOM   940  N N   . VAL A 1 139 ? -8.478  -2.009  3.817   1.00 12.81 ? 118 VAL A N   1 
ATOM   941  C CA  . VAL A 1 139 ? -9.772  -2.026  4.442   1.00 12.94 ? 118 VAL A CA  1 
ATOM   942  C C   . VAL A 1 139 ? -10.493 -0.703  4.150   1.00 13.32 ? 118 VAL A C   1 
ATOM   943  O O   . VAL A 1 139 ? -9.987  0.390   4.411   1.00 12.76 ? 118 VAL A O   1 
ATOM   944  C CB  . VAL A 1 139 ? -9.661  -2.249  5.972   1.00 14.55 ? 118 VAL A CB  1 
ATOM   945  C CG1 . VAL A 1 139 ? -11.036 -2.103  6.616   1.00 19.18 ? 118 VAL A CG1 1 
ATOM   946  C CG2 . VAL A 1 139 ? -9.108  -3.645  6.245   1.00 17.40 ? 118 VAL A CG2 1 
ATOM   947  N N   . MET A 1 140 ? -11.737 -0.808  3.684   1.00 14.06 ? 119 MET A N   1 
ATOM   948  C CA  . MET A 1 140 ? -12.559 0.425   3.576   1.00 14.51 ? 119 MET A CA  1 
ATOM   949  C C   . MET A 1 140 ? -13.954 0.072   4.055   1.00 16.05 ? 119 MET A C   1 
ATOM   950  O O   . MET A 1 140 ? -14.591 -0.816  3.422   1.00 15.37 ? 119 MET A O   1 
ATOM   951  C CB  . MET A 1 140 ? -12.592 0.843   2.114   1.00 16.35 ? 119 MET A CB  1 
ATOM   952  C CG  . MET A 1 140 ? -13.540 1.946   1.639   1.00 19.38 ? 119 MET A CG  1 
ATOM   953  S SD  . MET A 1 140 ? -12.917 3.510   2.246   1.00 22.13 ? 119 MET A SD  1 
ATOM   954  C CE  . MET A 1 140 ? -14.274 4.688   2.022   1.00 21.59 ? 119 MET A CE  1 
ATOM   955  N N   . LYS A 1 141 ? -14.343 0.698   5.169   0.50 13.53 ? 120 LYS A N   1 
ATOM   956  C CA  . LYS A 1 141 ? -15.494 0.299   5.962   0.50 14.37 ? 120 LYS A CA  1 
ATOM   957  C C   . LYS A 1 141 ? -15.464 -1.237  6.179   0.50 12.62 ? 120 LYS A C   1 
ATOM   958  O O   . LYS A 1 141 ? -14.532 -1.783  6.732   0.50 15.48 ? 120 LYS A O   1 
ATOM   959  C CB  . LYS A 1 141 ? -16.749 0.807   5.238   0.50 14.45 ? 120 LYS A CB  1 
ATOM   960  C CG  . LYS A 1 141 ? -16.803 2.321   5.065   0.50 16.38 ? 120 LYS A CG  1 
ATOM   961  C CD  . LYS A 1 141 ? -17.619 2.631   3.840   0.50 18.92 ? 120 LYS A CD  1 
ATOM   962  C CE  . LYS A 1 141 ? -18.367 3.924   3.957   0.50 20.35 ? 120 LYS A CE  1 
ATOM   963  N NZ  . LYS A 1 141 ? -17.529 5.005   3.395   0.50 23.08 ? 120 LYS A NZ  1 
ATOM   964  N N   . GLY A 1 142 ? -16.434 -1.977  5.691   0.50 12.90 ? 121 GLY A N   1 
ATOM   965  C CA  . GLY A 1 142 ? -16.412 -3.394  5.949   0.50 11.35 ? 121 GLY A CA  1 
ATOM   966  C C   . GLY A 1 142 ? -15.826 -4.279  4.877   0.50 10.59 ? 121 GLY A C   1 
ATOM   967  O O   . GLY A 1 142 ? -15.908 -5.482  4.956   0.50 8.53  ? 121 GLY A O   1 
ATOM   968  N N   . VAL A 1 143 ? -15.290 -3.651  3.819   1.00 12.51 ? 122 VAL A N   1 
ATOM   969  C CA  . VAL A 1 143 ? -14.719 -4.459  2.739   1.00 14.52 ? 122 VAL A CA  1 
ATOM   970  C C   . VAL A 1 143 ? -13.241 -4.576  2.897   1.00 16.20 ? 122 VAL A C   1 
ATOM   971  O O   . VAL A 1 143 ? -12.546 -3.534  3.083   1.00 16.96 ? 122 VAL A O   1 
ATOM   972  C CB  . VAL A 1 143 ? -15.033 -3.871  1.341   1.00 14.88 ? 122 VAL A CB  1 
ATOM   973  C CG1 . VAL A 1 143 ? -14.298 -4.685  0.240   1.00 17.80 ? 122 VAL A CG1 1 
ATOM   974  C CG2 . VAL A 1 143 ? -16.563 -3.831  1.135   1.00 17.31 ? 122 VAL A CG2 1 
ATOM   975  N N   . THR A 1 144 ? -12.739 -5.811  2.759   1.00 15.00 ? 123 THR A N   1 
ATOM   976  C CA  . THR A 1 144 ? -11.292 -6.051  2.933   1.00 15.88 ? 123 THR A CA  1 
ATOM   977  C C   . THR A 1 144 ? -10.788 -6.708  1.687   1.00 18.15 ? 123 THR A C   1 
ATOM   978  O O   . THR A 1 144 ? -11.451 -7.633  1.187   1.00 21.68 ? 123 THR A O   1 
ATOM   979  C CB  . THR A 1 144 ? -11.018 -6.966  4.136   1.00 17.95 ? 123 THR A CB  1 
ATOM   980  O OG1 . THR A 1 144 ? -11.500 -6.339  5.312   1.00 23.29 ? 123 THR A OG1 1 
ATOM   981  C CG2 . THR A 1 144 ? -9.508  -7.237  4.315   1.00 17.53 ? 123 THR A CG2 1 
ATOM   982  N N   . SER A 1 145 ? -9.632  -6.243  1.186   1.00 15.21 ? 124 SER A N   1 
ATOM   983  C CA  . SER A 1 145 ? -8.969  -6.914  0.068   1.00 12.70 ? 124 SER A CA  1 
ATOM   984  C C   . SER A 1 145 ? -7.607  -7.399  0.538   1.00 12.44 ? 124 SER A C   1 
ATOM   985  O O   . SER A 1 145 ? -6.921  -6.656  1.286   1.00 14.20 ? 124 SER A O   1 
ATOM   986  C CB  . SER A 1 145 ? -8.744  -5.928  -1.107  1.00 12.76 ? 124 SER A CB  1 
ATOM   987  O OG  . SER A 1 145 ? -7.972  -6.593  -2.104  1.00 13.12 ? 124 SER A OG  1 
ATOM   988  N N   . THR A 1 146 ? -7.207  -8.629  0.140   1.00 11.99 ? 125 THR A N   1 
ATOM   989  C CA  . THR A 1 146 ? -5.880  -9.164  0.512   1.00 11.88 ? 125 THR A CA  1 
ATOM   990  C C   . THR A 1 146 ? -5.006  -9.294  -0.734  1.00 12.85 ? 125 THR A C   1 
ATOM   991  O O   . THR A 1 146 ? -5.430  -9.866  -1.749  1.00 12.13 ? 125 THR A O   1 
ATOM   992  C CB  . THR A 1 146 ? -6.012  -10.556 1.186   1.00 14.21 ? 125 THR A CB  1 
ATOM   993  O OG1 . THR A 1 146 ? -6.886  -10.404 2.311   1.00 15.51 ? 125 THR A OG1 1 
ATOM   994  C CG2 . THR A 1 146 ? -4.755  -11.020 1.704   1.00 13.26 ? 125 THR A CG2 1 
ATOM   995  N N   . ARG A 1 147 ? -3.829  -8.678  -0.666  1.00 11.02 ? 126 ARG A N   1 
ATOM   996  C CA  . ARG A 1 147 ? -2.879  -8.610  -1.784  1.00 11.12 ? 126 ARG A CA  1 
ATOM   997  C C   . ARG A 1 147 ? -1.619  -9.230  -1.254  1.00 11.88 ? 126 ARG A C   1 
ATOM   998  O O   . ARG A 1 147 ? -1.098  -8.726  -0.225  1.00 13.90 ? 126 ARG A O   1 
ATOM   999  C CB  . ARG A 1 147 ? -2.665  -7.138  -2.146  1.00 12.56 ? 126 ARG A CB  1 
ATOM   1000 C CG  . ARG A 1 147 ? -3.961  -6.428  -2.502  1.00 12.93 ? 126 ARG A CG  1 
ATOM   1001 C CD  . ARG A 1 147 ? -4.235  -6.599  -3.975  1.00 14.20 ? 126 ARG A CD  1 
ATOM   1002 N NE  . ARG A 1 147 ? -3.455  -5.571  -4.659  1.00 13.84 ? 126 ARG A NE  1 
ATOM   1003 C CZ  . ARG A 1 147 ? -3.503  -5.339  -5.973  1.00 14.24 ? 126 ARG A CZ  1 
ATOM   1004 N NH1 . ARG A 1 147 ? -4.263  -6.110  -6.753  1.00 14.77 ? 126 ARG A NH1 1 
ATOM   1005 N NH2 . ARG A 1 147 ? -2.776  -4.355  -6.478  1.00 12.82 ? 126 ARG A NH2 1 
ATOM   1006 N N   . VAL A 1 148 ? -1.185  -10.351 -1.846  1.00 10.99 ? 127 VAL A N   1 
ATOM   1007 C CA  . VAL A 1 148 ? -0.012  -11.113 -1.287  1.00 11.47 ? 127 VAL A CA  1 
ATOM   1008 C C   . VAL A 1 148 ? 1.144   -10.927 -2.209  1.00 11.31 ? 127 VAL A C   1 
ATOM   1009 O O   . VAL A 1 148 ? 1.001   -11.146 -3.462  1.00 13.14 ? 127 VAL A O   1 
ATOM   1010 C CB  . VAL A 1 148 ? -0.357  -12.631 -1.142  1.00 11.33 ? 127 VAL A CB  1 
ATOM   1011 C CG1 . VAL A 1 148 ? 0.842   -13.417 -0.581  1.00 11.69 ? 127 VAL A CG1 1 
ATOM   1012 C CG2 . VAL A 1 148 ? -1.513  -12.680 -0.126  1.00 12.32 ? 127 VAL A CG2 1 
ATOM   1013 N N   . TYR A 1 149 ? 2.298   -10.533 -1.659  1.00 10.96 ? 128 TYR A N   1 
ATOM   1014 C CA  . TYR A 1 149 ? 3.542   -10.359 -2.492  1.00 10.03 ? 128 TYR A CA  1 
ATOM   1015 C C   . TYR A 1 149 ? 4.582   -11.393 -2.060  1.00 11.92 ? 128 TYR A C   1 
ATOM   1016 O O   . TYR A 1 149 ? 4.618   -11.799 -0.894  1.00 11.54 ? 128 TYR A O   1 
ATOM   1017 C CB  . TYR A 1 149 ? 4.174   -8.960  -2.277  1.00 10.53 ? 128 TYR A CB  1 
ATOM   1018 C CG  . TYR A 1 149 ? 3.278   -7.852  -2.771  1.00 10.27 ? 128 TYR A CG  1 
ATOM   1019 C CD1 . TYR A 1 149 ? 2.115   -7.446  -2.063  1.00 10.53 ? 128 TYR A CD1 1 
ATOM   1020 C CD2 . TYR A 1 149 ? 3.584   -7.236  -3.963  1.00 9.99  ? 128 TYR A CD2 1 
ATOM   1021 C CE1 . TYR A 1 149 ? 1.316   -6.409  -2.565  1.00 10.27 ? 128 TYR A CE1 1 
ATOM   1022 C CE2 . TYR A 1 149 ? 2.793   -6.217  -4.455  1.00 10.45 ? 128 TYR A CE2 1 
ATOM   1023 C CZ  . TYR A 1 149 ? 1.717   -5.792  -3.788  1.00 11.10 ? 128 TYR A CZ  1 
ATOM   1024 O OH  . TYR A 1 149 ? 0.988   -4.801  -4.410  1.00 11.77 ? 128 TYR A OH  1 
ATOM   1025 N N   . GLU A 1 150 ? 5.439   -11.797 -3.007  1.00 13.09 ? 129 GLU A N   1 
ATOM   1026 C CA  . GLU A 1 150 ? 6.588   -12.597 -2.622  1.00 14.84 ? 129 GLU A CA  1 
ATOM   1027 C C   . GLU A 1 150 ? 7.805   -11.893 -3.127  1.00 13.68 ? 129 GLU A C   1 
ATOM   1028 O O   . GLU A 1 150 ? 7.710   -11.018 -3.943  1.00 15.51 ? 129 GLU A O   1 
ATOM   1029 C CB  . GLU A 1 150 ? 6.448   -14.009 -3.263  1.00 18.13 ? 129 GLU A CB  1 
ATOM   1030 C CG  . GLU A 1 150 ? 5.465   -14.858 -2.468  0.50 17.53 ? 129 GLU A CG  1 
ATOM   1031 C CD  . GLU A 1 150 ? 5.115   -16.212 -3.052  0.50 19.95 ? 129 GLU A CD  1 
ATOM   1032 O OE1 . GLU A 1 150 ? 5.590   -16.576 -4.155  0.50 20.93 ? 129 GLU A OE1 1 
ATOM   1033 O OE2 . GLU A 1 150 ? 4.353   -16.928 -2.348  0.50 22.39 ? 129 GLU A OE2 1 
ATOM   1034 N N   . ARG A 1 151 ? 8.984   -12.273 -2.641  1.00 15.79 ? 130 ARG A N   1 
ATOM   1035 C CA  . ARG A 1 151 ? 10.205  -11.648 -3.172  1.00 17.32 ? 130 ARG A CA  1 
ATOM   1036 C C   . ARG A 1 151 ? 10.404  -11.829 -4.640  1.00 18.33 ? 130 ARG A C   1 
ATOM   1037 O O   . ARG A 1 151 ? 10.155  -12.938 -5.190  1.00 19.50 ? 130 ARG A O   1 
ATOM   1038 C CB  . ARG A 1 151 ? 11.412  -12.177 -2.406  1.00 16.93 ? 130 ARG A CB  1 
ATOM   1039 C CG  . ARG A 1 151 ? 11.488  -11.551 -1.019  1.00 20.46 ? 130 ARG A CG  1 
ATOM   1040 C CD  . ARG A 1 151 ? 12.852  -11.516 -0.372  1.00 20.92 ? 130 ARG A CD  1 
ATOM   1041 N NE  . ARG A 1 151 ? 12.724  -11.152 1.055   1.00 23.03 ? 130 ARG A NE  1 
ATOM   1042 C CZ  . ARG A 1 151 ? 12.871  -9.909  1.527   1.00 19.05 ? 130 ARG A CZ  1 
ATOM   1043 N NH1 . ARG A 1 151 ? 13.175  -8.893  0.709   1.00 18.74 ? 130 ARG A NH1 1 
ATOM   1044 N NH2 . ARG A 1 151 ? 12.793  -9.701  2.846   1.00 18.08 ? 130 ARG A NH2 1 
ATOM   1045 N N   . ALA A 1 152 ? 10.873  -10.768 -5.294  1.00 19.55 ? 131 ALA A N   1 
ATOM   1046 C CA  . ALA A 1 152 ? 10.964  -10.809 -6.751  1.00 24.71 ? 131 ALA A CA  1 
ATOM   1047 C C   . ALA A 1 152 ? 12.236  -11.537 -7.138  1.00 32.83 ? 131 ALA A C   1 
ATOM   1048 O O   . ALA A 1 152 ? 12.397  -12.082 -8.235  1.00 40.65 ? 131 ALA A O   1 
ATOM   1049 C CB  . ALA A 1 152 ? 10.925  -9.395  -7.362  1.00 24.95 ? 131 ALA A CB  1 
ATOM   1050 O OXT . ALA A 1 152 ? 13.134  -11.635 -6.322  1.00 34.19 ? 131 ALA A OXT 1 
HETATM 1051 C C8  . 57P B 2 .   ? -3.003  0.387   -5.302  1.00 13.51 ? 201 57P A C8  1 
HETATM 1052 C C2  . 57P B 2 .   ? -1.680  -0.880  -9.390  1.00 14.64 ? 201 57P A C2  1 
HETATM 1053 C C4  . 57P B 2 .   ? -1.192  -0.001  -7.174  1.00 12.89 ? 201 57P A C4  1 
HETATM 1054 C C5  . 57P B 2 .   ? 0.032   0.527   -7.613  1.00 14.06 ? 201 57P A C5  1 
HETATM 1055 C C6  . 57P B 2 .   ? 0.364   0.427   -8.966  1.00 13.94 ? 201 57P A C6  1 
HETATM 1056 C C11 . 57P B 2 .   ? -5.263  0.937   -3.833  1.00 14.72 ? 201 57P A C11 1 
HETATM 1057 C C1  . 57P B 2 .   ? -0.473  -0.303  -9.858  1.00 14.41 ? 201 57P A C1  1 
HETATM 1058 C C21 . 57P B 2 .   ? -1.401  -0.370  -2.023  1.00 13.67 ? 201 57P A C21 1 
HETATM 1059 C C22 . 57P B 2 .   ? -2.094  -1.741  -1.847  1.00 12.22 ? 201 57P A C22 1 
HETATM 1060 C C24 . 57P B 2 .   ? -6.481  1.435   -6.112  1.00 18.43 ? 201 57P A C24 1 
HETATM 1061 C C25 . 57P B 2 .   ? -6.516  2.798   -5.545  1.00 19.72 ? 201 57P A C25 1 
HETATM 1062 O O1  . 57P B 2 .   ? -2.031  -3.232  -3.859  1.00 15.06 ? 201 57P A O1  1 
HETATM 1063 C C23 . 57P B 2 .   ? -1.569  -2.884  -2.729  1.00 14.09 ? 201 57P A C23 1 
HETATM 1064 O O2  . 57P B 2 .   ? -0.438  -3.419  -2.414  1.00 14.02 ? 201 57P A O2  1 
HETATM 1065 N N   . 57P B 2 .   ? -1.720  -0.055  -3.447  1.00 11.78 ? 201 57P A N   1 
HETATM 1066 C C14 . 57P B 2 .   ? -0.917  -0.193  -4.530  1.00 12.46 ? 201 57P A C14 1 
HETATM 1067 C C15 . 57P B 2 .   ? 0.524   -0.543  -4.469  1.00 10.80 ? 201 57P A C15 1 
HETATM 1068 C C16 . 57P B 2 .   ? 1.281   0.415   -3.780  1.00 11.78 ? 201 57P A C16 1 
HETATM 1069 C C17 . 57P B 2 .   ? 2.676   0.234   -3.621  1.00 12.30 ? 201 57P A C17 1 
HETATM 1070 C C18 . 57P B 2 .   ? 3.265   -0.943  -4.122  1.00 11.58 ? 201 57P A C18 1 
HETATM 1071 C C19 . 57P B 2 .   ? 2.472   -1.881  -4.860  1.00 10.60 ? 201 57P A C19 1 
HETATM 1072 C C20 . 57P B 2 .   ? 1.076   -1.690  -5.005  1.00 10.60 ? 201 57P A C20 1 
HETATM 1073 C C7  . 57P B 2 .   ? -1.656  0.059   -5.750  1.00 11.88 ? 201 57P A C7  1 
HETATM 1074 C C3  . 57P B 2 .   ? -2.047  -0.735  -8.016  1.00 12.84 ? 201 57P A C3  1 
HETATM 1075 C C13 . 57P B 2 .   ? -2.972  0.314   -3.807  1.00 12.58 ? 201 57P A C13 1 
HETATM 1076 C C9  . 57P B 2 .   ? -4.127  0.785   -5.979  1.00 14.47 ? 201 57P A C9  1 
HETATM 1077 C C10 . 57P B 2 .   ? -5.270  1.042   -5.255  1.00 15.56 ? 201 57P A C10 1 
HETATM 1078 C C12 . 57P B 2 .   ? -4.138  0.569   -3.087  1.00 13.77 ? 201 57P A C12 1 
HETATM 1079 C C26 . 57P B 2 .   ? -7.660  1.851   -5.228  1.00 18.21 ? 201 57P A C26 1 
HETATM 1080 O O   . HOH C 3 .   ? 2.194   18.917  2.080   1.00 26.20 ? 301 HOH A O   1 
HETATM 1081 O O   . HOH C 3 .   ? -7.016  -4.779  10.061  1.00 35.94 ? 302 HOH A O   1 
HETATM 1082 O O   . HOH C 3 .   ? 9.241   -14.407 -0.792  1.00 23.07 ? 303 HOH A O   1 
HETATM 1083 O O   . HOH C 3 .   ? 3.259   2.833   17.285  1.00 34.67 ? 304 HOH A O   1 
HETATM 1084 O O   . HOH C 3 .   ? -6.765  -15.190 -5.277  1.00 45.14 ? 305 HOH A O   1 
HETATM 1085 O O   . HOH C 3 .   ? 0.278   20.248  1.910   1.00 34.04 ? 306 HOH A O   1 
HETATM 1086 O O   . HOH C 3 .   ? 3.229   -13.212 10.906  1.00 27.17 ? 307 HOH A O   1 
HETATM 1087 O O   . HOH C 3 .   ? 10.114  10.032  -2.627  1.00 36.13 ? 308 HOH A O   1 
HETATM 1088 O O   . HOH C 3 .   ? 19.637  2.224   4.669   1.00 45.91 ? 309 HOH A O   1 
HETATM 1089 O O   . HOH C 3 .   ? 10.207  -3.176  -10.199 1.00 32.88 ? 310 HOH A O   1 
HETATM 1090 O O   . HOH C 3 .   ? 14.287  -7.273  3.976   1.00 20.54 ? 311 HOH A O   1 
HETATM 1091 O O   . HOH C 3 .   ? -14.352 -12.537 -3.052  1.00 35.51 ? 312 HOH A O   1 
HETATM 1092 O O   . HOH C 3 .   ? -1.915  8.918   -9.874  1.00 37.97 ? 313 HOH A O   1 
HETATM 1093 O O   . HOH C 3 .   ? -20.244 -7.328  -3.186  1.00 43.65 ? 314 HOH A O   1 
HETATM 1094 O O   . HOH C 3 .   ? -7.565  -13.895 -7.417  1.00 37.42 ? 315 HOH A O   1 
HETATM 1095 O O   . HOH C 3 .   ? 1.456   13.316  12.054  1.00 17.63 ? 316 HOH A O   1 
HETATM 1096 O O   . HOH C 3 .   ? -14.462 11.539  -2.328  1.00 46.07 ? 317 HOH A O   1 
HETATM 1097 O O   . HOH C 3 .   ? 2.307   -18.237 4.160   1.00 44.50 ? 318 HOH A O   1 
HETATM 1098 O O   . HOH C 3 .   ? 10.581  6.888   10.405  1.00 13.74 ? 319 HOH A O   1 
HETATM 1099 O O   . HOH C 3 .   ? -1.356  12.340  11.361  1.00 29.33 ? 320 HOH A O   1 
HETATM 1100 O O   . HOH C 3 .   ? 4.652   -8.172  -9.915  1.00 22.14 ? 321 HOH A O   1 
HETATM 1101 O O   . HOH C 3 .   ? -11.248 -4.873  -11.120 1.00 26.72 ? 322 HOH A O   1 
HETATM 1102 O O   . HOH C 3 .   ? -3.776  -3.021  -16.648 1.00 11.86 ? 323 HOH A O   1 
HETATM 1103 O O   . HOH C 3 .   ? 23.384  1.543   9.870   1.00 65.64 ? 324 HOH A O   1 
HETATM 1104 O O   . HOH C 3 .   ? 1.476   -2.183  -1.023  1.00 14.19 ? 325 HOH A O   1 
HETATM 1105 O O   . HOH C 3 .   ? 17.017  0.748   9.093   1.00 48.62 ? 326 HOH A O   1 
HETATM 1106 O O   . HOH C 3 .   ? 14.122  -10.108 -4.346  1.00 40.45 ? 327 HOH A O   1 
HETATM 1107 O O   . HOH C 3 .   ? -16.381 -4.208  -11.476 1.00 25.09 ? 328 HOH A O   1 
HETATM 1108 O O   . HOH C 3 .   ? -3.619  -4.631  -9.254  1.00 17.25 ? 329 HOH A O   1 
HETATM 1109 O O   . HOH C 3 .   ? -4.672  -12.686 -2.041  1.00 20.78 ? 330 HOH A O   1 
HETATM 1110 O O   . HOH C 3 .   ? 16.912  0.336   2.467   1.00 22.57 ? 331 HOH A O   1 
HETATM 1111 O O   . HOH C 3 .   ? 3.923   -10.946 -10.280 1.00 32.38 ? 332 HOH A O   1 
HETATM 1112 O O   . HOH C 3 .   ? -1.043  3.598   -17.945 1.00 44.46 ? 333 HOH A O   1 
HETATM 1113 O O   . HOH C 3 .   ? -6.145  -2.548  6.997   1.00 28.69 ? 334 HOH A O   1 
HETATM 1114 O O   . HOH C 3 .   ? 3.676   15.976  2.175   1.00 14.29 ? 335 HOH A O   1 
HETATM 1115 O O   . HOH C 3 .   ? 12.628  -7.492  11.408  1.00 41.87 ? 336 HOH A O   1 
HETATM 1116 O O   . HOH C 3 .   ? -9.643  3.672   7.634   1.00 26.12 ? 337 HOH A O   1 
HETATM 1117 O O   . HOH C 3 .   ? 6.469   -18.420 10.144  1.00 25.64 ? 338 HOH A O   1 
HETATM 1118 O O   . HOH C 3 .   ? 13.812  -8.324  7.333   1.00 46.19 ? 339 HOH A O   1 
HETATM 1119 O O   . HOH C 3 .   ? 7.777   14.370  7.870   1.00 21.54 ? 340 HOH A O   1 
HETATM 1120 O O   . HOH C 3 .   ? 3.911   4.008   -3.575  1.00 15.86 ? 341 HOH A O   1 
HETATM 1121 O O   . HOH C 3 .   ? -6.017  3.198   -1.060  1.00 12.84 ? 342 HOH A O   1 
HETATM 1122 O O   . HOH C 3 .   ? 0.929   -0.083  5.354   1.00 10.49 ? 343 HOH A O   1 
HETATM 1123 O O   . HOH C 3 .   ? -0.541  3.126   15.071  1.00 35.90 ? 344 HOH A O   1 
HETATM 1124 O O   . HOH C 3 .   ? 0.688   6.863   -4.041  1.00 20.87 ? 345 HOH A O   1 
HETATM 1125 O O   . HOH C 3 .   ? -18.740 -1.485  4.180   1.00 30.10 ? 346 HOH A O   1 
HETATM 1126 O O   . HOH C 3 .   ? -11.306 -12.037 -5.586  1.00 31.76 ? 347 HOH A O   1 
HETATM 1127 O O   . HOH C 3 .   ? 14.120  6.344   1.917   1.00 16.37 ? 348 HOH A O   1 
HETATM 1128 O O   . HOH C 3 .   ? -12.577 2.322   6.635   1.00 32.17 ? 349 HOH A O   1 
HETATM 1129 O O   . HOH C 3 .   ? -10.808 7.310   -7.515  1.00 26.21 ? 350 HOH A O   1 
HETATM 1130 O O   . HOH C 3 .   ? -2.803  -9.735  -14.484 1.00 24.39 ? 351 HOH A O   1 
HETATM 1131 O O   . HOH C 3 .   ? 13.661  -8.559  -2.055  1.00 18.44 ? 352 HOH A O   1 
HETATM 1132 O O   . HOH C 3 .   ? 3.876   9.004   8.064   1.00 9.16  ? 353 HOH A O   1 
HETATM 1133 O O   . HOH C 3 .   ? -14.281 -8.478  -5.306  1.00 49.28 ? 354 HOH A O   1 
HETATM 1134 O O   . HOH C 3 .   ? 5.484   -7.985  9.996   1.00 22.59 ? 355 HOH A O   1 
HETATM 1135 O O   . HOH C 3 .   ? -3.333  11.035  7.649   1.00 28.06 ? 356 HOH A O   1 
HETATM 1136 O O   . HOH C 3 .   ? -15.055 4.524   -16.006 1.00 25.27 ? 357 HOH A O   1 
HETATM 1137 O O   . HOH C 3 .   ? -9.696  -6.048  -13.813 1.00 26.95 ? 358 HOH A O   1 
HETATM 1138 O O   . HOH C 3 .   ? 0.392   0.526   -20.309 1.00 22.01 ? 359 HOH A O   1 
HETATM 1139 O O   . HOH C 3 .   ? -9.739  -10.460 2.189   1.00 30.69 ? 360 HOH A O   1 
HETATM 1140 O O   . HOH C 3 .   ? -8.830  13.647  -4.502  1.00 31.79 ? 361 HOH A O   1 
HETATM 1141 O O   . HOH C 3 .   ? 6.396   12.166  6.657   1.00 14.68 ? 362 HOH A O   1 
HETATM 1142 O O   . HOH C 3 .   ? -6.961  -7.572  -8.888  1.00 35.10 ? 363 HOH A O   1 
HETATM 1143 O O   . HOH C 3 .   ? 12.204  4.216   10.460  1.00 41.53 ? 364 HOH A O   1 
HETATM 1144 O O   . HOH C 3 .   ? -0.972  5.390   11.017  1.00 19.21 ? 365 HOH A O   1 
HETATM 1145 O O   . HOH C 3 .   ? 11.937  2.256   -2.431  1.00 20.68 ? 366 HOH A O   1 
HETATM 1146 O O   . HOH C 3 .   ? -5.041  -13.778 -7.489  1.00 26.67 ? 367 HOH A O   1 
HETATM 1147 O O   . HOH C 3 .   ? 9.385   -8.843  -11.143 1.00 46.77 ? 368 HOH A O   1 
HETATM 1148 O O   . HOH C 3 .   ? -2.997  15.775  -0.186  1.00 33.83 ? 369 HOH A O   1 
HETATM 1149 O O   . HOH C 3 .   ? 6.819   12.809  3.924   1.00 12.88 ? 370 HOH A O   1 
HETATM 1150 O O   . HOH C 3 .   ? 16.794  10.637  8.329   1.00 17.87 ? 371 HOH A O   1 
HETATM 1151 O O   . HOH C 3 .   ? 17.461  3.399   9.693   1.00 40.25 ? 372 HOH A O   1 
HETATM 1152 O O   . HOH C 3 .   ? 7.895   4.219   -8.798  1.00 34.08 ? 373 HOH A O   1 
HETATM 1153 O O   . HOH C 3 .   ? 5.183   16.249  5.726   1.00 23.15 ? 374 HOH A O   1 
HETATM 1154 O O   . HOH C 3 .   ? 6.797   0.656   -15.209 1.00 29.05 ? 375 HOH A O   1 
HETATM 1155 O O   . HOH C 3 .   ? 5.337   4.352   14.491  1.00 23.41 ? 376 HOH A O   1 
HETATM 1156 O O   . HOH C 3 .   ? -13.352 8.866   -3.563  1.00 34.24 ? 377 HOH A O   1 
HETATM 1157 O O   . HOH C 3 .   ? -2.258  3.891   -4.685  1.00 27.19 ? 378 HOH A O   1 
HETATM 1158 O O   . HOH C 3 .   ? 15.731  4.978   0.324   1.00 24.20 ? 379 HOH A O   1 
HETATM 1159 O O   . HOH C 3 .   ? 3.579   8.902   -6.678  1.00 36.19 ? 380 HOH A O   1 
HETATM 1160 O O   . HOH C 3 .   ? -9.829  15.949  0.988   1.00 35.55 ? 381 HOH A O   1 
HETATM 1161 O O   . HOH C 3 .   ? -9.344  13.411  -7.553  1.00 50.25 ? 382 HOH A O   1 
HETATM 1162 O O   . HOH C 3 .   ? 4.118   -0.814  18.699  1.00 39.19 ? 383 HOH A O   1 
HETATM 1163 O O   . HOH C 3 .   ? 11.256  -0.458  14.733  1.00 39.17 ? 384 HOH A O   1 
HETATM 1164 O O   . HOH C 3 .   ? 2.949   6.433   -13.687 1.00 24.43 ? 385 HOH A O   1 
HETATM 1165 O O   . HOH C 3 .   ? -4.717  -8.517  6.382   1.00 45.57 ? 386 HOH A O   1 
HETATM 1166 O O   . HOH C 3 .   ? -0.469  2.652   -0.714  1.00 31.85 ? 387 HOH A O   1 
HETATM 1167 O O   . HOH C 3 .   ? -16.957 5.958   -0.447  1.00 42.11 ? 388 HOH A O   1 
HETATM 1168 O O   . HOH C 3 .   ? -12.520 5.342   -14.191 1.00 22.87 ? 389 HOH A O   1 
HETATM 1169 O O   . HOH C 3 .   ? -0.252  -5.182  15.743  1.00 39.80 ? 390 HOH A O   1 
HETATM 1170 O O   . HOH C 3 .   ? 10.044  -15.707 -4.008  1.00 39.09 ? 391 HOH A O   1 
HETATM 1171 O O   . HOH C 3 .   ? -11.753 6.745   -10.080 1.00 33.08 ? 392 HOH A O   1 
HETATM 1172 O O   . HOH C 3 .   ? -8.960  -9.248  -6.756  1.00 21.31 ? 393 HOH A O   1 
HETATM 1173 O O   . HOH C 3 .   ? -14.607 6.134   5.600   1.00 25.90 ? 394 HOH A O   1 
HETATM 1174 O O   . HOH C 3 .   ? -7.504  2.746   11.291  1.00 35.38 ? 395 HOH A O   1 
HETATM 1175 O O   . HOH C 3 .   ? 1.684   4.158   -1.813  1.00 33.12 ? 396 HOH A O   1 
HETATM 1176 O O   . HOH C 3 .   ? -3.061  3.776   -2.272  1.00 24.79 ? 397 HOH A O   1 
HETATM 1177 O O   . HOH C 3 .   ? 0.146   8.725   -8.391  1.00 42.56 ? 398 HOH A O   1 
HETATM 1178 O O   . HOH C 3 .   ? -11.450 12.052  6.590   1.00 30.67 ? 399 HOH A O   1 
HETATM 1179 O O   . HOH C 3 .   ? 5.378   0.859   17.948  1.00 48.52 ? 400 HOH A O   1 
HETATM 1180 O O   . HOH C 3 .   ? 2.507   11.217  -3.906  1.00 28.87 ? 401 HOH A O   1 
HETATM 1181 O O   . HOH C 3 .   ? 13.785  6.860   -4.236  1.00 53.05 ? 402 HOH A O   1 
HETATM 1182 O O   . HOH C 3 .   ? 0.242   3.791   -4.358  1.00 24.53 ? 403 HOH A O   1 
HETATM 1183 O O   . HOH C 3 .   ? 6.213   -18.326 -0.204  1.00 37.28 ? 404 HOH A O   1 
HETATM 1184 O O   . HOH C 3 .   ? -10.022 7.421   -11.061 1.00 49.90 ? 405 HOH A O   1 
HETATM 1185 O O   . HOH C 3 .   ? -2.326  1.045   -18.421 1.00 38.36 ? 406 HOH A O   1 
HETATM 1186 O O   . HOH C 3 .   ? -11.063 10.752  9.065   1.00 43.12 ? 407 HOH A O   1 
HETATM 1187 O O   . HOH C 3 .   ? -11.389 -8.837  -7.637  1.00 29.30 ? 408 HOH A O   1 
HETATM 1188 O O   . HOH C 3 .   ? 16.538  -6.651  1.088   1.00 26.00 ? 409 HOH A O   1 
HETATM 1189 O O   . HOH C 3 .   ? -9.776  14.471  -2.485  1.00 61.03 ? 410 HOH A O   1 
HETATM 1190 O O   . HOH C 3 .   ? 8.947   1.355   -15.207 1.00 48.44 ? 411 HOH A O   1 
HETATM 1191 O O   . HOH C 3 .   ? 13.857  2.642   -4.653  1.00 41.16 ? 412 HOH A O   1 
HETATM 1192 O O   . HOH C 3 .   ? 6.057   -5.023  -13.091 1.00 38.97 ? 413 HOH A O   1 
HETATM 1193 O O   . HOH C 3 .   ? 7.859   6.954   -9.200  1.00 42.15 ? 414 HOH A O   1 
HETATM 1194 O O   . HOH C 3 .   ? -9.531  -7.448  -9.027  1.00 48.28 ? 415 HOH A O   1 
HETATM 1195 O O   . HOH C 3 .   ? 7.856   -17.202 -1.340  1.00 48.83 ? 416 HOH A O   1 
HETATM 1196 O O   . HOH C 3 .   ? -3.696  -8.530  10.506  1.00 42.57 ? 417 HOH A O   1 
HETATM 1197 O O   . HOH C 3 .   ? -10.689 10.117  -7.750  1.00 62.80 ? 418 HOH A O   1 
HETATM 1198 O O   . HOH C 3 .   ? -6.715  -14.038 -0.553  1.00 43.78 ? 419 HOH A O   1 
HETATM 1199 O O   . HOH C 3 .   ? 10.976  7.947   13.027  1.00 34.24 ? 420 HOH A O   1 
# 
loop_
_pdbx_poly_seq_scheme.asym_id 
_pdbx_poly_seq_scheme.entity_id 
_pdbx_poly_seq_scheme.seq_id 
_pdbx_poly_seq_scheme.mon_id 
_pdbx_poly_seq_scheme.ndb_seq_num 
_pdbx_poly_seq_scheme.pdb_seq_num 
_pdbx_poly_seq_scheme.auth_seq_num 
_pdbx_poly_seq_scheme.pdb_mon_id 
_pdbx_poly_seq_scheme.auth_mon_id 
_pdbx_poly_seq_scheme.pdb_strand_id 
_pdbx_poly_seq_scheme.pdb_ins_code 
_pdbx_poly_seq_scheme.hetero 
A 1 1   MET 1   -20 ?   ?   ?   A . n 
A 1 2   GLY 2   -19 ?   ?   ?   A . n 
A 1 3   SER 3   -18 ?   ?   ?   A . n 
A 1 4   SER 4   -17 ?   ?   ?   A . n 
A 1 5   HIS 5   -16 ?   ?   ?   A . n 
A 1 6   HIS 6   -15 ?   ?   ?   A . n 
A 1 7   HIS 7   -14 ?   ?   ?   A . n 
A 1 8   HIS 8   -13 ?   ?   ?   A . n 
A 1 9   HIS 9   -12 ?   ?   ?   A . n 
A 1 10  HIS 10  -11 ?   ?   ?   A . n 
A 1 11  SER 11  -10 ?   ?   ?   A . n 
A 1 12  SER 12  -9  ?   ?   ?   A . n 
A 1 13  GLY 13  -8  ?   ?   ?   A . n 
A 1 14  LEU 14  -7  ?   ?   ?   A . n 
A 1 15  VAL 15  -6  ?   ?   ?   A . n 
A 1 16  PRO 16  -5  ?   ?   ?   A . n 
A 1 17  ARG 17  -4  ?   ?   ?   A . n 
A 1 18  GLY 18  -3  -3  GLY GLY A . n 
A 1 19  SER 19  -2  -2  SER SER A . n 
A 1 20  HIS 20  -1  -1  HIS HIS A . n 
A 1 21  MET 21  0   0   MET MET A . n 
A 1 22  CYS 22  1   1   CYS CYS A . n 
A 1 23  ASP 23  2   2   ASP ASP A . n 
A 1 24  ALA 24  3   3   ALA ALA A . n 
A 1 25  PHE 25  4   4   PHE PHE A . n 
A 1 26  VAL 26  5   5   VAL VAL A . n 
A 1 27  GLY 27  6   6   GLY GLY A . n 
A 1 28  THR 28  7   7   THR THR A . n 
A 1 29  TRP 29  8   8   TRP TRP A . n 
A 1 30  LYS 30  9   9   LYS LYS A . n 
A 1 31  LEU 31  10  10  LEU LEU A . n 
A 1 32  VAL 32  11  11  VAL VAL A . n 
A 1 33  SER 33  12  12  SER SER A . n 
A 1 34  SER 34  13  13  SER SER A . n 
A 1 35  GLU 35  14  14  GLU GLU A . n 
A 1 36  ASN 36  15  15  ASN ASN A . n 
A 1 37  PHE 37  16  16  PHE PHE A . n 
A 1 38  ASP 38  17  17  ASP ASP A . n 
A 1 39  ASP 39  18  18  ASP ASP A . n 
A 1 40  TYR 40  19  19  TYR TYR A . n 
A 1 41  MET 41  20  20  MET MET A . n 
A 1 42  LYS 42  21  21  LYS LYS A . n 
A 1 43  GLU 43  22  22  GLU GLU A . n 
A 1 44  VAL 44  23  23  VAL VAL A . n 
A 1 45  GLY 45  24  24  GLY GLY A . n 
A 1 46  VAL 46  25  25  VAL VAL A . n 
A 1 47  GLY 47  26  26  GLY GLY A . n 
A 1 48  PHE 48  27  27  PHE PHE A . n 
A 1 49  ALA 49  28  28  ALA ALA A . n 
A 1 50  THR 50  29  29  THR THR A . n 
A 1 51  ARG 51  30  30  ARG ARG A . n 
A 1 52  LYS 52  31  31  LYS LYS A . n 
A 1 53  VAL 53  32  32  VAL VAL A . n 
A 1 54  ALA 54  33  33  ALA ALA A . n 
A 1 55  GLY 55  34  34  GLY GLY A . n 
A 1 56  MET 56  35  35  MET MET A . n 
A 1 57  ALA 57  36  36  ALA ALA A . n 
A 1 58  LYS 58  37  37  LYS LYS A . n 
A 1 59  PRO 59  38  38  PRO PRO A . n 
A 1 60  ASN 60  39  39  ASN ASN A . n 
A 1 61  MET 61  40  40  MET MET A . n 
A 1 62  ILE 62  41  41  ILE ILE A . n 
A 1 63  ILE 63  42  42  ILE ILE A . n 
A 1 64  SER 64  43  43  SER SER A . n 
A 1 65  VAL 65  44  44  VAL VAL A . n 
A 1 66  ASN 66  45  45  ASN ASN A . n 
A 1 67  GLY 67  46  46  GLY GLY A . n 
A 1 68  ASP 68  47  47  ASP ASP A . n 
A 1 69  VAL 69  48  48  VAL VAL A . n 
A 1 70  ILE 70  49  49  ILE ILE A . n 
A 1 71  THR 71  50  50  THR THR A . n 
A 1 72  ILE 72  51  51  ILE ILE A . n 
A 1 73  LYS 73  52  52  LYS LYS A . n 
A 1 74  SER 74  53  53  SER SER A . n 
A 1 75  GLU 75  54  54  GLU GLU A . n 
A 1 76  SER 76  55  55  SER SER A . n 
A 1 77  THR 77  56  56  THR THR A . n 
A 1 78  PHE 78  57  57  PHE PHE A . n 
A 1 79  LYS 79  58  58  LYS LYS A . n 
A 1 80  ASN 80  59  59  ASN ASN A . n 
A 1 81  THR 81  60  60  THR THR A . n 
A 1 82  GLU 82  61  61  GLU GLU A . n 
A 1 83  ILE 83  62  62  ILE ILE A . n 
A 1 84  SER 84  63  63  SER SER A . n 
A 1 85  PHE 85  64  64  PHE PHE A . n 
A 1 86  ILE 86  65  65  ILE ILE A . n 
A 1 87  LEU 87  66  66  LEU LEU A . n 
A 1 88  GLY 88  67  67  GLY GLY A . n 
A 1 89  GLN 89  68  68  GLN GLN A . n 
A 1 90  GLU 90  69  69  GLU GLU A . n 
A 1 91  PHE 91  70  70  PHE PHE A . n 
A 1 92  ASP 92  71  71  ASP ASP A . n 
A 1 93  GLU 93  72  72  GLU GLU A . n 
A 1 94  VAL 94  73  73  VAL VAL A . n 
A 1 95  THR 95  74  74  THR THR A . n 
A 1 96  ALA 96  75  75  ALA ALA A . n 
A 1 97  ASP 97  76  76  ASP ASP A . n 
A 1 98  ASP 98  77  77  ASP ASP A . n 
A 1 99  ARG 99  78  78  ARG ARG A . n 
A 1 100 LYS 100 79  79  LYS LYS A . n 
A 1 101 VAL 101 80  80  VAL VAL A . n 
A 1 102 LYS 102 81  81  LYS LYS A . n 
A 1 103 SER 103 82  82  SER SER A . n 
A 1 104 THR 104 83  83  THR THR A . n 
A 1 105 ILE 105 84  84  ILE ILE A . n 
A 1 106 THR 106 85  85  THR THR A . n 
A 1 107 LEU 107 86  86  LEU LEU A . n 
A 1 108 ASP 108 87  87  ASP ASP A . n 
A 1 109 GLY 109 88  88  GLY GLY A . n 
A 1 110 GLY 110 89  89  GLY GLY A . n 
A 1 111 VAL 111 90  90  VAL VAL A . n 
A 1 112 LEU 112 91  91  LEU LEU A . n 
A 1 113 VAL 113 92  92  VAL VAL A . n 
A 1 114 HIS 114 93  93  HIS HIS A . n 
A 1 115 VAL 115 94  94  VAL VAL A . n 
A 1 116 GLN 116 95  95  GLN GLN A . n 
A 1 117 LYS 117 96  96  LYS LYS A . n 
A 1 118 TRP 118 97  97  TRP TRP A . n 
A 1 119 ASP 119 98  98  ASP ASP A . n 
A 1 120 GLY 120 99  99  GLY GLY A . n 
A 1 121 LYS 121 100 100 LYS LYS A . n 
A 1 122 SER 122 101 101 SER SER A . n 
A 1 123 THR 123 102 102 THR THR A . n 
A 1 124 THR 124 103 103 THR THR A . n 
A 1 125 ILE 125 104 104 ILE ILE A . n 
A 1 126 LYS 126 105 105 LYS LYS A . n 
A 1 127 ARG 127 106 106 ARG ARG A . n 
A 1 128 LYS 128 107 107 LYS LYS A . n 
A 1 129 ARG 129 108 108 ARG ARG A . n 
A 1 130 GLU 130 109 109 GLU GLU A . n 
A 1 131 ASP 131 110 110 ASP ASP A . n 
A 1 132 ASP 132 111 111 ASP ASP A . n 
A 1 133 LYS 133 112 112 LYS LYS A . n 
A 1 134 LEU 134 113 113 LEU LEU A . n 
A 1 135 VAL 135 114 114 VAL VAL A . n 
A 1 136 VAL 136 115 115 VAL VAL A . n 
A 1 137 GLU 137 116 116 GLU GLU A . n 
A 1 138 CYS 138 117 117 CYS CYS A . n 
A 1 139 VAL 139 118 118 VAL VAL A . n 
A 1 140 MET 140 119 119 MET MET A . n 
A 1 141 LYS 141 120 120 LYS LYS A . n 
A 1 142 GLY 142 121 121 GLY GLY A . n 
A 1 143 VAL 143 122 122 VAL VAL A . n 
A 1 144 THR 144 123 123 THR THR A . n 
A 1 145 SER 145 124 124 SER SER A . n 
A 1 146 THR 146 125 125 THR THR A . n 
A 1 147 ARG 147 126 126 ARG ARG A . n 
A 1 148 VAL 148 127 127 VAL VAL A . n 
A 1 149 TYR 149 128 128 TYR TYR A . n 
A 1 150 GLU 150 129 129 GLU GLU A . n 
A 1 151 ARG 151 130 130 ARG ARG A . n 
A 1 152 ALA 152 131 131 ALA ALA A . n 
# 
loop_
_pdbx_nonpoly_scheme.asym_id 
_pdbx_nonpoly_scheme.entity_id 
_pdbx_nonpoly_scheme.mon_id 
_pdbx_nonpoly_scheme.ndb_seq_num 
_pdbx_nonpoly_scheme.pdb_seq_num 
_pdbx_nonpoly_scheme.auth_seq_num 
_pdbx_nonpoly_scheme.pdb_mon_id 
_pdbx_nonpoly_scheme.auth_mon_id 
_pdbx_nonpoly_scheme.pdb_strand_id 
_pdbx_nonpoly_scheme.pdb_ins_code 
B 2 57P 1   201 1   57P 170 A . 
C 3 HOH 1   301 39  HOH HOH A . 
C 3 HOH 2   302 67  HOH HOH A . 
C 3 HOH 3   303 37  HOH HOH A . 
C 3 HOH 4   304 50  HOH HOH A . 
C 3 HOH 5   305 90  HOH HOH A . 
C 3 HOH 6   306 122 HOH HOH A . 
C 3 HOH 7   307 113 HOH HOH A . 
C 3 HOH 8   308 33  HOH HOH A . 
C 3 HOH 9   309 92  HOH HOH A . 
C 3 HOH 10  310 54  HOH HOH A . 
C 3 HOH 11  311 23  HOH HOH A . 
C 3 HOH 12  312 77  HOH HOH A . 
C 3 HOH 13  313 65  HOH HOH A . 
C 3 HOH 14  314 64  HOH HOH A . 
C 3 HOH 15  315 127 HOH HOH A . 
C 3 HOH 16  316 12  HOH HOH A . 
C 3 HOH 17  317 105 HOH HOH A . 
C 3 HOH 18  318 132 HOH HOH A . 
C 3 HOH 19  319 21  HOH HOH A . 
C 3 HOH 20  320 58  HOH HOH A . 
C 3 HOH 21  321 47  HOH HOH A . 
C 3 HOH 22  322 35  HOH HOH A . 
C 3 HOH 23  323 1   HOH HOH A . 
C 3 HOH 24  324 124 HOH HOH A . 
C 3 HOH 25  325 25  HOH HOH A . 
C 3 HOH 26  326 125 HOH HOH A . 
C 3 HOH 27  327 121 HOH HOH A . 
C 3 HOH 28  328 5   HOH HOH A . 
C 3 HOH 29  329 11  HOH HOH A . 
C 3 HOH 30  330 19  HOH HOH A . 
C 3 HOH 31  331 32  HOH HOH A . 
C 3 HOH 32  332 70  HOH HOH A . 
C 3 HOH 33  333 98  HOH HOH A . 
C 3 HOH 34  334 43  HOH HOH A . 
C 3 HOH 35  335 8   HOH HOH A . 
C 3 HOH 36  336 63  HOH HOH A . 
C 3 HOH 37  337 41  HOH HOH A . 
C 3 HOH 38  338 38  HOH HOH A . 
C 3 HOH 39  339 66  HOH HOH A . 
C 3 HOH 40  340 14  HOH HOH A . 
C 3 HOH 41  341 3   HOH HOH A . 
C 3 HOH 42  342 15  HOH HOH A . 
C 3 HOH 43  343 4   HOH HOH A . 
C 3 HOH 44  344 53  HOH HOH A . 
C 3 HOH 45  345 18  HOH HOH A . 
C 3 HOH 46  346 115 HOH HOH A . 
C 3 HOH 47  347 57  HOH HOH A . 
C 3 HOH 48  348 9   HOH HOH A . 
C 3 HOH 49  349 87  HOH HOH A . 
C 3 HOH 50  350 49  HOH HOH A . 
C 3 HOH 51  351 27  HOH HOH A . 
C 3 HOH 52  352 28  HOH HOH A . 
C 3 HOH 53  353 7   HOH HOH A . 
C 3 HOH 54  354 88  HOH HOH A . 
C 3 HOH 55  355 36  HOH HOH A . 
C 3 HOH 56  356 42  HOH HOH A . 
C 3 HOH 57  357 78  HOH HOH A . 
C 3 HOH 58  358 96  HOH HOH A . 
C 3 HOH 59  359 26  HOH HOH A . 
C 3 HOH 60  360 51  HOH HOH A . 
C 3 HOH 61  361 55  HOH HOH A . 
C 3 HOH 62  362 10  HOH HOH A . 
C 3 HOH 63  363 75  HOH HOH A . 
C 3 HOH 64  364 91  HOH HOH A . 
C 3 HOH 65  365 17  HOH HOH A . 
C 3 HOH 66  366 45  HOH HOH A . 
C 3 HOH 67  367 72  HOH HOH A . 
C 3 HOH 68  368 131 HOH HOH A . 
C 3 HOH 69  369 52  HOH HOH A . 
C 3 HOH 70  370 6   HOH HOH A . 
C 3 HOH 71  371 13  HOH HOH A . 
C 3 HOH 72  372 85  HOH HOH A . 
C 3 HOH 73  373 93  HOH HOH A . 
C 3 HOH 74  374 20  HOH HOH A . 
C 3 HOH 75  375 110 HOH HOH A . 
C 3 HOH 76  376 29  HOH HOH A . 
C 3 HOH 77  377 89  HOH HOH A . 
C 3 HOH 78  378 2   HOH HOH A . 
C 3 HOH 79  379 56  HOH HOH A . 
C 3 HOH 80  380 83  HOH HOH A . 
C 3 HOH 81  381 80  HOH HOH A . 
C 3 HOH 82  382 123 HOH HOH A . 
C 3 HOH 83  383 133 HOH HOH A . 
C 3 HOH 84  384 81  HOH HOH A . 
C 3 HOH 85  385 44  HOH HOH A . 
C 3 HOH 86  386 117 HOH HOH A . 
C 3 HOH 87  387 31  HOH HOH A . 
C 3 HOH 88  388 94  HOH HOH A . 
C 3 HOH 89  389 60  HOH HOH A . 
C 3 HOH 90  390 82  HOH HOH A . 
C 3 HOH 91  391 86  HOH HOH A . 
C 3 HOH 92  392 73  HOH HOH A . 
C 3 HOH 93  393 16  HOH HOH A . 
C 3 HOH 94  394 22  HOH HOH A . 
C 3 HOH 95  395 104 HOH HOH A . 
C 3 HOH 96  396 84  HOH HOH A . 
C 3 HOH 97  397 76  HOH HOH A . 
C 3 HOH 98  398 119 HOH HOH A . 
C 3 HOH 99  399 100 HOH HOH A . 
C 3 HOH 100 400 61  HOH HOH A . 
C 3 HOH 101 401 111 HOH HOH A . 
C 3 HOH 102 402 95  HOH HOH A . 
C 3 HOH 103 403 30  HOH HOH A . 
C 3 HOH 104 404 112 HOH HOH A . 
C 3 HOH 105 405 101 HOH HOH A . 
C 3 HOH 106 406 108 HOH HOH A . 
C 3 HOH 107 407 120 HOH HOH A . 
C 3 HOH 108 408 40  HOH HOH A . 
C 3 HOH 109 409 71  HOH HOH A . 
C 3 HOH 110 410 107 HOH HOH A . 
C 3 HOH 111 411 118 HOH HOH A . 
C 3 HOH 112 412 59  HOH HOH A . 
C 3 HOH 113 413 134 HOH HOH A . 
C 3 HOH 114 414 97  HOH HOH A . 
C 3 HOH 115 415 79  HOH HOH A . 
C 3 HOH 116 416 74  HOH HOH A . 
C 3 HOH 117 417 116 HOH HOH A . 
C 3 HOH 118 418 103 HOH HOH A . 
C 3 HOH 119 419 34  HOH HOH A . 
C 3 HOH 120 420 69  HOH HOH A . 
# 
_pdbx_struct_assembly.id                   1 
_pdbx_struct_assembly.details              author_defined_assembly 
_pdbx_struct_assembly.method_details       ? 
_pdbx_struct_assembly.oligomeric_details   monomeric 
_pdbx_struct_assembly.oligomeric_count     1 
# 
_pdbx_struct_assembly_gen.assembly_id       1 
_pdbx_struct_assembly_gen.oper_expression   1 
_pdbx_struct_assembly_gen.asym_id_list      A,B,C 
# 
loop_
_pdbx_struct_assembly_prop.biol_id 
_pdbx_struct_assembly_prop.type 
_pdbx_struct_assembly_prop.value 
_pdbx_struct_assembly_prop.details 
1 'ABSA (A^2)' 0    ? 
1 MORE         0    ? 
1 'SSA (A^2)'  7080 ? 
# 
_pdbx_struct_oper_list.id                   1 
_pdbx_struct_oper_list.type                 'identity operation' 
_pdbx_struct_oper_list.name                 1_555 
_pdbx_struct_oper_list.symmetry_operation   x,y,z 
_pdbx_struct_oper_list.matrix[1][1]         1.0000000000 
_pdbx_struct_oper_list.matrix[1][2]         0.0000000000 
_pdbx_struct_oper_list.matrix[1][3]         0.0000000000 
_pdbx_struct_oper_list.vector[1]            0.0000000000 
_pdbx_struct_oper_list.matrix[2][1]         0.0000000000 
_pdbx_struct_oper_list.matrix[2][2]         1.0000000000 
_pdbx_struct_oper_list.matrix[2][3]         0.0000000000 
_pdbx_struct_oper_list.vector[2]            0.0000000000 
_pdbx_struct_oper_list.matrix[3][1]         0.0000000000 
_pdbx_struct_oper_list.matrix[3][2]         0.0000000000 
_pdbx_struct_oper_list.matrix[3][3]         1.0000000000 
_pdbx_struct_oper_list.vector[3]            0.0000000000 
# 
loop_
_pdbx_audit_revision_history.ordinal 
_pdbx_audit_revision_history.data_content_type 
_pdbx_audit_revision_history.major_revision 
_pdbx_audit_revision_history.minor_revision 
_pdbx_audit_revision_history.revision_date 
1 'Structure model' 1 0 2016-06-22 
2 'Structure model' 1 1 2020-02-19 
3 'Structure model' 1 2 2023-11-08 
# 
_pdbx_audit_revision_details.ordinal             1 
_pdbx_audit_revision_details.revision_ordinal    1 
_pdbx_audit_revision_details.data_content_type   'Structure model' 
_pdbx_audit_revision_details.provider            repository 
_pdbx_audit_revision_details.type                'Initial release' 
_pdbx_audit_revision_details.description         ? 
_pdbx_audit_revision_details.details             ? 
# 
loop_
_pdbx_audit_revision_group.ordinal 
_pdbx_audit_revision_group.revision_ordinal 
_pdbx_audit_revision_group.data_content_type 
_pdbx_audit_revision_group.group 
1 2 'Structure model' 'Data collection'        
2 2 'Structure model' 'Derived calculations'   
3 3 'Structure model' 'Data collection'        
4 3 'Structure model' 'Database references'    
5 3 'Structure model' 'Refinement description' 
# 
loop_
_pdbx_audit_revision_category.ordinal 
_pdbx_audit_revision_category.revision_ordinal 
_pdbx_audit_revision_category.data_content_type 
_pdbx_audit_revision_category.category 
1 2 'Structure model' diffrn_source                 
2 2 'Structure model' pdbx_struct_oper_list         
3 3 'Structure model' chem_comp_atom                
4 3 'Structure model' chem_comp_bond                
5 3 'Structure model' database_2                    
6 3 'Structure model' pdbx_initial_refinement_model 
# 
loop_
_pdbx_audit_revision_item.ordinal 
_pdbx_audit_revision_item.revision_ordinal 
_pdbx_audit_revision_item.data_content_type 
_pdbx_audit_revision_item.item 
1 2 'Structure model' '_diffrn_source.pdbx_synchrotron_site'      
2 2 'Structure model' '_pdbx_struct_oper_list.symmetry_operation' 
3 3 'Structure model' '_database_2.pdbx_DOI'                      
4 3 'Structure model' '_database_2.pdbx_database_accession'       
# 
loop_
_software.citation_id 
_software.classification 
_software.compiler_name 
_software.compiler_version 
_software.contact_author 
_software.contact_author_email 
_software.date 
_software.description 
_software.dependencies 
_software.hardware 
_software.language 
_software.location 
_software.mods 
_software.name 
_software.os 
_software.os_version 
_software.type 
_software.version 
_software.pdbx_ordinal 
? 'data scaling'    ? ? ? ? ? ? ? ? ? ? ? XSCALE      ? ? ? .        1 
? phasing           ? ? ? ? ? ? ? ? ? ? ? MOLREP      ? ? ? 10.2.35  2 
? refinement        ? ? ? ? ? ? ? ? ? ? ? REFMAC      ? ? ? 5.6.0117 3 
? 'data extraction' ? ? ? ? ? ? ? ? ? ? ? PDB_EXTRACT ? ? ? 3.15     4 
# 
loop_
_pdbx_validate_close_contact.id 
_pdbx_validate_close_contact.PDB_model_num 
_pdbx_validate_close_contact.auth_atom_id_1 
_pdbx_validate_close_contact.auth_asym_id_1 
_pdbx_validate_close_contact.auth_comp_id_1 
_pdbx_validate_close_contact.auth_seq_id_1 
_pdbx_validate_close_contact.PDB_ins_code_1 
_pdbx_validate_close_contact.label_alt_id_1 
_pdbx_validate_close_contact.auth_atom_id_2 
_pdbx_validate_close_contact.auth_asym_id_2 
_pdbx_validate_close_contact.auth_comp_id_2 
_pdbx_validate_close_contact.auth_seq_id_2 
_pdbx_validate_close_contact.PDB_ins_code_2 
_pdbx_validate_close_contact.label_alt_id_2 
_pdbx_validate_close_contact.dist 
1 1 OD2 A ASP 71  ? ? O A HOH 301 ? ? 1.88 
2 1 O   A HOH 392 ? ? O A HOH 405 ? ? 2.10 
3 1 CA  A ALA 3   ? ? O A HOH 339 ? ? 2.15 
# 
_pdbx_validate_rmsd_bond.id                        1 
_pdbx_validate_rmsd_bond.PDB_model_num             1 
_pdbx_validate_rmsd_bond.auth_atom_id_1            CG 
_pdbx_validate_rmsd_bond.auth_asym_id_1            A 
_pdbx_validate_rmsd_bond.auth_comp_id_1            HIS 
_pdbx_validate_rmsd_bond.auth_seq_id_1             -1 
_pdbx_validate_rmsd_bond.PDB_ins_code_1            ? 
_pdbx_validate_rmsd_bond.label_alt_id_1            ? 
_pdbx_validate_rmsd_bond.auth_atom_id_2            CD2 
_pdbx_validate_rmsd_bond.auth_asym_id_2            A 
_pdbx_validate_rmsd_bond.auth_comp_id_2            HIS 
_pdbx_validate_rmsd_bond.auth_seq_id_2             -1 
_pdbx_validate_rmsd_bond.PDB_ins_code_2            ? 
_pdbx_validate_rmsd_bond.label_alt_id_2            ? 
_pdbx_validate_rmsd_bond.bond_value                1.434 
_pdbx_validate_rmsd_bond.bond_target_value         1.354 
_pdbx_validate_rmsd_bond.bond_deviation            0.080 
_pdbx_validate_rmsd_bond.bond_standard_deviation   0.009 
_pdbx_validate_rmsd_bond.linker_flag               N 
# 
_pdbx_validate_rmsd_angle.id                         1 
_pdbx_validate_rmsd_angle.PDB_model_num              1 
_pdbx_validate_rmsd_angle.auth_atom_id_1             CB 
_pdbx_validate_rmsd_angle.auth_asym_id_1             A 
_pdbx_validate_rmsd_angle.auth_comp_id_1             HIS 
_pdbx_validate_rmsd_angle.auth_seq_id_1              -1 
_pdbx_validate_rmsd_angle.PDB_ins_code_1             ? 
_pdbx_validate_rmsd_angle.label_alt_id_1             ? 
_pdbx_validate_rmsd_angle.auth_atom_id_2             CA 
_pdbx_validate_rmsd_angle.auth_asym_id_2             A 
_pdbx_validate_rmsd_angle.auth_comp_id_2             HIS 
_pdbx_validate_rmsd_angle.auth_seq_id_2              -1 
_pdbx_validate_rmsd_angle.PDB_ins_code_2             ? 
_pdbx_validate_rmsd_angle.label_alt_id_2             ? 
_pdbx_validate_rmsd_angle.auth_atom_id_3             C 
_pdbx_validate_rmsd_angle.auth_asym_id_3             A 
_pdbx_validate_rmsd_angle.auth_comp_id_3             HIS 
_pdbx_validate_rmsd_angle.auth_seq_id_3              -1 
_pdbx_validate_rmsd_angle.PDB_ins_code_3             ? 
_pdbx_validate_rmsd_angle.label_alt_id_3             ? 
_pdbx_validate_rmsd_angle.angle_value                124.71 
_pdbx_validate_rmsd_angle.angle_target_value         110.40 
_pdbx_validate_rmsd_angle.angle_deviation            14.31 
_pdbx_validate_rmsd_angle.angle_standard_deviation   2.00 
_pdbx_validate_rmsd_angle.linker_flag                N 
# 
loop_
_pdbx_validate_torsion.id 
_pdbx_validate_torsion.PDB_model_num 
_pdbx_validate_torsion.auth_comp_id 
_pdbx_validate_torsion.auth_asym_id 
_pdbx_validate_torsion.auth_seq_id 
_pdbx_validate_torsion.PDB_ins_code 
_pdbx_validate_torsion.label_alt_id 
_pdbx_validate_torsion.phi 
_pdbx_validate_torsion.psi 
1 1 ASP A 110 ? ? 53.23 -133.57 
2 1 LYS A 120 ? ? 46.63 -117.09 
# 
loop_
_pdbx_unobs_or_zero_occ_residues.id 
_pdbx_unobs_or_zero_occ_residues.PDB_model_num 
_pdbx_unobs_or_zero_occ_residues.polymer_flag 
_pdbx_unobs_or_zero_occ_residues.occupancy_flag 
_pdbx_unobs_or_zero_occ_residues.auth_asym_id 
_pdbx_unobs_or_zero_occ_residues.auth_comp_id 
_pdbx_unobs_or_zero_occ_residues.auth_seq_id 
_pdbx_unobs_or_zero_occ_residues.PDB_ins_code 
_pdbx_unobs_or_zero_occ_residues.label_asym_id 
_pdbx_unobs_or_zero_occ_residues.label_comp_id 
_pdbx_unobs_or_zero_occ_residues.label_seq_id 
1  1 Y 1 A MET -20 ? A MET 1  
2  1 Y 1 A GLY -19 ? A GLY 2  
3  1 Y 1 A SER -18 ? A SER 3  
4  1 Y 1 A SER -17 ? A SER 4  
5  1 Y 1 A HIS -16 ? A HIS 5  
6  1 Y 1 A HIS -15 ? A HIS 6  
7  1 Y 1 A HIS -14 ? A HIS 7  
8  1 Y 1 A HIS -13 ? A HIS 8  
9  1 Y 1 A HIS -12 ? A HIS 9  
10 1 Y 1 A HIS -11 ? A HIS 10 
11 1 Y 1 A SER -10 ? A SER 11 
12 1 Y 1 A SER -9  ? A SER 12 
13 1 Y 1 A GLY -8  ? A GLY 13 
14 1 Y 1 A LEU -7  ? A LEU 14 
15 1 Y 1 A VAL -6  ? A VAL 15 
16 1 Y 1 A PRO -5  ? A PRO 16 
17 1 Y 1 A ARG -4  ? A ARG 17 
# 
loop_
_chem_comp_atom.comp_id 
_chem_comp_atom.atom_id 
_chem_comp_atom.type_symbol 
_chem_comp_atom.pdbx_aromatic_flag 
_chem_comp_atom.pdbx_stereo_config 
_chem_comp_atom.pdbx_ordinal 
57P C8   C Y N 1   
57P C2   C Y N 2   
57P C4   C Y N 3   
57P C5   C Y N 4   
57P C6   C Y N 5   
57P C11  C Y N 6   
57P C1   C Y N 7   
57P C21  C N N 8   
57P C22  C N N 9   
57P C24  C N N 10  
57P C25  C N N 11  
57P O1   O N N 12  
57P C23  C N N 13  
57P O2   O N N 14  
57P N    N Y N 15  
57P C14  C Y N 16  
57P C15  C Y N 17  
57P C16  C Y N 18  
57P C17  C Y N 19  
57P C18  C Y N 20  
57P C19  C Y N 21  
57P C20  C Y N 22  
57P C7   C Y N 23  
57P C3   C Y N 24  
57P C13  C Y N 25  
57P C9   C Y N 26  
57P C10  C Y N 27  
57P C12  C Y N 28  
57P C26  C N N 29  
57P H1   H N N 30  
57P H2   H N N 31  
57P H3   H N N 32  
57P H4   H N N 33  
57P H5   H N N 34  
57P H6   H N N 35  
57P H7   H N N 36  
57P H8   H N N 37  
57P H9   H N N 38  
57P H10  H N N 39  
57P H11  H N N 40  
57P H12  H N N 41  
57P H13  H N N 42  
57P H14  H N N 43  
57P H15  H N N 44  
57P H16  H N N 45  
57P H17  H N N 46  
57P H18  H N N 47  
57P H19  H N N 48  
57P H20  H N N 49  
57P H21  H N N 50  
57P H22  H N N 51  
57P H23  H N N 52  
ALA N    N N N 53  
ALA CA   C N S 54  
ALA C    C N N 55  
ALA O    O N N 56  
ALA CB   C N N 57  
ALA OXT  O N N 58  
ALA H    H N N 59  
ALA H2   H N N 60  
ALA HA   H N N 61  
ALA HB1  H N N 62  
ALA HB2  H N N 63  
ALA HB3  H N N 64  
ALA HXT  H N N 65  
ARG N    N N N 66  
ARG CA   C N S 67  
ARG C    C N N 68  
ARG O    O N N 69  
ARG CB   C N N 70  
ARG CG   C N N 71  
ARG CD   C N N 72  
ARG NE   N N N 73  
ARG CZ   C N N 74  
ARG NH1  N N N 75  
ARG NH2  N N N 76  
ARG OXT  O N N 77  
ARG H    H N N 78  
ARG H2   H N N 79  
ARG HA   H N N 80  
ARG HB2  H N N 81  
ARG HB3  H N N 82  
ARG HG2  H N N 83  
ARG HG3  H N N 84  
ARG HD2  H N N 85  
ARG HD3  H N N 86  
ARG HE   H N N 87  
ARG HH11 H N N 88  
ARG HH12 H N N 89  
ARG HH21 H N N 90  
ARG HH22 H N N 91  
ARG HXT  H N N 92  
ASN N    N N N 93  
ASN CA   C N S 94  
ASN C    C N N 95  
ASN O    O N N 96  
ASN CB   C N N 97  
ASN CG   C N N 98  
ASN OD1  O N N 99  
ASN ND2  N N N 100 
ASN OXT  O N N 101 
ASN H    H N N 102 
ASN H2   H N N 103 
ASN HA   H N N 104 
ASN HB2  H N N 105 
ASN HB3  H N N 106 
ASN HD21 H N N 107 
ASN HD22 H N N 108 
ASN HXT  H N N 109 
ASP N    N N N 110 
ASP CA   C N S 111 
ASP C    C N N 112 
ASP O    O N N 113 
ASP CB   C N N 114 
ASP CG   C N N 115 
ASP OD1  O N N 116 
ASP OD2  O N N 117 
ASP OXT  O N N 118 
ASP H    H N N 119 
ASP H2   H N N 120 
ASP HA   H N N 121 
ASP HB2  H N N 122 
ASP HB3  H N N 123 
ASP HD2  H N N 124 
ASP HXT  H N N 125 
CYS N    N N N 126 
CYS CA   C N R 127 
CYS C    C N N 128 
CYS O    O N N 129 
CYS CB   C N N 130 
CYS SG   S N N 131 
CYS OXT  O N N 132 
CYS H    H N N 133 
CYS H2   H N N 134 
CYS HA   H N N 135 
CYS HB2  H N N 136 
CYS HB3  H N N 137 
CYS HG   H N N 138 
CYS HXT  H N N 139 
GLN N    N N N 140 
GLN CA   C N S 141 
GLN C    C N N 142 
GLN O    O N N 143 
GLN CB   C N N 144 
GLN CG   C N N 145 
GLN CD   C N N 146 
GLN OE1  O N N 147 
GLN NE2  N N N 148 
GLN OXT  O N N 149 
GLN H    H N N 150 
GLN H2   H N N 151 
GLN HA   H N N 152 
GLN HB2  H N N 153 
GLN HB3  H N N 154 
GLN HG2  H N N 155 
GLN HG3  H N N 156 
GLN HE21 H N N 157 
GLN HE22 H N N 158 
GLN HXT  H N N 159 
GLU N    N N N 160 
GLU CA   C N S 161 
GLU C    C N N 162 
GLU O    O N N 163 
GLU CB   C N N 164 
GLU CG   C N N 165 
GLU CD   C N N 166 
GLU OE1  O N N 167 
GLU OE2  O N N 168 
GLU OXT  O N N 169 
GLU H    H N N 170 
GLU H2   H N N 171 
GLU HA   H N N 172 
GLU HB2  H N N 173 
GLU HB3  H N N 174 
GLU HG2  H N N 175 
GLU HG3  H N N 176 
GLU HE2  H N N 177 
GLU HXT  H N N 178 
GLY N    N N N 179 
GLY CA   C N N 180 
GLY C    C N N 181 
GLY O    O N N 182 
GLY OXT  O N N 183 
GLY H    H N N 184 
GLY H2   H N N 185 
GLY HA2  H N N 186 
GLY HA3  H N N 187 
GLY HXT  H N N 188 
HIS N    N N N 189 
HIS CA   C N S 190 
HIS C    C N N 191 
HIS O    O N N 192 
HIS CB   C N N 193 
HIS CG   C Y N 194 
HIS ND1  N Y N 195 
HIS CD2  C Y N 196 
HIS CE1  C Y N 197 
HIS NE2  N Y N 198 
HIS OXT  O N N 199 
HIS H    H N N 200 
HIS H2   H N N 201 
HIS HA   H N N 202 
HIS HB2  H N N 203 
HIS HB3  H N N 204 
HIS HD1  H N N 205 
HIS HD2  H N N 206 
HIS HE1  H N N 207 
HIS HE2  H N N 208 
HIS HXT  H N N 209 
HOH O    O N N 210 
HOH H1   H N N 211 
HOH H2   H N N 212 
ILE N    N N N 213 
ILE CA   C N S 214 
ILE C    C N N 215 
ILE O    O N N 216 
ILE CB   C N S 217 
ILE CG1  C N N 218 
ILE CG2  C N N 219 
ILE CD1  C N N 220 
ILE OXT  O N N 221 
ILE H    H N N 222 
ILE H2   H N N 223 
ILE HA   H N N 224 
ILE HB   H N N 225 
ILE HG12 H N N 226 
ILE HG13 H N N 227 
ILE HG21 H N N 228 
ILE HG22 H N N 229 
ILE HG23 H N N 230 
ILE HD11 H N N 231 
ILE HD12 H N N 232 
ILE HD13 H N N 233 
ILE HXT  H N N 234 
LEU N    N N N 235 
LEU CA   C N S 236 
LEU C    C N N 237 
LEU O    O N N 238 
LEU CB   C N N 239 
LEU CG   C N N 240 
LEU CD1  C N N 241 
LEU CD2  C N N 242 
LEU OXT  O N N 243 
LEU H    H N N 244 
LEU H2   H N N 245 
LEU HA   H N N 246 
LEU HB2  H N N 247 
LEU HB3  H N N 248 
LEU HG   H N N 249 
LEU HD11 H N N 250 
LEU HD12 H N N 251 
LEU HD13 H N N 252 
LEU HD21 H N N 253 
LEU HD22 H N N 254 
LEU HD23 H N N 255 
LEU HXT  H N N 256 
LYS N    N N N 257 
LYS CA   C N S 258 
LYS C    C N N 259 
LYS O    O N N 260 
LYS CB   C N N 261 
LYS CG   C N N 262 
LYS CD   C N N 263 
LYS CE   C N N 264 
LYS NZ   N N N 265 
LYS OXT  O N N 266 
LYS H    H N N 267 
LYS H2   H N N 268 
LYS HA   H N N 269 
LYS HB2  H N N 270 
LYS HB3  H N N 271 
LYS HG2  H N N 272 
LYS HG3  H N N 273 
LYS HD2  H N N 274 
LYS HD3  H N N 275 
LYS HE2  H N N 276 
LYS HE3  H N N 277 
LYS HZ1  H N N 278 
LYS HZ2  H N N 279 
LYS HZ3  H N N 280 
LYS HXT  H N N 281 
MET N    N N N 282 
MET CA   C N S 283 
MET C    C N N 284 
MET O    O N N 285 
MET CB   C N N 286 
MET CG   C N N 287 
MET SD   S N N 288 
MET CE   C N N 289 
MET OXT  O N N 290 
MET H    H N N 291 
MET H2   H N N 292 
MET HA   H N N 293 
MET HB2  H N N 294 
MET HB3  H N N 295 
MET HG2  H N N 296 
MET HG3  H N N 297 
MET HE1  H N N 298 
MET HE2  H N N 299 
MET HE3  H N N 300 
MET HXT  H N N 301 
PHE N    N N N 302 
PHE CA   C N S 303 
PHE C    C N N 304 
PHE O    O N N 305 
PHE CB   C N N 306 
PHE CG   C Y N 307 
PHE CD1  C Y N 308 
PHE CD2  C Y N 309 
PHE CE1  C Y N 310 
PHE CE2  C Y N 311 
PHE CZ   C Y N 312 
PHE OXT  O N N 313 
PHE H    H N N 314 
PHE H2   H N N 315 
PHE HA   H N N 316 
PHE HB2  H N N 317 
PHE HB3  H N N 318 
PHE HD1  H N N 319 
PHE HD2  H N N 320 
PHE HE1  H N N 321 
PHE HE2  H N N 322 
PHE HZ   H N N 323 
PHE HXT  H N N 324 
PRO N    N N N 325 
PRO CA   C N S 326 
PRO C    C N N 327 
PRO O    O N N 328 
PRO CB   C N N 329 
PRO CG   C N N 330 
PRO CD   C N N 331 
PRO OXT  O N N 332 
PRO H    H N N 333 
PRO HA   H N N 334 
PRO HB2  H N N 335 
PRO HB3  H N N 336 
PRO HG2  H N N 337 
PRO HG3  H N N 338 
PRO HD2  H N N 339 
PRO HD3  H N N 340 
PRO HXT  H N N 341 
SER N    N N N 342 
SER CA   C N S 343 
SER C    C N N 344 
SER O    O N N 345 
SER CB   C N N 346 
SER OG   O N N 347 
SER OXT  O N N 348 
SER H    H N N 349 
SER H2   H N N 350 
SER HA   H N N 351 
SER HB2  H N N 352 
SER HB3  H N N 353 
SER HG   H N N 354 
SER HXT  H N N 355 
THR N    N N N 356 
THR CA   C N S 357 
THR C    C N N 358 
THR O    O N N 359 
THR CB   C N R 360 
THR OG1  O N N 361 
THR CG2  C N N 362 
THR OXT  O N N 363 
THR H    H N N 364 
THR H2   H N N 365 
THR HA   H N N 366 
THR HB   H N N 367 
THR HG1  H N N 368 
THR HG21 H N N 369 
THR HG22 H N N 370 
THR HG23 H N N 371 
THR HXT  H N N 372 
TRP N    N N N 373 
TRP CA   C N S 374 
TRP C    C N N 375 
TRP O    O N N 376 
TRP CB   C N N 377 
TRP CG   C Y N 378 
TRP CD1  C Y N 379 
TRP CD2  C Y N 380 
TRP NE1  N Y N 381 
TRP CE2  C Y N 382 
TRP CE3  C Y N 383 
TRP CZ2  C Y N 384 
TRP CZ3  C Y N 385 
TRP CH2  C Y N 386 
TRP OXT  O N N 387 
TRP H    H N N 388 
TRP H2   H N N 389 
TRP HA   H N N 390 
TRP HB2  H N N 391 
TRP HB3  H N N 392 
TRP HD1  H N N 393 
TRP HE1  H N N 394 
TRP HE3  H N N 395 
TRP HZ2  H N N 396 
TRP HZ3  H N N 397 
TRP HH2  H N N 398 
TRP HXT  H N N 399 
TYR N    N N N 400 
TYR CA   C N S 401 
TYR C    C N N 402 
TYR O    O N N 403 
TYR CB   C N N 404 
TYR CG   C Y N 405 
TYR CD1  C Y N 406 
TYR CD2  C Y N 407 
TYR CE1  C Y N 408 
TYR CE2  C Y N 409 
TYR CZ   C Y N 410 
TYR OH   O N N 411 
TYR OXT  O N N 412 
TYR H    H N N 413 
TYR H2   H N N 414 
TYR HA   H N N 415 
TYR HB2  H N N 416 
TYR HB3  H N N 417 
TYR HD1  H N N 418 
TYR HD2  H N N 419 
TYR HE1  H N N 420 
TYR HE2  H N N 421 
TYR HH   H N N 422 
TYR HXT  H N N 423 
VAL N    N N N 424 
VAL CA   C N S 425 
VAL C    C N N 426 
VAL O    O N N 427 
VAL CB   C N N 428 
VAL CG1  C N N 429 
VAL CG2  C N N 430 
VAL OXT  O N N 431 
VAL H    H N N 432 
VAL H2   H N N 433 
VAL HA   H N N 434 
VAL HB   H N N 435 
VAL HG11 H N N 436 
VAL HG12 H N N 437 
VAL HG13 H N N 438 
VAL HG21 H N N 439 
VAL HG22 H N N 440 
VAL HG23 H N N 441 
VAL HXT  H N N 442 
# 
loop_
_chem_comp_bond.comp_id 
_chem_comp_bond.atom_id_1 
_chem_comp_bond.atom_id_2 
_chem_comp_bond.value_order 
_chem_comp_bond.pdbx_aromatic_flag 
_chem_comp_bond.pdbx_stereo_config 
_chem_comp_bond.pdbx_ordinal 
57P C26 C25  sing N N 1   
57P C26 C24  sing N N 2   
57P C25 C24  sing N N 3   
57P C24 C10  sing N N 4   
57P C10 C11  doub Y N 5   
57P C10 C9   sing Y N 6   
57P C11 C12  sing Y N 7   
57P C9  C8   doub Y N 8   
57P C12 C13  doub Y N 9   
57P C8  C13  sing Y N 10  
57P C8  C7   sing Y N 11  
57P C2  C3   doub Y N 12  
57P C2  C1   sing Y N 13  
57P C3  C4   sing Y N 14  
57P C13 N    sing Y N 15  
57P C1  C6   doub Y N 16  
57P C4  C7   sing N N 17  
57P C4  C5   doub Y N 18  
57P C7  C14  doub Y N 19  
57P C6  C5   sing Y N 20  
57P N   C14  sing Y N 21  
57P N   C21  sing N N 22  
57P C14 C15  sing N N 23  
57P C21 C22  sing N N 24  
57P C22 C23  sing N N 25  
57P O1  C23  doub N N 26  
57P C23 O2   sing N N 27  
57P C15 C16  doub Y N 28  
57P C15 C20  sing Y N 29  
57P C16 C17  sing Y N 30  
57P C20 C19  doub Y N 31  
57P C17 C18  doub Y N 32  
57P C19 C18  sing Y N 33  
57P C2  H1   sing N N 34  
57P C5  H2   sing N N 35  
57P C6  H3   sing N N 36  
57P C11 H4   sing N N 37  
57P C1  H5   sing N N 38  
57P C21 H6   sing N N 39  
57P C21 H7   sing N N 40  
57P C22 H8   sing N N 41  
57P C22 H9   sing N N 42  
57P C24 H10  sing N N 43  
57P C25 H11  sing N N 44  
57P C25 H12  sing N N 45  
57P O2  H13  sing N N 46  
57P C16 H14  sing N N 47  
57P C17 H15  sing N N 48  
57P C18 H16  sing N N 49  
57P C19 H17  sing N N 50  
57P C20 H18  sing N N 51  
57P C3  H19  sing N N 52  
57P C9  H20  sing N N 53  
57P C12 H21  sing N N 54  
57P C26 H22  sing N N 55  
57P C26 H23  sing N N 56  
ALA N   CA   sing N N 57  
ALA N   H    sing N N 58  
ALA N   H2   sing N N 59  
ALA CA  C    sing N N 60  
ALA CA  CB   sing N N 61  
ALA CA  HA   sing N N 62  
ALA C   O    doub N N 63  
ALA C   OXT  sing N N 64  
ALA CB  HB1  sing N N 65  
ALA CB  HB2  sing N N 66  
ALA CB  HB3  sing N N 67  
ALA OXT HXT  sing N N 68  
ARG N   CA   sing N N 69  
ARG N   H    sing N N 70  
ARG N   H2   sing N N 71  
ARG CA  C    sing N N 72  
ARG CA  CB   sing N N 73  
ARG CA  HA   sing N N 74  
ARG C   O    doub N N 75  
ARG C   OXT  sing N N 76  
ARG CB  CG   sing N N 77  
ARG CB  HB2  sing N N 78  
ARG CB  HB3  sing N N 79  
ARG CG  CD   sing N N 80  
ARG CG  HG2  sing N N 81  
ARG CG  HG3  sing N N 82  
ARG CD  NE   sing N N 83  
ARG CD  HD2  sing N N 84  
ARG CD  HD3  sing N N 85  
ARG NE  CZ   sing N N 86  
ARG NE  HE   sing N N 87  
ARG CZ  NH1  sing N N 88  
ARG CZ  NH2  doub N N 89  
ARG NH1 HH11 sing N N 90  
ARG NH1 HH12 sing N N 91  
ARG NH2 HH21 sing N N 92  
ARG NH2 HH22 sing N N 93  
ARG OXT HXT  sing N N 94  
ASN N   CA   sing N N 95  
ASN N   H    sing N N 96  
ASN N   H2   sing N N 97  
ASN CA  C    sing N N 98  
ASN CA  CB   sing N N 99  
ASN CA  HA   sing N N 100 
ASN C   O    doub N N 101 
ASN C   OXT  sing N N 102 
ASN CB  CG   sing N N 103 
ASN CB  HB2  sing N N 104 
ASN CB  HB3  sing N N 105 
ASN CG  OD1  doub N N 106 
ASN CG  ND2  sing N N 107 
ASN ND2 HD21 sing N N 108 
ASN ND2 HD22 sing N N 109 
ASN OXT HXT  sing N N 110 
ASP N   CA   sing N N 111 
ASP N   H    sing N N 112 
ASP N   H2   sing N N 113 
ASP CA  C    sing N N 114 
ASP CA  CB   sing N N 115 
ASP CA  HA   sing N N 116 
ASP C   O    doub N N 117 
ASP C   OXT  sing N N 118 
ASP CB  CG   sing N N 119 
ASP CB  HB2  sing N N 120 
ASP CB  HB3  sing N N 121 
ASP CG  OD1  doub N N 122 
ASP CG  OD2  sing N N 123 
ASP OD2 HD2  sing N N 124 
ASP OXT HXT  sing N N 125 
CYS N   CA   sing N N 126 
CYS N   H    sing N N 127 
CYS N   H2   sing N N 128 
CYS CA  C    sing N N 129 
CYS CA  CB   sing N N 130 
CYS CA  HA   sing N N 131 
CYS C   O    doub N N 132 
CYS C   OXT  sing N N 133 
CYS CB  SG   sing N N 134 
CYS CB  HB2  sing N N 135 
CYS CB  HB3  sing N N 136 
CYS SG  HG   sing N N 137 
CYS OXT HXT  sing N N 138 
GLN N   CA   sing N N 139 
GLN N   H    sing N N 140 
GLN N   H2   sing N N 141 
GLN CA  C    sing N N 142 
GLN CA  CB   sing N N 143 
GLN CA  HA   sing N N 144 
GLN C   O    doub N N 145 
GLN C   OXT  sing N N 146 
GLN CB  CG   sing N N 147 
GLN CB  HB2  sing N N 148 
GLN CB  HB3  sing N N 149 
GLN CG  CD   sing N N 150 
GLN CG  HG2  sing N N 151 
GLN CG  HG3  sing N N 152 
GLN CD  OE1  doub N N 153 
GLN CD  NE2  sing N N 154 
GLN NE2 HE21 sing N N 155 
GLN NE2 HE22 sing N N 156 
GLN OXT HXT  sing N N 157 
GLU N   CA   sing N N 158 
GLU N   H    sing N N 159 
GLU N   H2   sing N N 160 
GLU CA  C    sing N N 161 
GLU CA  CB   sing N N 162 
GLU CA  HA   sing N N 163 
GLU C   O    doub N N 164 
GLU C   OXT  sing N N 165 
GLU CB  CG   sing N N 166 
GLU CB  HB2  sing N N 167 
GLU CB  HB3  sing N N 168 
GLU CG  CD   sing N N 169 
GLU CG  HG2  sing N N 170 
GLU CG  HG3  sing N N 171 
GLU CD  OE1  doub N N 172 
GLU CD  OE2  sing N N 173 
GLU OE2 HE2  sing N N 174 
GLU OXT HXT  sing N N 175 
GLY N   CA   sing N N 176 
GLY N   H    sing N N 177 
GLY N   H2   sing N N 178 
GLY CA  C    sing N N 179 
GLY CA  HA2  sing N N 180 
GLY CA  HA3  sing N N 181 
GLY C   O    doub N N 182 
GLY C   OXT  sing N N 183 
GLY OXT HXT  sing N N 184 
HIS N   CA   sing N N 185 
HIS N   H    sing N N 186 
HIS N   H2   sing N N 187 
HIS CA  C    sing N N 188 
HIS CA  CB   sing N N 189 
HIS CA  HA   sing N N 190 
HIS C   O    doub N N 191 
HIS C   OXT  sing N N 192 
HIS CB  CG   sing N N 193 
HIS CB  HB2  sing N N 194 
HIS CB  HB3  sing N N 195 
HIS CG  ND1  sing Y N 196 
HIS CG  CD2  doub Y N 197 
HIS ND1 CE1  doub Y N 198 
HIS ND1 HD1  sing N N 199 
HIS CD2 NE2  sing Y N 200 
HIS CD2 HD2  sing N N 201 
HIS CE1 NE2  sing Y N 202 
HIS CE1 HE1  sing N N 203 
HIS NE2 HE2  sing N N 204 
HIS OXT HXT  sing N N 205 
HOH O   H1   sing N N 206 
HOH O   H2   sing N N 207 
ILE N   CA   sing N N 208 
ILE N   H    sing N N 209 
ILE N   H2   sing N N 210 
ILE CA  C    sing N N 211 
ILE CA  CB   sing N N 212 
ILE CA  HA   sing N N 213 
ILE C   O    doub N N 214 
ILE C   OXT  sing N N 215 
ILE CB  CG1  sing N N 216 
ILE CB  CG2  sing N N 217 
ILE CB  HB   sing N N 218 
ILE CG1 CD1  sing N N 219 
ILE CG1 HG12 sing N N 220 
ILE CG1 HG13 sing N N 221 
ILE CG2 HG21 sing N N 222 
ILE CG2 HG22 sing N N 223 
ILE CG2 HG23 sing N N 224 
ILE CD1 HD11 sing N N 225 
ILE CD1 HD12 sing N N 226 
ILE CD1 HD13 sing N N 227 
ILE OXT HXT  sing N N 228 
LEU N   CA   sing N N 229 
LEU N   H    sing N N 230 
LEU N   H2   sing N N 231 
LEU CA  C    sing N N 232 
LEU CA  CB   sing N N 233 
LEU CA  HA   sing N N 234 
LEU C   O    doub N N 235 
LEU C   OXT  sing N N 236 
LEU CB  CG   sing N N 237 
LEU CB  HB2  sing N N 238 
LEU CB  HB3  sing N N 239 
LEU CG  CD1  sing N N 240 
LEU CG  CD2  sing N N 241 
LEU CG  HG   sing N N 242 
LEU CD1 HD11 sing N N 243 
LEU CD1 HD12 sing N N 244 
LEU CD1 HD13 sing N N 245 
LEU CD2 HD21 sing N N 246 
LEU CD2 HD22 sing N N 247 
LEU CD2 HD23 sing N N 248 
LEU OXT HXT  sing N N 249 
LYS N   CA   sing N N 250 
LYS N   H    sing N N 251 
LYS N   H2   sing N N 252 
LYS CA  C    sing N N 253 
LYS CA  CB   sing N N 254 
LYS CA  HA   sing N N 255 
LYS C   O    doub N N 256 
LYS C   OXT  sing N N 257 
LYS CB  CG   sing N N 258 
LYS CB  HB2  sing N N 259 
LYS CB  HB3  sing N N 260 
LYS CG  CD   sing N N 261 
LYS CG  HG2  sing N N 262 
LYS CG  HG3  sing N N 263 
LYS CD  CE   sing N N 264 
LYS CD  HD2  sing N N 265 
LYS CD  HD3  sing N N 266 
LYS CE  NZ   sing N N 267 
LYS CE  HE2  sing N N 268 
LYS CE  HE3  sing N N 269 
LYS NZ  HZ1  sing N N 270 
LYS NZ  HZ2  sing N N 271 
LYS NZ  HZ3  sing N N 272 
LYS OXT HXT  sing N N 273 
MET N   CA   sing N N 274 
MET N   H    sing N N 275 
MET N   H2   sing N N 276 
MET CA  C    sing N N 277 
MET CA  CB   sing N N 278 
MET CA  HA   sing N N 279 
MET C   O    doub N N 280 
MET C   OXT  sing N N 281 
MET CB  CG   sing N N 282 
MET CB  HB2  sing N N 283 
MET CB  HB3  sing N N 284 
MET CG  SD   sing N N 285 
MET CG  HG2  sing N N 286 
MET CG  HG3  sing N N 287 
MET SD  CE   sing N N 288 
MET CE  HE1  sing N N 289 
MET CE  HE2  sing N N 290 
MET CE  HE3  sing N N 291 
MET OXT HXT  sing N N 292 
PHE N   CA   sing N N 293 
PHE N   H    sing N N 294 
PHE N   H2   sing N N 295 
PHE CA  C    sing N N 296 
PHE CA  CB   sing N N 297 
PHE CA  HA   sing N N 298 
PHE C   O    doub N N 299 
PHE C   OXT  sing N N 300 
PHE CB  CG   sing N N 301 
PHE CB  HB2  sing N N 302 
PHE CB  HB3  sing N N 303 
PHE CG  CD1  doub Y N 304 
PHE CG  CD2  sing Y N 305 
PHE CD1 CE1  sing Y N 306 
PHE CD1 HD1  sing N N 307 
PHE CD2 CE2  doub Y N 308 
PHE CD2 HD2  sing N N 309 
PHE CE1 CZ   doub Y N 310 
PHE CE1 HE1  sing N N 311 
PHE CE2 CZ   sing Y N 312 
PHE CE2 HE2  sing N N 313 
PHE CZ  HZ   sing N N 314 
PHE OXT HXT  sing N N 315 
PRO N   CA   sing N N 316 
PRO N   CD   sing N N 317 
PRO N   H    sing N N 318 
PRO CA  C    sing N N 319 
PRO CA  CB   sing N N 320 
PRO CA  HA   sing N N 321 
PRO C   O    doub N N 322 
PRO C   OXT  sing N N 323 
PRO CB  CG   sing N N 324 
PRO CB  HB2  sing N N 325 
PRO CB  HB3  sing N N 326 
PRO CG  CD   sing N N 327 
PRO CG  HG2  sing N N 328 
PRO CG  HG3  sing N N 329 
PRO CD  HD2  sing N N 330 
PRO CD  HD3  sing N N 331 
PRO OXT HXT  sing N N 332 
SER N   CA   sing N N 333 
SER N   H    sing N N 334 
SER N   H2   sing N N 335 
SER CA  C    sing N N 336 
SER CA  CB   sing N N 337 
SER CA  HA   sing N N 338 
SER C   O    doub N N 339 
SER C   OXT  sing N N 340 
SER CB  OG   sing N N 341 
SER CB  HB2  sing N N 342 
SER CB  HB3  sing N N 343 
SER OG  HG   sing N N 344 
SER OXT HXT  sing N N 345 
THR N   CA   sing N N 346 
THR N   H    sing N N 347 
THR N   H2   sing N N 348 
THR CA  C    sing N N 349 
THR CA  CB   sing N N 350 
THR CA  HA   sing N N 351 
THR C   O    doub N N 352 
THR C   OXT  sing N N 353 
THR CB  OG1  sing N N 354 
THR CB  CG2  sing N N 355 
THR CB  HB   sing N N 356 
THR OG1 HG1  sing N N 357 
THR CG2 HG21 sing N N 358 
THR CG2 HG22 sing N N 359 
THR CG2 HG23 sing N N 360 
THR OXT HXT  sing N N 361 
TRP N   CA   sing N N 362 
TRP N   H    sing N N 363 
TRP N   H2   sing N N 364 
TRP CA  C    sing N N 365 
TRP CA  CB   sing N N 366 
TRP CA  HA   sing N N 367 
TRP C   O    doub N N 368 
TRP C   OXT  sing N N 369 
TRP CB  CG   sing N N 370 
TRP CB  HB2  sing N N 371 
TRP CB  HB3  sing N N 372 
TRP CG  CD1  doub Y N 373 
TRP CG  CD2  sing Y N 374 
TRP CD1 NE1  sing Y N 375 
TRP CD1 HD1  sing N N 376 
TRP CD2 CE2  doub Y N 377 
TRP CD2 CE3  sing Y N 378 
TRP NE1 CE2  sing Y N 379 
TRP NE1 HE1  sing N N 380 
TRP CE2 CZ2  sing Y N 381 
TRP CE3 CZ3  doub Y N 382 
TRP CE3 HE3  sing N N 383 
TRP CZ2 CH2  doub Y N 384 
TRP CZ2 HZ2  sing N N 385 
TRP CZ3 CH2  sing Y N 386 
TRP CZ3 HZ3  sing N N 387 
TRP CH2 HH2  sing N N 388 
TRP OXT HXT  sing N N 389 
TYR N   CA   sing N N 390 
TYR N   H    sing N N 391 
TYR N   H2   sing N N 392 
TYR CA  C    sing N N 393 
TYR CA  CB   sing N N 394 
TYR CA  HA   sing N N 395 
TYR C   O    doub N N 396 
TYR C   OXT  sing N N 397 
TYR CB  CG   sing N N 398 
TYR CB  HB2  sing N N 399 
TYR CB  HB3  sing N N 400 
TYR CG  CD1  doub Y N 401 
TYR CG  CD2  sing Y N 402 
TYR CD1 CE1  sing Y N 403 
TYR CD1 HD1  sing N N 404 
TYR CD2 CE2  doub Y N 405 
TYR CD2 HD2  sing N N 406 
TYR CE1 CZ   doub Y N 407 
TYR CE1 HE1  sing N N 408 
TYR CE2 CZ   sing Y N 409 
TYR CE2 HE2  sing N N 410 
TYR CZ  OH   sing N N 411 
TYR OH  HH   sing N N 412 
TYR OXT HXT  sing N N 413 
VAL N   CA   sing N N 414 
VAL N   H    sing N N 415 
VAL N   H2   sing N N 416 
VAL CA  C    sing N N 417 
VAL CA  CB   sing N N 418 
VAL CA  HA   sing N N 419 
VAL C   O    doub N N 420 
VAL C   OXT  sing N N 421 
VAL CB  CG1  sing N N 422 
VAL CB  CG2  sing N N 423 
VAL CB  HB   sing N N 424 
VAL CG1 HG11 sing N N 425 
VAL CG1 HG12 sing N N 426 
VAL CG1 HG13 sing N N 427 
VAL CG2 HG21 sing N N 428 
VAL CG2 HG22 sing N N 429 
VAL CG2 HG23 sing N N 430 
VAL OXT HXT  sing N N 431 
# 
loop_
_pdbx_entity_nonpoly.entity_id 
_pdbx_entity_nonpoly.name 
_pdbx_entity_nonpoly.comp_id 
2 '3-(5-cyclopropyl-2,3-diphenyl-1H-indol-1-yl)propanoic acid' 57P 
3 water                                                        HOH 
# 
_pdbx_initial_refinement_model.id               1 
_pdbx_initial_refinement_model.entity_id_list   ? 
_pdbx_initial_refinement_model.type             'experimental model' 
_pdbx_initial_refinement_model.source_name      PDB 
_pdbx_initial_refinement_model.accession_code   2HNX 
_pdbx_initial_refinement_model.details          ? 
# 
